data_7PEU
#
_entry.id   7PEU
#
_cell.length_a   1.00
_cell.length_b   1.00
_cell.length_c   1.00
_cell.angle_alpha   90.00
_cell.angle_beta   90.00
_cell.angle_gamma   90.00
#
_symmetry.space_group_name_H-M   'P 1'
#
loop_
_entity.id
_entity.type
_entity.pdbx_description
1 polymer 'Histone H3.2'
2 polymer 'Histone H4'
3 polymer 'Histone H2A type 1-B/E'
4 polymer 'Histone H2B type 1-K'
5 polymer 'Histone H1.4'
6 polymer 'DNA (522-MER)'
7 polymer 'DNA (522-MER)'
#
loop_
_entity_poly.entity_id
_entity_poly.type
_entity_poly.pdbx_seq_one_letter_code
_entity_poly.pdbx_strand_id
1 'polypeptide(L)'
;MARTKQTARKSTGGKAPRKQLATKAARKSAPATGGVKKPHRYRPGTVALREIRRYQKSTELLIRKLPFQRLVREIAQDFK
TDLRFQSSAVMALQEASEAYLVGLFEDTNLAAIHAKRVTIMPKDIQLARRIRGERA
;
A,E,a,e,K,O
2 'polypeptide(L)'
;MSGRGKGGKGLGKGGAKRHRKVLRDNIQGITKPAIRRLARRGGVKRISGLIYEETRGVLKVFLENVIRDAVTYTEHAKRK
TVTAMDVVYALKRQGRTLYGFGG
;
B,F,b,f,L,P
3 'polypeptide(L)'
;HHHHHHENLYFQSNAPWMSGRGKQGGKARAKAKTRSSRAGLQFPVGRVHRLLRKGNYSERVGAGAPVYLAAVLEYLTAEI
LELAGNAARDNKKTRIIPRHLQLAIRNDEELNKLLGRVTIAQGGVLPNIQAVLLPKKTESHHKAKGK
;
C,G,c,g,M,Q
4 'polypeptide(L)'
;MPEPAKSAPAPKKGSKKAVTKAQKKDGKKRKRSRKESYSVYVYKVLKQVHPDTGISSKAMGIMNSFVNDIFERIAGEASR
LAHYNKRSTITSREIQTAVRLLLPGELAKHAVSEGTKAVTKYTSAK
;
D,H,d,h,N,R
5 'polypeptide(L)'
;SETAPAAPAAPAPAEKTPVKKKARKSAGAAKRKASGPPVSELITKAVAASKERSGVSLAALKKALAAAGYDVEKNNSRIK
LGLKSLVSKGTLVQTKGTGASGSFKLNKKAASGEAKPKAKKAGAAKAKKPAGAAKKPKKATGAATPKKSAKKTPKKAKKP
AAAAGAKKAKSPKKAKAAKPKKAPKSPAKAKAVKPKAAKPKTAKPKAAKPKKAAAKKK
;
u
6 'polydeoxyribonucleotide'
;(DA)(DT)(DT)(DC)(DC)(DG)(DG)(DA)(DT)(DC)(DC)(DC)(DC)(DT)(DG)(DG)(DA)(DG)(DA)(DA)
(DT)(DC)(DC)(DC)(DG)(DG)(DT)(DG)(DC)(DC)(DG)(DA)(DG)(DG)(DC)(DC)(DG)(DC)(DT)(DC)
(DA)(DA)(DT)(DT)(DG)(DG)(DT)(DC)(DG)(DT)(DA)(DG)(DA)(DC)(DA)(DG)(DC)(DT)(DC)(DT)
(DA)(DG)(DC)(DA)(DC)(DC)(DG)(DC)(DT)(DT)(DA)(DA)(DA)(DC)(DG)(DC)(DA)(DC)(DG)(DT)
(DA)(DC)(DG)(DC)(DG)(DC)(DT)(DG)(DT)(DC)(DC)(DC)(DC)(DC)(DG)(DC)(DG)(DT)(DT)(DT)
(DT)(DA)(DA)(DC)(DC)(DG)(DC)(DC)(DA)(DA)(DG)(DG)(DG)(DG)(DA)(DT)(DT)(DA)(DC)(DT)
(DC)(DC)(DC)(DT)(DA)(DG)(DT)(DC)(DT)(DC)(DC)(DA)(DG)(DG)(DC)(DA)(DC)(DG)(DT)(DG)
(DT)(DC)(DA)(DC)(DA)(DT)(DA)(DT)(DA)(DT)(DA)(DC)(DA)(DT)(DC)(DC)(DT)(DG)(DT)(DT)
(DC)(DA)(DC)(DG)(DT)(DG)(DC)(DC)(DG)(DG)(DA)(DC)(DC)(DC)(DG)(DA)(DG)(DC)(DA)(DT)
(DC)(DC)(DG)(DG)(DA)(DT)(DC)(DC)(DC)(DC)(DT)(DG)(DG)(DA)(DG)(DA)(DA)(DT)(DC)(DC)
(DC)(DG)(DG)(DT)(DG)(DC)(DC)(DG)(DA)(DG)(DG)(DC)(DC)(DG)(DC)(DT)(DC)(DA)(DA)(DT)
(DT)(DG)(DG)(DT)(DC)(DG)(DT)(DA)(DG)(DA)(DC)(DA)(DG)(DC)(DT)(DC)(DT)(DA)(DG)(DC)
(DA)(DC)(DC)(DG)(DC)(DT)(DT)(DA)(DA)(DA)(DC)(DG)(DC)(DA)(DC)(DG)(DT)(DA)(DC)(DG)
(DC)(DG)(DC)(DT)(DG)(DT)(DC)(DC)(DC)(DC)(DC)(DG)(DC)(DG)(DT)(DT)(DT)(DT)(DA)(DA)
(DC)(DC)(DG)(DC)(DC)(DA)(DA)(DG)(DG)(DG)(DG)(DA)(DT)(DT)(DA)(DC)(DT)(DC)(DC)(DC)
(DT)(DA)(DG)(DT)(DC)(DT)(DC)(DC)(DA)(DG)(DG)(DC)(DA)(DC)(DG)(DT)(DG)(DT)(DC)(DA)
(DC)(DA)(DT)(DA)(DT)(DA)(DT)(DA)(DC)(DA)(DT)(DC)(DC)(DT)(DG)(DT)(DT)(DC)(DC)(DA)
(DG)(DT)(DG)(DC)(DC)(DG)(DG)(DA)(DC)(DC)(DC)(DG)(DA)(DG)(DC)(DA)(DT)(DC)(DC)(DA)
(DC)(DA)(DT)(DC)(DC)(DC)(DC)(DT)(DG)(DG)(DA)(DG)(DA)(DA)(DT)(DC)(DC)(DC)(DG)(DG)
(DT)(DG)(DC)(DC)(DG)(DA)(DG)(DG)(DC)(DC)(DG)(DC)(DT)(DC)(DA)(DA)(DT)(DT)(DG)(DG)
(DT)(DC)(DG)(DT)(DA)(DG)(DA)(DC)(DA)(DG)(DC)(DT)(DC)(DT)(DA)(DG)(DC)(DA)(DC)(DC)
(DG)(DC)(DT)(DT)(DA)(DA)(DA)(DC)(DG)(DC)(DA)(DC)(DG)(DT)(DA)(DC)(DG)(DC)(DG)(DC)
(DT)(DG)(DT)(DC)(DC)(DC)(DC)(DC)(DG)(DC)(DG)(DT)(DT)(DT)(DT)(DA)(DA)(DC)(DC)(DG)
(DC)(DC)(DA)(DA)(DG)(DG)(DG)(DG)(DA)(DT)(DT)(DA)(DC)(DT)(DC)(DC)(DC)(DT)(DA)(DG)
(DT)(DC)(DT)(DC)(DC)(DA)(DG)(DG)(DC)(DA)(DC)(DG)(DT)(DG)(DT)(DC)(DA)(DC)(DA)(DT)
(DA)(DT)(DA)(DT)(DA)(DC)(DA)(DT)(DC)(DC)(DT)(DG)(DT)(DT)(DC)(DC)(DA)(DG)(DT)(DG)
(DC)(DC)
;
I
7 'polydeoxyribonucleotide'
;(DG)(DG)(DC)(DA)(DC)(DT)(DG)(DG)(DA)(DA)(DC)(DA)(DG)(DG)(DA)(DT)(DG)(DT)(DA)(DT)
(DA)(DT)(DA)(DT)(DG)(DT)(DG)(DA)(DC)(DA)(DC)(DG)(DT)(DG)(DC)(DC)(DT)(DG)(DG)(DA)
(DG)(DA)(DC)(DT)(DA)(DG)(DG)(DG)(DA)(DG)(DT)(DA)(DA)(DT)(DC)(DC)(DC)(DC)(DT)(DT)
(DG)(DG)(DC)(DG)(DG)(DT)(DT)(DA)(DA)(DA)(DA)(DC)(DG)(DC)(DG)(DG)(DG)(DG)(DG)(DA)
(DC)(DA)(DG)(DC)(DG)(DC)(DG)(DT)(DA)(DC)(DG)(DT)(DG)(DC)(DG)(DT)(DT)(DT)(DA)(DA)
(DG)(DC)(DG)(DG)(DT)(DG)(DC)(DT)(DA)(DG)(DA)(DG)(DC)(DT)(DG)(DT)(DC)(DT)(DA)(DC)
(DG)(DA)(DC)(DC)(DA)(DA)(DT)(DT)(DG)(DA)(DG)(DC)(DG)(DG)(DC)(DC)(DT)(DC)(DG)(DG)
(DC)(DA)(DC)(DC)(DG)(DG)(DG)(DA)(DT)(DT)(DC)(DT)(DC)(DC)(DA)(DG)(DG)(DG)(DG)(DA)
(DT)(DG)(DT)(DG)(DG)(DA)(DT)(DG)(DC)(DT)(DC)(DG)(DG)(DG)(DT)(DC)(DC)(DG)(DG)(DC)
(DA)(DC)(DT)(DG)(DG)(DA)(DA)(DC)(DA)(DG)(DG)(DA)(DT)(DG)(DT)(DA)(DT)(DA)(DT)(DA)
(DT)(DG)(DT)(DG)(DA)(DC)(DA)(DC)(DG)(DT)(DG)(DC)(DC)(DT)(DG)(DG)(DA)(DG)(DA)(DC)
(DT)(DA)(DG)(DG)(DG)(DA)(DG)(DT)(DA)(DA)(DT)(DC)(DC)(DC)(DC)(DT)(DT)(DG)(DG)(DC)
(DG)(DG)(DT)(DT)(DA)(DA)(DA)(DA)(DC)(DG)(DC)(DG)(DG)(DG)(DG)(DG)(DA)(DC)(DA)(DG)
(DC)(DG)(DC)(DG)(DT)(DA)(DC)(DG)(DT)(DG)(DC)(DG)(DT)(DT)(DT)(DA)(DA)(DG)(DC)(DG)
(DG)(DT)(DG)(DC)(DT)(DA)(DG)(DA)(DG)(DC)(DT)(DG)(DT)(DC)(DT)(DA)(DC)(DG)(DA)(DC)
(DC)(DA)(DA)(DT)(DT)(DG)(DA)(DG)(DC)(DG)(DG)(DC)(DC)(DT)(DC)(DG)(DG)(DC)(DA)(DC)
(DC)(DG)(DG)(DG)(DA)(DT)(DT)(DC)(DT)(DC)(DC)(DA)(DG)(DG)(DG)(DG)(DA)(DT)(DC)(DC)
(DG)(DG)(DA)(DT)(DG)(DC)(DT)(DC)(DG)(DG)(DG)(DT)(DC)(DC)(DG)(DG)(DC)(DA)(DC)(DG)
(DT)(DG)(DA)(DA)(DC)(DA)(DG)(DG)(DA)(DT)(DG)(DT)(DA)(DT)(DA)(DT)(DA)(DT)(DG)(DT)
(DG)(DA)(DC)(DA)(DC)(DG)(DT)(DG)(DC)(DC)(DT)(DG)(DG)(DA)(DG)(DA)(DC)(DT)(DA)(DG)
(DG)(DG)(DA)(DG)(DT)(DA)(DA)(DT)(DC)(DC)(DC)(DC)(DT)(DT)(DG)(DG)(DC)(DG)(DG)(DT)
(DT)(DA)(DA)(DA)(DA)(DC)(DG)(DC)(DG)(DG)(DG)(DG)(DG)(DA)(DC)(DA)(DG)(DC)(DG)(DC)
(DG)(DT)(DA)(DC)(DG)(DT)(DG)(DC)(DG)(DT)(DT)(DT)(DA)(DA)(DG)(DC)(DG)(DG)(DT)(DG)
(DC)(DT)(DA)(DG)(DA)(DG)(DC)(DT)(DG)(DT)(DC)(DT)(DA)(DC)(DG)(DA)(DC)(DC)(DA)(DA)
(DT)(DT)(DG)(DA)(DG)(DC)(DG)(DG)(DC)(DC)(DT)(DC)(DG)(DG)(DC)(DA)(DC)(DC)(DG)(DG)
(DG)(DA)(DT)(DT)(DC)(DT)(DC)(DC)(DA)(DG)(DG)(DG)(DG)(DA)(DT)(DC)(DC)(DG)(DG)(DA)
;
J
#
# COMPACT_ATOMS: atom_id res chain seq x y z
N LYS A 38 30.69 19.42 28.32
CA LYS A 38 31.06 18.01 28.19
C LYS A 38 32.16 17.92 27.14
N PRO A 39 33.23 17.18 27.45
CA PRO A 39 34.40 17.17 26.57
C PRO A 39 34.14 16.47 25.25
N HIS A 40 34.96 16.82 24.26
CA HIS A 40 34.89 16.19 22.95
C HIS A 40 35.29 14.72 23.03
N ARG A 41 34.64 13.90 22.20
CA ARG A 41 35.02 12.51 22.05
C ARG A 41 34.58 12.05 20.68
N TYR A 42 35.54 11.63 19.85
CA TYR A 42 35.22 11.13 18.52
C TYR A 42 34.52 9.79 18.58
N ARG A 43 33.67 9.53 17.59
CA ARG A 43 33.06 8.21 17.45
C ARG A 43 34.10 7.19 17.02
N PRO A 44 33.87 5.90 17.31
CA PRO A 44 34.83 4.87 16.91
C PRO A 44 35.03 4.80 15.40
N GLY A 45 36.29 4.64 15.00
CA GLY A 45 36.66 4.53 13.61
C GLY A 45 37.13 5.81 12.96
N THR A 46 36.67 6.96 13.46
CA THR A 46 37.08 8.23 12.88
C THR A 46 38.57 8.49 13.11
N VAL A 47 39.00 8.35 14.36
CA VAL A 47 40.42 8.47 14.69
C VAL A 47 41.22 7.41 13.95
N ALA A 48 40.68 6.19 13.89
CA ALA A 48 41.37 5.09 13.20
C ALA A 48 41.59 5.42 11.74
N LEU A 49 40.58 5.97 11.08
CA LEU A 49 40.74 6.40 9.69
C LEU A 49 41.75 7.52 9.57
N ARG A 50 41.80 8.41 10.58
CA ARG A 50 42.77 9.49 10.55
C ARG A 50 44.21 8.98 10.62
N GLU A 51 44.49 8.03 11.52
CA GLU A 51 45.84 7.49 11.52
C GLU A 51 46.08 6.56 10.34
N ILE A 52 45.02 6.01 9.75
CA ILE A 52 45.18 5.26 8.50
C ILE A 52 45.73 6.18 7.41
N ARG A 53 45.11 7.35 7.27
CA ARG A 53 45.58 8.33 6.29
C ARG A 53 46.98 8.82 6.65
N ARG A 54 47.24 9.03 7.94
CA ARG A 54 48.53 9.52 8.39
C ARG A 54 49.65 8.53 8.07
N TYR A 55 49.47 7.27 8.44
CA TYR A 55 50.53 6.29 8.23
C TYR A 55 50.64 5.86 6.78
N GLN A 56 49.55 5.92 6.00
CA GLN A 56 49.69 5.73 4.57
C GLN A 56 50.45 6.86 3.92
N LYS A 57 50.26 8.10 4.38
CA LYS A 57 51.05 9.21 3.85
C LYS A 57 52.50 9.10 4.28
N SER A 58 52.75 8.75 5.53
CA SER A 58 54.10 8.68 6.04
C SER A 58 54.79 7.40 5.60
N THR A 59 56.12 7.38 5.71
CA THR A 59 56.91 6.21 5.39
C THR A 59 57.78 5.73 6.54
N GLU A 60 57.80 6.43 7.66
CA GLU A 60 58.77 6.15 8.72
C GLU A 60 58.44 4.84 9.43
N LEU A 61 59.47 4.26 10.05
CA LEU A 61 59.36 2.91 10.59
C LEU A 61 58.51 2.88 11.85
N LEU A 62 57.56 1.96 11.87
CA LEU A 62 56.57 1.88 12.93
C LEU A 62 57.03 1.05 14.11
N ILE A 63 58.14 0.36 13.99
CA ILE A 63 58.69 -0.46 15.06
C ILE A 63 59.85 0.29 15.71
N ARG A 64 59.87 0.30 17.04
CA ARG A 64 60.98 0.87 17.78
C ARG A 64 62.26 0.09 17.48
N LYS A 65 63.35 0.81 17.25
CA LYS A 65 64.56 0.16 16.74
C LYS A 65 65.25 -0.68 17.80
N LEU A 66 65.38 -0.16 19.03
CA LEU A 66 66.15 -0.85 20.05
C LEU A 66 65.56 -2.21 20.46
N PRO A 67 64.27 -2.33 20.82
CA PRO A 67 63.77 -3.68 21.15
C PRO A 67 63.74 -4.61 19.95
N PHE A 68 63.58 -4.06 18.75
CA PHE A 68 63.55 -4.90 17.57
C PHE A 68 64.92 -5.51 17.29
N GLN A 69 65.97 -4.69 17.38
CA GLN A 69 67.32 -5.23 17.19
C GLN A 69 67.71 -6.14 18.33
N ARG A 70 67.17 -5.88 19.54
CA ARG A 70 67.40 -6.78 20.65
C ARG A 70 66.79 -8.15 20.38
N LEU A 71 65.57 -8.18 19.84
CA LEU A 71 64.94 -9.44 19.48
C LEU A 71 65.68 -10.12 18.34
N VAL A 72 66.21 -9.34 17.40
CA VAL A 72 66.96 -9.91 16.28
C VAL A 72 68.23 -10.59 16.79
N ARG A 73 68.95 -9.92 17.69
CA ARG A 73 70.14 -10.52 18.31
C ARG A 73 69.76 -11.77 19.10
N GLU A 74 68.64 -11.72 19.82
CA GLU A 74 68.19 -12.84 20.63
C GLU A 74 67.90 -14.08 19.78
N ILE A 75 67.16 -13.90 18.69
CA ILE A 75 66.82 -15.03 17.83
C ILE A 75 68.06 -15.52 17.09
N ALA A 76 68.91 -14.60 16.63
CA ALA A 76 70.11 -15.00 15.92
C ALA A 76 71.09 -15.73 16.80
N GLN A 77 71.04 -15.48 18.11
CA GLN A 77 71.90 -16.19 19.06
C GLN A 77 71.58 -17.68 19.09
N ASP A 78 70.32 -18.05 18.87
CA ASP A 78 69.93 -19.46 18.87
C ASP A 78 70.50 -20.23 17.69
N PHE A 79 70.95 -19.55 16.63
CA PHE A 79 71.53 -20.23 15.49
C PHE A 79 73.05 -20.23 15.52
N LYS A 80 73.65 -19.17 16.06
CA LYS A 80 75.10 -19.06 16.15
C LYS A 80 75.45 -18.10 17.27
N THR A 81 76.46 -18.44 18.05
CA THR A 81 76.91 -17.58 19.12
C THR A 81 77.84 -16.50 18.58
N ASP A 82 78.03 -15.45 19.39
CA ASP A 82 78.94 -14.34 19.14
C ASP A 82 78.64 -13.62 17.82
N LEU A 83 77.38 -13.40 17.50
CA LEU A 83 77.05 -12.69 16.27
C LEU A 83 77.06 -11.18 16.49
N ARG A 84 77.57 -10.47 15.51
CA ARG A 84 77.56 -9.01 15.49
C ARG A 84 76.78 -8.55 14.27
N PHE A 85 76.25 -7.34 14.35
CA PHE A 85 75.31 -6.85 13.34
C PHE A 85 75.74 -5.50 12.82
N GLN A 86 75.82 -5.38 11.50
CA GLN A 86 75.82 -4.06 10.89
C GLN A 86 74.44 -3.44 11.09
N SER A 87 74.42 -2.14 11.39
CA SER A 87 73.15 -1.48 11.67
C SER A 87 72.25 -1.46 10.44
N SER A 88 72.84 -1.20 9.27
CA SER A 88 72.07 -1.16 8.03
C SER A 88 71.46 -2.52 7.71
N ALA A 89 72.10 -3.60 8.15
CA ALA A 89 71.49 -4.92 8.07
C ALA A 89 70.22 -4.98 8.90
N VAL A 90 70.27 -4.42 10.11
CA VAL A 90 69.11 -4.44 10.99
C VAL A 90 67.98 -3.62 10.40
N MET A 91 68.29 -2.46 9.83
CA MET A 91 67.24 -1.70 9.15
C MET A 91 66.75 -2.40 7.88
N ALA A 92 67.63 -3.05 7.13
CA ALA A 92 67.17 -3.73 5.92
C ALA A 92 66.18 -4.84 6.26
N LEU A 93 66.50 -5.66 7.26
CA LEU A 93 65.55 -6.66 7.69
C LEU A 93 64.39 -6.04 8.45
N GLN A 94 64.55 -4.81 8.95
CA GLN A 94 63.41 -4.06 9.47
C GLN A 94 62.35 -3.83 8.39
N GLU A 95 62.66 -3.05 7.34
CA GLU A 95 61.65 -2.89 6.27
C GLU A 95 61.25 -4.20 5.61
N ALA A 96 62.10 -5.24 5.68
CA ALA A 96 61.60 -6.57 5.35
C ALA A 96 60.45 -6.98 6.28
N SER A 97 60.60 -6.70 7.58
CA SER A 97 59.56 -7.06 8.54
C SER A 97 58.29 -6.25 8.31
N GLU A 98 58.41 -4.92 8.14
CA GLU A 98 57.19 -4.16 7.87
C GLU A 98 56.59 -4.52 6.52
N ALA A 99 57.40 -4.90 5.54
CA ALA A 99 56.85 -5.29 4.24
C ALA A 99 56.02 -6.55 4.36
N TYR A 100 56.58 -7.58 5.00
CA TYR A 100 55.87 -8.84 5.15
C TYR A 100 54.61 -8.66 5.99
N LEU A 101 54.74 -7.90 7.10
CA LEU A 101 53.57 -7.63 7.94
C LEU A 101 52.50 -6.86 7.19
N VAL A 102 52.86 -5.79 6.49
CA VAL A 102 51.84 -4.96 5.88
C VAL A 102 51.15 -5.73 4.77
N GLY A 103 51.90 -6.58 4.06
CA GLY A 103 51.31 -7.40 3.01
C GLY A 103 50.30 -8.39 3.56
N LEU A 104 50.65 -9.07 4.66
CA LEU A 104 49.66 -9.88 5.33
C LEU A 104 48.50 -9.06 5.85
N PHE A 105 48.70 -7.77 6.11
CA PHE A 105 47.58 -6.98 6.60
C PHE A 105 46.60 -6.57 5.49
N GLU A 106 47.06 -6.26 4.26
CA GLU A 106 46.02 -6.03 3.26
C GLU A 106 45.39 -7.34 2.84
N ASP A 107 46.15 -8.44 2.89
CA ASP A 107 45.55 -9.75 2.66
C ASP A 107 44.47 -10.04 3.69
N THR A 108 44.74 -9.71 4.95
CA THR A 108 43.79 -9.93 6.02
C THR A 108 42.61 -9.00 5.88
N ASN A 109 42.85 -7.78 5.41
CA ASN A 109 41.75 -6.83 5.15
C ASN A 109 40.82 -7.35 4.07
N LEU A 110 41.39 -7.89 2.98
CA LEU A 110 40.58 -8.46 1.92
C LEU A 110 39.78 -9.65 2.42
N ALA A 111 40.41 -10.49 3.23
CA ALA A 111 39.69 -11.61 3.83
C ALA A 111 38.57 -11.15 4.74
N ALA A 112 38.80 -10.09 5.51
CA ALA A 112 37.81 -9.63 6.47
C ALA A 112 36.62 -8.97 5.79
N ILE A 113 36.89 -8.15 4.76
CA ILE A 113 35.79 -7.53 4.04
C ILE A 113 35.07 -8.57 3.20
N HIS A 114 35.76 -9.67 2.88
CA HIS A 114 35.11 -10.74 2.14
C HIS A 114 34.08 -11.46 2.99
N ALA A 115 34.30 -11.50 4.30
CA ALA A 115 33.33 -12.08 5.21
C ALA A 115 32.33 -11.05 5.73
N LYS A 116 32.19 -9.93 5.03
CA LYS A 116 31.27 -8.85 5.35
C LYS A 116 31.53 -8.25 6.74
N ARG A 117 32.76 -8.35 7.22
CA ARG A 117 33.14 -7.86 8.53
C ARG A 117 34.19 -6.77 8.43
N VAL A 118 34.41 -6.07 9.53
CA VAL A 118 35.38 -4.99 9.61
C VAL A 118 36.48 -5.29 10.62
N THR A 119 36.36 -6.36 11.39
CA THR A 119 37.33 -6.69 12.42
C THR A 119 38.00 -8.02 12.08
N ILE A 120 39.33 -8.03 12.13
CA ILE A 120 40.08 -9.23 11.77
C ILE A 120 40.23 -10.14 12.98
N MET A 121 40.35 -11.44 12.73
CA MET A 121 40.52 -12.49 13.73
C MET A 121 41.67 -13.38 13.30
N PRO A 122 42.24 -14.17 14.22
CA PRO A 122 43.43 -14.99 13.84
C PRO A 122 43.19 -15.96 12.70
N LYS A 123 41.96 -16.45 12.52
CA LYS A 123 41.67 -17.31 11.38
C LYS A 123 41.82 -16.57 10.07
N ASP A 124 41.65 -15.24 10.07
CA ASP A 124 41.87 -14.46 8.86
C ASP A 124 43.34 -14.50 8.44
N ILE A 125 44.25 -14.29 9.39
CA ILE A 125 45.68 -14.31 9.08
C ILE A 125 46.12 -15.72 8.70
N GLN A 126 45.60 -16.73 9.41
CA GLN A 126 45.92 -18.11 9.05
C GLN A 126 45.41 -18.46 7.66
N LEU A 127 44.23 -17.95 7.30
CA LEU A 127 43.71 -18.13 5.95
C LEU A 127 44.63 -17.48 4.93
N ALA A 128 45.05 -16.24 5.19
CA ALA A 128 45.87 -15.50 4.24
C ALA A 128 47.21 -16.19 4.04
N ARG A 129 47.81 -16.67 5.14
CA ARG A 129 49.07 -17.40 5.04
C ARG A 129 48.90 -18.71 4.29
N ARG A 130 47.81 -19.44 4.55
CA ARG A 130 47.65 -20.74 3.94
C ARG A 130 47.33 -20.60 2.45
N ILE A 131 46.66 -19.52 2.06
CA ILE A 131 46.48 -19.25 0.64
C ILE A 131 47.81 -18.87 0.02
N ARG A 132 48.59 -18.03 0.70
CA ARG A 132 49.92 -17.71 0.21
C ARG A 132 50.87 -18.90 0.27
N GLY A 133 50.59 -19.87 1.14
CA GLY A 133 51.34 -21.11 1.10
C GLY A 133 52.59 -21.15 1.95
N GLU A 134 52.52 -20.72 3.21
CA GLU A 134 53.67 -20.79 4.09
C GLU A 134 53.43 -21.74 5.25
N LYS B 21 73.23 -8.49 27.20
CA LYS B 21 73.74 -9.44 26.22
C LYS B 21 72.73 -10.56 25.96
N VAL B 22 72.57 -11.45 26.93
CA VAL B 22 71.71 -12.61 26.77
C VAL B 22 70.31 -12.26 27.29
N LEU B 23 69.29 -12.40 26.43
CA LEU B 23 67.94 -11.96 26.72
C LEU B 23 66.94 -13.09 26.54
N ARG B 24 65.74 -12.92 27.09
CA ARG B 24 64.73 -13.98 27.16
C ARG B 24 63.45 -13.68 26.40
N ASP B 25 62.81 -12.54 26.64
CA ASP B 25 61.38 -12.38 26.38
C ASP B 25 61.11 -11.20 25.44
N ASN B 26 61.86 -11.13 24.35
CA ASN B 26 61.77 -9.98 23.47
C ASN B 26 60.71 -10.12 22.39
N ILE B 27 59.93 -11.20 22.40
CA ILE B 27 58.79 -11.27 21.49
C ILE B 27 57.75 -10.23 21.90
N GLN B 28 57.68 -9.89 23.18
CA GLN B 28 56.87 -8.76 23.61
C GLN B 28 57.54 -7.43 23.31
N GLY B 29 58.79 -7.44 22.86
CA GLY B 29 59.47 -6.22 22.44
C GLY B 29 58.85 -5.53 21.26
N ILE B 30 58.05 -6.24 20.46
CA ILE B 30 57.22 -5.63 19.44
C ILE B 30 55.89 -5.32 20.12
N THR B 31 55.70 -4.05 20.47
CA THR B 31 54.57 -3.67 21.30
C THR B 31 53.26 -3.78 20.54
N LYS B 32 52.18 -3.88 21.32
CA LYS B 32 50.83 -3.91 20.76
C LYS B 32 50.48 -2.67 19.93
N PRO B 33 50.70 -1.42 20.38
CA PRO B 33 50.39 -0.29 19.49
C PRO B 33 51.25 -0.23 18.25
N ALA B 34 52.46 -0.81 18.28
CA ALA B 34 53.24 -0.94 17.06
C ALA B 34 52.53 -1.83 16.05
N ILE B 35 51.94 -2.92 16.53
CA ILE B 35 51.18 -3.80 15.63
C ILE B 35 49.93 -3.08 15.15
N ARG B 36 49.33 -2.24 16.00
CA ARG B 36 48.23 -1.39 15.55
C ARG B 36 48.67 -0.42 14.47
N ARG B 37 49.89 0.11 14.59
CA ARG B 37 50.41 1.00 13.55
C ARG B 37 50.58 0.28 12.22
N LEU B 38 51.12 -0.96 12.26
CA LEU B 38 51.23 -1.74 11.04
C LEU B 38 49.87 -2.06 10.44
N ALA B 39 48.87 -2.33 11.30
CA ALA B 39 47.54 -2.61 10.81
C ALA B 39 46.91 -1.37 10.16
N ARG B 40 47.14 -0.19 10.75
CA ARG B 40 46.65 1.04 10.15
C ARG B 40 47.35 1.34 8.84
N ARG B 41 48.65 1.02 8.74
CA ARG B 41 49.31 1.10 7.45
C ARG B 41 48.75 0.08 6.48
N GLY B 42 48.34 -1.08 6.99
CA GLY B 42 47.64 -2.04 6.16
C GLY B 42 46.19 -1.72 5.90
N GLY B 43 45.67 -0.65 6.50
CA GLY B 43 44.29 -0.28 6.27
C GLY B 43 43.28 -1.02 7.10
N VAL B 44 43.68 -1.59 8.22
CA VAL B 44 42.76 -2.27 9.10
C VAL B 44 42.00 -1.23 9.90
N LYS B 45 40.67 -1.34 9.92
CA LYS B 45 39.87 -0.41 10.67
C LYS B 45 39.69 -0.85 12.11
N ARG B 46 39.45 -2.14 12.35
CA ARG B 46 39.28 -2.65 13.70
C ARG B 46 40.10 -3.93 13.88
N ILE B 47 40.77 -4.03 15.02
CA ILE B 47 41.71 -5.11 15.30
C ILE B 47 41.22 -5.85 16.53
N SER B 48 41.18 -7.18 16.46
CA SER B 48 40.87 -7.95 17.65
C SER B 48 42.06 -7.94 18.61
N GLY B 49 41.76 -8.15 19.89
CA GLY B 49 42.81 -8.18 20.89
C GLY B 49 43.68 -9.41 20.81
N LEU B 50 43.18 -10.48 20.20
CA LEU B 50 43.95 -11.71 20.07
C LEU B 50 45.03 -11.59 19.02
N ILE B 51 44.92 -10.60 18.13
CA ILE B 51 45.68 -10.55 16.88
C ILE B 51 47.17 -10.46 17.13
N TYR B 52 47.57 -9.69 18.14
CA TYR B 52 48.97 -9.35 18.36
C TYR B 52 49.80 -10.59 18.61
N GLU B 53 49.21 -11.62 19.21
CA GLU B 53 49.96 -12.83 19.53
C GLU B 53 50.37 -13.59 18.27
N GLU B 54 49.44 -13.83 17.34
CA GLU B 54 49.83 -14.59 16.16
C GLU B 54 50.65 -13.74 15.21
N THR B 55 50.44 -12.42 15.22
CA THR B 55 51.37 -11.58 14.45
C THR B 55 52.79 -11.64 15.01
N ARG B 56 52.93 -11.70 16.34
CA ARG B 56 54.24 -11.92 16.93
C ARG B 56 54.82 -13.26 16.51
N GLY B 57 53.98 -14.30 16.49
CA GLY B 57 54.46 -15.60 16.06
C GLY B 57 54.88 -15.65 14.59
N VAL B 58 54.07 -15.05 13.72
CA VAL B 58 54.36 -15.02 12.29
C VAL B 58 55.61 -14.19 12.02
N LEU B 59 55.74 -13.05 12.70
CA LEU B 59 56.96 -12.27 12.63
C LEU B 59 58.17 -13.08 13.08
N LYS B 60 58.02 -13.83 14.16
CA LYS B 60 59.13 -14.65 14.66
C LYS B 60 59.54 -15.70 13.65
N VAL B 61 58.55 -16.35 13.02
CA VAL B 61 58.84 -17.38 12.02
C VAL B 61 59.54 -16.78 10.81
N PHE B 62 59.04 -15.62 10.35
CA PHE B 62 59.60 -14.99 9.16
C PHE B 62 61.02 -14.52 9.41
N LEU B 63 61.24 -13.83 10.54
CA LEU B 63 62.58 -13.35 10.85
C LEU B 63 63.50 -14.52 11.12
N GLU B 64 62.97 -15.60 11.70
CA GLU B 64 63.78 -16.79 11.96
C GLU B 64 64.26 -17.42 10.67
N ASN B 65 63.39 -17.52 9.67
CA ASN B 65 63.79 -18.09 8.39
C ASN B 65 64.84 -17.23 7.70
N VAL B 66 64.60 -15.92 7.64
CA VAL B 66 65.54 -15.06 6.93
C VAL B 66 66.86 -14.97 7.69
N ILE B 67 66.82 -15.07 9.02
CA ILE B 67 68.06 -14.94 9.77
C ILE B 67 68.82 -16.25 9.75
N ARG B 68 68.13 -17.39 9.60
CA ARG B 68 68.82 -18.65 9.38
C ARG B 68 69.56 -18.63 8.06
N ASP B 69 68.89 -18.10 7.03
CA ASP B 69 69.56 -17.94 5.74
C ASP B 69 70.74 -16.98 5.85
N ALA B 70 70.55 -15.88 6.59
CA ALA B 70 71.60 -14.88 6.71
C ALA B 70 72.82 -15.42 7.45
N VAL B 71 72.60 -16.13 8.56
CA VAL B 71 73.72 -16.68 9.29
C VAL B 71 74.37 -17.80 8.49
N THR B 72 73.61 -18.49 7.64
CA THR B 72 74.21 -19.45 6.73
C THR B 72 75.16 -18.76 5.75
N TYR B 73 74.72 -17.65 5.16
CA TYR B 73 75.56 -16.91 4.22
C TYR B 73 76.82 -16.38 4.90
N THR B 74 76.67 -15.80 6.09
CA THR B 74 77.82 -15.22 6.78
C THR B 74 78.76 -16.30 7.29
N GLU B 75 78.21 -17.44 7.72
CA GLU B 75 79.04 -18.53 8.19
C GLU B 75 79.85 -19.11 7.04
N HIS B 76 79.25 -19.16 5.84
CA HIS B 76 80.06 -19.48 4.68
C HIS B 76 81.07 -18.39 4.39
N ALA B 77 80.72 -17.14 4.68
CA ALA B 77 81.60 -16.02 4.43
C ALA B 77 82.76 -15.94 5.43
N LYS B 78 82.79 -16.83 6.43
CA LYS B 78 83.80 -16.86 7.49
C LYS B 78 83.82 -15.56 8.28
N ARG B 79 82.65 -14.96 8.49
CA ARG B 79 82.54 -13.72 9.22
C ARG B 79 81.74 -13.91 10.51
N LYS B 80 82.13 -13.16 11.53
CA LYS B 80 81.38 -13.07 12.77
C LYS B 80 80.33 -11.98 12.74
N THR B 81 80.30 -11.18 11.69
CA THR B 81 79.41 -10.02 11.60
C THR B 81 78.40 -10.27 10.50
N VAL B 82 77.13 -10.07 10.82
CA VAL B 82 76.09 -10.15 9.80
C VAL B 82 76.08 -8.86 9.00
N THR B 83 76.23 -8.98 7.69
CA THR B 83 76.23 -7.82 6.81
C THR B 83 74.89 -7.68 6.13
N ALA B 84 74.58 -6.45 5.72
CA ALA B 84 73.34 -6.16 5.01
C ALA B 84 73.30 -6.87 3.67
N MET B 85 74.46 -7.07 3.06
CA MET B 85 74.55 -7.60 1.71
C MET B 85 73.99 -9.02 1.67
N ASP B 86 74.36 -9.82 2.66
CA ASP B 86 73.86 -11.19 2.76
C ASP B 86 72.40 -11.23 3.15
N VAL B 87 71.94 -10.24 3.92
CA VAL B 87 70.52 -10.15 4.22
C VAL B 87 69.73 -9.88 2.95
N VAL B 88 70.27 -9.04 2.06
CA VAL B 88 69.65 -8.80 0.77
C VAL B 88 69.56 -10.10 -0.03
N TYR B 89 70.66 -10.87 -0.04
CA TYR B 89 70.63 -12.18 -0.70
C TYR B 89 69.56 -13.09 -0.11
N ALA B 90 69.48 -13.15 1.22
CA ALA B 90 68.59 -14.08 1.89
C ALA B 90 67.12 -13.72 1.62
N LEU B 91 66.81 -12.43 1.60
CA LEU B 91 65.46 -12.03 1.22
C LEU B 91 65.17 -12.31 -0.24
N LYS B 92 66.11 -12.05 -1.15
CA LYS B 92 65.73 -12.08 -2.55
C LYS B 92 65.69 -13.50 -3.10
N ARG B 93 66.43 -14.42 -2.48
CA ARG B 93 66.27 -15.80 -2.91
C ARG B 93 64.97 -16.37 -2.35
N GLN B 94 64.45 -15.76 -1.29
CA GLN B 94 63.19 -16.13 -0.69
C GLN B 94 62.00 -15.48 -1.40
N GLY B 95 62.26 -14.72 -2.46
CA GLY B 95 61.20 -14.10 -3.22
C GLY B 95 60.66 -12.83 -2.62
N ARG B 96 61.44 -12.18 -1.75
CA ARG B 96 61.04 -10.96 -1.06
C ARG B 96 62.15 -9.92 -1.17
N THR B 97 62.56 -9.65 -2.41
CA THR B 97 63.69 -8.76 -2.70
C THR B 97 63.47 -7.36 -2.13
N LEU B 98 64.55 -6.77 -1.62
CA LEU B 98 64.54 -5.40 -1.14
C LEU B 98 65.52 -4.58 -1.96
N TYR B 99 65.21 -3.32 -2.15
CA TYR B 99 66.08 -2.41 -2.88
C TYR B 99 66.64 -1.35 -1.94
N GLY B 100 67.80 -0.82 -2.30
CA GLY B 100 68.38 0.30 -1.59
C GLY B 100 69.49 -0.03 -0.63
N PHE B 101 70.07 -1.22 -0.68
CA PHE B 101 71.12 -1.59 0.25
C PHE B 101 72.31 -2.16 -0.48
N GLY B 102 72.59 -1.61 -1.65
CA GLY B 102 73.73 -2.04 -2.44
C GLY B 102 73.58 -3.35 -3.17
N GLY B 103 72.40 -3.96 -3.08
CA GLY B 103 72.18 -5.30 -3.63
C GLY B 103 72.27 -5.41 -5.14
N ALA C 28 101.06 -49.36 -19.38
CA ALA C 28 101.42 -49.42 -17.97
C ALA C 28 100.40 -48.65 -17.12
N ARG C 29 99.25 -48.35 -17.71
CA ARG C 29 98.20 -47.65 -17.01
C ARG C 29 97.57 -48.54 -15.95
N ALA C 30 97.07 -47.92 -14.88
CA ALA C 30 96.32 -48.65 -13.88
C ALA C 30 94.96 -49.06 -14.43
N LYS C 31 94.29 -49.95 -13.68
CA LYS C 31 92.94 -50.36 -14.03
C LYS C 31 91.99 -49.17 -13.95
N ALA C 32 91.15 -49.02 -14.98
CA ALA C 32 90.23 -47.89 -15.06
C ALA C 32 89.14 -48.04 -14.01
N LYS C 33 89.30 -47.32 -12.90
CA LYS C 33 88.35 -47.40 -11.80
C LYS C 33 87.47 -46.16 -11.86
N THR C 34 86.34 -46.18 -11.15
CA THR C 34 85.35 -45.12 -11.25
C THR C 34 85.24 -44.37 -9.94
N ARG C 35 84.98 -43.07 -10.06
CA ARG C 35 84.95 -42.20 -8.89
C ARG C 35 83.69 -42.40 -8.07
N SER C 36 82.61 -42.85 -8.70
CA SER C 36 81.40 -43.18 -7.95
C SER C 36 81.65 -44.36 -7.02
N SER C 37 82.37 -45.37 -7.50
CA SER C 37 82.78 -46.46 -6.63
C SER C 37 83.79 -45.99 -5.59
N ARG C 38 84.61 -45.00 -5.94
CA ARG C 38 85.56 -44.43 -4.98
C ARG C 38 84.82 -43.78 -3.82
N ALA C 39 83.72 -43.09 -4.12
CA ALA C 39 82.83 -42.64 -3.06
C ALA C 39 81.96 -43.77 -2.54
N GLY C 40 81.84 -44.87 -3.28
CA GLY C 40 80.91 -45.92 -2.92
C GLY C 40 79.47 -45.56 -3.18
N LEU C 41 79.21 -44.58 -4.03
CA LEU C 41 77.86 -44.17 -4.38
C LEU C 41 77.56 -44.58 -5.81
N GLN C 42 76.27 -44.53 -6.17
CA GLN C 42 75.86 -44.98 -7.49
C GLN C 42 75.70 -43.85 -8.50
N PHE C 43 75.42 -42.63 -8.05
CA PHE C 43 75.26 -41.54 -8.99
C PHE C 43 76.61 -41.16 -9.62
N PRO C 44 76.62 -40.83 -10.91
CA PRO C 44 77.88 -40.67 -11.64
C PRO C 44 78.62 -39.40 -11.22
N VAL C 45 79.86 -39.57 -10.76
CA VAL C 45 80.70 -38.42 -10.47
C VAL C 45 81.12 -37.72 -11.74
N GLY C 46 81.53 -38.48 -12.76
CA GLY C 46 82.02 -37.89 -13.98
C GLY C 46 80.96 -37.14 -14.76
N ARG C 47 79.74 -37.67 -14.80
CA ARG C 47 78.65 -37.01 -15.52
C ARG C 47 78.26 -35.70 -14.84
N VAL C 48 78.13 -35.71 -13.52
CA VAL C 48 77.76 -34.50 -12.79
C VAL C 48 78.89 -33.47 -12.89
N HIS C 49 80.13 -33.94 -12.84
CA HIS C 49 81.29 -33.07 -13.01
C HIS C 49 81.28 -32.42 -14.39
N ARG C 50 80.98 -33.19 -15.43
CA ARG C 50 80.90 -32.66 -16.78
C ARG C 50 79.76 -31.66 -16.92
N LEU C 51 78.63 -31.95 -16.28
CA LEU C 51 77.49 -31.03 -16.35
C LEU C 51 77.79 -29.72 -15.63
N LEU C 52 78.50 -29.78 -14.52
CA LEU C 52 78.90 -28.55 -13.84
C LEU C 52 79.93 -27.78 -14.66
N ARG C 53 80.82 -28.49 -15.36
CA ARG C 53 81.79 -27.82 -16.21
C ARG C 53 81.11 -27.12 -17.38
N LYS C 54 80.09 -27.75 -17.95
CA LYS C 54 79.42 -27.20 -19.12
C LYS C 54 78.14 -26.44 -18.79
N GLY C 55 77.68 -26.50 -17.54
CA GLY C 55 76.52 -25.72 -17.17
C GLY C 55 76.79 -24.28 -16.86
N ASN C 56 78.07 -23.89 -16.89
CA ASN C 56 78.54 -22.53 -16.64
C ASN C 56 78.06 -22.01 -15.28
N TYR C 57 78.55 -22.65 -14.23
CA TYR C 57 78.33 -22.16 -12.87
C TYR C 57 79.61 -21.63 -12.24
N SER C 58 80.76 -22.07 -12.74
CA SER C 58 82.04 -21.45 -12.42
C SER C 58 82.99 -21.76 -13.56
N GLU C 59 84.08 -21.01 -13.62
CA GLU C 59 85.13 -21.35 -14.57
C GLU C 59 86.04 -22.43 -14.02
N ARG C 60 86.02 -22.63 -12.71
CA ARG C 60 86.93 -23.53 -12.03
C ARG C 60 86.10 -24.36 -11.07
N VAL C 61 86.30 -25.68 -11.09
CA VAL C 61 85.46 -26.60 -10.32
C VAL C 61 86.33 -27.46 -9.41
N GLY C 62 85.93 -27.57 -8.15
CA GLY C 62 86.64 -28.41 -7.21
C GLY C 62 86.27 -29.87 -7.35
N ALA C 63 87.13 -30.72 -6.80
CA ALA C 63 86.97 -32.16 -6.99
C ALA C 63 85.85 -32.73 -6.15
N GLY C 64 85.74 -32.31 -4.89
CA GLY C 64 84.81 -32.96 -3.98
C GLY C 64 83.37 -32.56 -4.11
N ALA C 65 83.10 -31.39 -4.68
CA ALA C 65 81.72 -30.90 -4.80
C ALA C 65 80.82 -31.79 -5.65
N PRO C 66 81.21 -32.30 -6.83
CA PRO C 66 80.32 -33.27 -7.49
C PRO C 66 80.09 -34.54 -6.71
N VAL C 67 81.08 -35.00 -5.95
CA VAL C 67 80.89 -36.18 -5.09
C VAL C 67 79.82 -35.89 -4.05
N TYR C 68 79.92 -34.71 -3.42
CA TYR C 68 78.94 -34.28 -2.43
C TYR C 68 77.55 -34.22 -3.05
N LEU C 69 77.45 -33.60 -4.22
CA LEU C 69 76.17 -33.38 -4.88
C LEU C 69 75.54 -34.70 -5.30
N ALA C 70 76.36 -35.62 -5.82
CA ALA C 70 75.87 -36.94 -6.21
C ALA C 70 75.36 -37.70 -5.00
N ALA C 71 76.06 -37.60 -3.88
CA ALA C 71 75.58 -38.28 -2.67
C ALA C 71 74.25 -37.70 -2.20
N VAL C 72 74.13 -36.37 -2.25
CA VAL C 72 72.89 -35.72 -1.83
C VAL C 72 71.73 -36.14 -2.72
N LEU C 73 71.93 -36.08 -4.04
CA LEU C 73 70.87 -36.45 -4.97
C LEU C 73 70.49 -37.92 -4.85
N GLU C 74 71.49 -38.79 -4.65
CA GLU C 74 71.19 -40.21 -4.50
C GLU C 74 70.39 -40.47 -3.24
N TYR C 75 70.69 -39.75 -2.15
CA TYR C 75 69.91 -39.92 -0.94
C TYR C 75 68.50 -39.38 -1.09
N LEU C 76 68.36 -38.26 -1.82
CA LEU C 76 67.04 -37.70 -2.09
C LEU C 76 66.18 -38.67 -2.90
N THR C 77 66.76 -39.23 -3.95
CA THR C 77 66.05 -40.24 -4.74
C THR C 77 65.73 -41.46 -3.91
N ALA C 78 66.66 -41.85 -3.04
CA ALA C 78 66.45 -43.03 -2.20
C ALA C 78 65.27 -42.82 -1.27
N GLU C 79 65.20 -41.67 -0.62
CA GLU C 79 64.13 -41.45 0.36
C GLU C 79 62.78 -41.25 -0.32
N ILE C 80 62.76 -40.59 -1.49
CA ILE C 80 61.51 -40.44 -2.21
C ILE C 80 61.03 -41.78 -2.74
N LEU C 81 61.94 -42.61 -3.24
CA LEU C 81 61.58 -43.94 -3.71
C LEU C 81 61.14 -44.83 -2.56
N GLU C 82 61.72 -44.64 -1.37
CA GLU C 82 61.23 -45.36 -0.19
C GLU C 82 59.80 -44.99 0.12
N LEU C 83 59.49 -43.69 0.11
CA LEU C 83 58.12 -43.26 0.38
C LEU C 83 57.15 -43.76 -0.68
N ALA C 84 57.57 -43.72 -1.95
CA ALA C 84 56.71 -44.19 -3.03
C ALA C 84 56.50 -45.69 -2.97
N GLY C 85 57.55 -46.46 -2.65
CA GLY C 85 57.40 -47.89 -2.54
C GLY C 85 56.54 -48.30 -1.37
N ASN C 86 56.66 -47.58 -0.25
CA ASN C 86 55.80 -47.86 0.89
C ASN C 86 54.33 -47.53 0.57
N ALA C 87 54.10 -46.45 -0.17
CA ALA C 87 52.74 -46.12 -0.59
C ALA C 87 52.20 -47.15 -1.58
N ALA C 88 53.05 -47.63 -2.48
CA ALA C 88 52.62 -48.59 -3.49
C ALA C 88 52.32 -49.94 -2.87
N ARG C 89 53.13 -50.36 -1.89
CA ARG C 89 52.84 -51.58 -1.16
C ARG C 89 51.60 -51.40 -0.29
N ASP C 90 51.38 -50.18 0.21
CA ASP C 90 50.09 -49.88 0.85
C ASP C 90 48.95 -49.94 -0.16
N ASN C 91 49.20 -49.50 -1.39
CA ASN C 91 48.21 -49.57 -2.46
C ASN C 91 48.29 -50.90 -3.21
N LYS C 92 49.01 -51.88 -2.66
CA LYS C 92 49.17 -53.26 -3.16
C LYS C 92 49.56 -53.33 -4.64
N LYS C 93 50.28 -52.32 -5.12
CA LYS C 93 50.85 -52.34 -6.45
C LYS C 93 52.36 -52.50 -6.35
N THR C 94 52.91 -53.41 -7.15
CA THR C 94 54.34 -53.71 -7.06
C THR C 94 55.18 -52.89 -8.02
N ARG C 95 54.58 -51.95 -8.75
CA ARG C 95 55.32 -51.04 -9.60
C ARG C 95 54.90 -49.62 -9.27
N ILE C 96 55.87 -48.72 -9.13
CA ILE C 96 55.55 -47.38 -8.64
C ILE C 96 54.86 -46.58 -9.72
N ILE C 97 53.98 -45.68 -9.29
CA ILE C 97 53.06 -44.95 -10.16
C ILE C 97 53.30 -43.46 -9.91
N PRO C 98 53.08 -42.60 -10.89
CA PRO C 98 53.05 -41.15 -10.62
C PRO C 98 52.09 -40.74 -9.51
N ARG C 99 50.94 -41.42 -9.40
CA ARG C 99 50.03 -41.21 -8.28
C ARG C 99 50.72 -41.50 -6.95
N HIS C 100 51.51 -42.57 -6.90
CA HIS C 100 52.25 -42.90 -5.69
C HIS C 100 53.30 -41.83 -5.38
N LEU C 101 53.96 -41.30 -6.41
CA LEU C 101 54.92 -40.22 -6.19
C LEU C 101 54.25 -38.99 -5.62
N GLN C 102 53.08 -38.62 -6.16
CA GLN C 102 52.35 -37.46 -5.66
C GLN C 102 51.91 -37.67 -4.22
N LEU C 103 51.35 -38.85 -3.92
CA LEU C 103 50.88 -39.12 -2.57
C LEU C 103 52.04 -39.20 -1.59
N ALA C 104 53.22 -39.59 -2.08
CA ALA C 104 54.40 -39.64 -1.23
C ALA C 104 54.90 -38.23 -0.91
N ILE C 105 55.01 -37.37 -1.92
CA ILE C 105 55.64 -36.07 -1.68
C ILE C 105 54.67 -35.12 -0.98
N ARG C 106 53.37 -35.31 -1.19
CA ARG C 106 52.43 -34.42 -0.52
C ARG C 106 52.18 -34.81 0.93
N ASN C 107 52.51 -36.04 1.31
CA ASN C 107 52.29 -36.48 2.68
C ASN C 107 53.52 -36.33 3.57
N ASP C 108 54.65 -35.90 3.02
CA ASP C 108 55.84 -35.59 3.82
C ASP C 108 55.98 -34.08 3.90
N GLU C 109 56.11 -33.56 5.13
CA GLU C 109 56.02 -32.13 5.36
C GLU C 109 57.20 -31.38 4.76
N GLU C 110 58.42 -31.87 4.99
CA GLU C 110 59.60 -31.13 4.54
C GLU C 110 59.80 -31.23 3.04
N LEU C 111 59.45 -32.37 2.45
CA LEU C 111 59.47 -32.46 0.99
C LEU C 111 58.39 -31.58 0.38
N ASN C 112 57.24 -31.48 1.06
CA ASN C 112 56.20 -30.56 0.60
C ASN C 112 56.68 -29.12 0.64
N LYS C 113 57.48 -28.78 1.66
CA LYS C 113 58.12 -27.47 1.68
C LYS C 113 59.11 -27.32 0.53
N LEU C 114 59.82 -28.40 0.20
CA LEU C 114 60.71 -28.35 -0.95
C LEU C 114 59.95 -28.27 -2.27
N LEU C 115 58.86 -29.03 -2.39
CA LEU C 115 58.17 -29.25 -3.65
C LEU C 115 56.75 -28.70 -3.64
N GLY C 116 56.55 -27.52 -3.07
CA GLY C 116 55.22 -26.95 -3.02
C GLY C 116 54.76 -26.37 -4.34
N ARG C 117 55.68 -25.86 -5.14
CA ARG C 117 55.35 -25.12 -6.35
C ARG C 117 55.53 -25.93 -7.61
N VAL C 118 55.53 -27.25 -7.51
CA VAL C 118 55.77 -28.11 -8.66
C VAL C 118 54.53 -28.96 -8.89
N THR C 119 54.32 -29.38 -10.13
CA THR C 119 53.19 -30.24 -10.50
C THR C 119 53.70 -31.58 -10.98
N ILE C 120 53.14 -32.66 -10.44
CA ILE C 120 53.45 -34.00 -10.87
C ILE C 120 52.48 -34.37 -11.99
N ALA C 121 53.02 -34.81 -13.12
CA ALA C 121 52.17 -35.28 -14.22
C ALA C 121 51.40 -36.52 -13.81
N GLN C 122 50.10 -36.54 -14.15
CA GLN C 122 49.19 -37.66 -13.93
C GLN C 122 49.10 -38.00 -12.43
N GLY C 123 49.21 -37.00 -11.55
CA GLY C 123 49.41 -37.29 -10.15
C GLY C 123 48.16 -37.24 -9.30
N GLY C 124 47.22 -36.36 -9.62
CA GLY C 124 46.11 -36.17 -8.70
C GLY C 124 46.55 -35.39 -7.48
N VAL C 125 45.74 -35.45 -6.43
CA VAL C 125 46.00 -34.71 -5.20
C VAL C 125 45.73 -35.61 -4.00
N LEU C 126 45.96 -35.06 -2.82
CA LEU C 126 45.67 -35.77 -1.58
C LEU C 126 44.17 -35.96 -1.42
N PRO C 127 43.73 -37.13 -0.96
CA PRO C 127 42.32 -37.30 -0.56
C PRO C 127 42.05 -36.49 0.69
N ASN C 128 41.21 -35.48 0.56
CA ASN C 128 40.94 -34.55 1.66
C ASN C 128 39.59 -33.91 1.44
N ILE C 129 38.71 -34.04 2.43
CA ILE C 129 37.44 -33.32 2.46
C ILE C 129 37.44 -32.46 3.72
N GLN C 130 36.90 -31.25 3.60
CA GLN C 130 36.84 -30.36 4.75
C GLN C 130 35.75 -30.80 5.71
N ALA C 131 35.95 -30.49 7.00
CA ALA C 131 35.07 -30.99 8.05
C ALA C 131 33.66 -30.43 7.92
N VAL C 132 33.52 -29.15 7.56
CA VAL C 132 32.20 -28.57 7.40
C VAL C 132 31.50 -29.08 6.14
N LEU C 133 32.25 -29.59 5.18
CA LEU C 133 31.64 -30.19 4.01
C LEU C 133 31.03 -31.55 4.30
N LEU C 134 31.50 -32.22 5.35
CA LEU C 134 30.92 -33.50 5.73
C LEU C 134 29.55 -33.31 6.36
N PRO C 135 28.64 -34.25 6.16
CA PRO C 135 27.33 -34.15 6.81
C PRO C 135 27.43 -34.42 8.31
N LYS C 136 26.37 -34.06 9.01
CA LYS C 136 26.30 -34.26 10.45
C LYS C 136 26.22 -35.73 10.82
N LYS D 31 72.41 -45.04 -36.74
CA LYS D 31 71.49 -45.09 -35.62
C LYS D 31 70.93 -43.71 -35.34
N ARG D 32 70.94 -43.34 -34.06
CA ARG D 32 70.54 -42.03 -33.59
C ARG D 32 71.64 -41.51 -32.67
N SER D 33 71.74 -40.18 -32.58
CA SER D 33 72.68 -39.57 -31.64
C SER D 33 72.25 -39.89 -30.22
N ARG D 34 73.22 -40.11 -29.34
CA ARG D 34 72.93 -40.59 -28.00
C ARG D 34 72.27 -39.52 -27.15
N LYS D 35 71.23 -39.91 -26.43
CA LYS D 35 70.47 -39.01 -25.57
C LYS D 35 70.65 -39.48 -24.13
N GLU D 36 71.08 -38.55 -23.28
CA GLU D 36 71.43 -38.88 -21.91
C GLU D 36 70.19 -38.92 -21.03
N SER D 37 70.22 -39.80 -20.02
CA SER D 37 69.18 -39.88 -19.01
C SER D 37 69.75 -40.46 -17.72
N TYR D 38 68.96 -40.35 -16.65
CA TYR D 38 69.30 -40.89 -15.34
C TYR D 38 68.57 -42.17 -14.99
N SER D 39 68.18 -42.97 -15.97
CA SER D 39 67.31 -44.12 -15.69
C SER D 39 68.03 -45.19 -14.89
N VAL D 40 69.23 -45.58 -15.33
CA VAL D 40 69.85 -46.78 -14.79
C VAL D 40 70.37 -46.54 -13.36
N TYR D 41 70.82 -45.32 -13.06
CA TYR D 41 71.29 -45.01 -11.71
C TYR D 41 70.15 -45.09 -10.70
N VAL D 42 69.01 -44.49 -11.04
CA VAL D 42 67.83 -44.58 -10.19
C VAL D 42 67.35 -46.02 -10.12
N TYR D 43 67.62 -46.81 -11.16
CA TYR D 43 67.26 -48.22 -11.11
C TYR D 43 68.10 -48.98 -10.08
N LYS D 44 69.41 -48.70 -10.03
CA LYS D 44 70.20 -49.29 -8.95
C LYS D 44 69.74 -48.79 -7.59
N VAL D 45 69.39 -47.51 -7.50
CA VAL D 45 68.94 -46.94 -6.23
C VAL D 45 67.68 -47.63 -5.74
N LEU D 46 66.74 -47.89 -6.66
CA LEU D 46 65.54 -48.64 -6.31
C LEU D 46 65.88 -50.05 -5.86
N LYS D 47 66.75 -50.73 -6.60
CA LYS D 47 67.11 -52.10 -6.21
C LYS D 47 67.87 -52.15 -4.89
N GLN D 48 68.54 -51.07 -4.50
CA GLN D 48 69.08 -51.01 -3.14
C GLN D 48 67.97 -50.81 -2.12
N VAL D 49 67.02 -49.92 -2.40
CA VAL D 49 66.05 -49.61 -1.36
C VAL D 49 64.88 -50.60 -1.38
N HIS D 50 64.56 -51.15 -2.55
CA HIS D 50 63.47 -52.12 -2.69
C HIS D 50 63.83 -53.03 -3.85
N PRO D 51 64.44 -54.18 -3.58
CA PRO D 51 64.83 -55.08 -4.67
C PRO D 51 63.66 -55.66 -5.45
N ASP D 52 62.46 -55.66 -4.86
CA ASP D 52 61.33 -56.38 -5.40
C ASP D 52 60.50 -55.57 -6.39
N THR D 53 60.46 -54.25 -6.27
CA THR D 53 59.49 -53.45 -7.01
C THR D 53 60.09 -52.85 -8.27
N GLY D 54 59.21 -52.38 -9.16
CA GLY D 54 59.61 -51.80 -10.41
C GLY D 54 59.10 -50.37 -10.58
N ILE D 55 59.42 -49.81 -11.75
CA ILE D 55 59.08 -48.42 -12.06
C ILE D 55 58.30 -48.37 -13.36
N SER D 56 57.42 -47.38 -13.46
CA SER D 56 56.86 -47.01 -14.74
C SER D 56 57.73 -45.95 -15.40
N SER D 57 57.70 -45.92 -16.73
CA SER D 57 58.51 -44.95 -17.46
C SER D 57 58.02 -43.52 -17.23
N LYS D 58 56.72 -43.36 -16.94
CA LYS D 58 56.21 -42.07 -16.52
C LYS D 58 56.83 -41.63 -15.21
N ALA D 59 56.92 -42.56 -14.25
CA ALA D 59 57.57 -42.27 -12.98
C ALA D 59 59.04 -41.94 -13.20
N MET D 60 59.68 -42.57 -14.19
CA MET D 60 61.08 -42.26 -14.44
C MET D 60 61.23 -40.89 -15.09
N GLY D 61 60.26 -40.50 -15.92
CA GLY D 61 60.27 -39.13 -16.44
C GLY D 61 60.14 -38.10 -15.33
N ILE D 62 59.29 -38.38 -14.35
CA ILE D 62 59.21 -37.50 -13.17
C ILE D 62 60.53 -37.49 -12.42
N MET D 63 61.18 -38.64 -12.30
CA MET D 63 62.47 -38.69 -11.60
C MET D 63 63.55 -37.90 -12.33
N ASN D 64 63.59 -37.98 -13.66
CA ASN D 64 64.56 -37.18 -14.40
C ASN D 64 64.28 -35.69 -14.26
N SER D 65 63.00 -35.30 -14.34
CA SER D 65 62.65 -33.89 -14.14
C SER D 65 63.02 -33.43 -12.75
N PHE D 66 62.76 -34.26 -11.73
CA PHE D 66 63.11 -33.93 -10.36
C PHE D 66 64.60 -33.77 -10.18
N VAL D 67 65.39 -34.74 -10.63
CA VAL D 67 66.81 -34.70 -10.33
C VAL D 67 67.49 -33.58 -11.10
N ASN D 68 67.05 -33.35 -12.35
CA ASN D 68 67.55 -32.19 -13.09
C ASN D 68 67.15 -30.88 -12.42
N ASP D 69 65.94 -30.82 -11.88
CA ASP D 69 65.47 -29.61 -11.21
C ASP D 69 66.27 -29.30 -9.96
N ILE D 70 66.47 -30.32 -9.11
CA ILE D 70 67.25 -30.15 -7.90
C ILE D 70 68.70 -29.84 -8.24
N PHE D 71 69.22 -30.49 -9.28
CA PHE D 71 70.59 -30.27 -9.71
C PHE D 71 70.79 -28.83 -10.17
N GLU D 72 69.84 -28.28 -10.92
CA GLU D 72 70.01 -26.92 -11.41
C GLU D 72 69.79 -25.92 -10.28
N ARG D 73 68.89 -26.23 -9.33
CA ARG D 73 68.73 -25.36 -8.18
C ARG D 73 70.01 -25.26 -7.36
N ILE D 74 70.60 -26.41 -7.04
CA ILE D 74 71.80 -26.41 -6.21
C ILE D 74 72.97 -25.81 -6.97
N ALA D 75 73.06 -26.07 -8.28
CA ALA D 75 74.14 -25.48 -9.07
C ALA D 75 73.97 -23.97 -9.22
N GLY D 76 72.72 -23.50 -9.31
CA GLY D 76 72.50 -22.06 -9.34
C GLY D 76 72.84 -21.39 -8.04
N GLU D 77 72.50 -22.04 -6.91
CA GLU D 77 72.93 -21.53 -5.61
C GLU D 77 74.44 -21.52 -5.49
N ALA D 78 75.09 -22.57 -6.01
CA ALA D 78 76.54 -22.65 -5.97
C ALA D 78 77.19 -21.53 -6.76
N SER D 79 76.69 -21.29 -7.97
CA SER D 79 77.20 -20.20 -8.79
C SER D 79 76.94 -18.86 -8.13
N ARG D 80 75.79 -18.71 -7.48
CA ARG D 80 75.45 -17.48 -6.79
C ARG D 80 76.42 -17.18 -5.66
N LEU D 81 76.69 -18.18 -4.81
CA LEU D 81 77.64 -18.00 -3.72
C LEU D 81 79.06 -17.78 -4.22
N ALA D 82 79.46 -18.50 -5.27
CA ALA D 82 80.82 -18.33 -5.79
C ALA D 82 81.01 -16.96 -6.39
N HIS D 83 79.96 -16.40 -7.01
CA HIS D 83 80.03 -15.03 -7.49
C HIS D 83 80.06 -14.03 -6.34
N TYR D 84 79.34 -14.33 -5.25
CA TYR D 84 79.21 -13.36 -4.16
C TYR D 84 80.53 -13.13 -3.44
N ASN D 85 81.23 -14.20 -3.10
CA ASN D 85 82.43 -14.10 -2.30
C ASN D 85 83.68 -13.88 -3.15
N LYS D 86 83.52 -13.56 -4.43
CA LYS D 86 84.60 -13.24 -5.35
C LYS D 86 85.59 -14.39 -5.48
N ARG D 87 85.07 -15.61 -5.43
CA ARG D 87 85.89 -16.81 -5.56
C ARG D 87 85.67 -17.43 -6.94
N SER D 88 86.77 -17.70 -7.63
CA SER D 88 86.72 -18.21 -8.99
C SER D 88 86.51 -19.71 -9.05
N THR D 89 86.63 -20.41 -7.92
CA THR D 89 86.46 -21.86 -7.86
C THR D 89 85.11 -22.16 -7.25
N ILE D 90 84.48 -23.23 -7.71
CA ILE D 90 83.38 -23.82 -6.95
C ILE D 90 83.94 -25.01 -6.18
N THR D 91 83.64 -25.06 -4.89
CA THR D 91 84.16 -26.07 -3.96
C THR D 91 83.00 -26.68 -3.19
N SER D 92 83.32 -27.67 -2.37
CA SER D 92 82.28 -28.39 -1.64
C SER D 92 81.71 -27.55 -0.52
N ARG D 93 82.49 -26.58 0.01
CA ARG D 93 82.08 -25.83 1.20
C ARG D 93 80.79 -25.06 0.97
N GLU D 94 80.74 -24.33 -0.14
CA GLU D 94 79.50 -23.66 -0.50
C GLU D 94 78.44 -24.64 -0.97
N ILE D 95 78.82 -25.88 -1.30
CA ILE D 95 77.78 -26.84 -1.59
C ILE D 95 77.05 -27.25 -0.32
N GLN D 96 77.77 -27.45 0.81
CA GLN D 96 77.06 -27.67 2.07
C GLN D 96 76.24 -26.44 2.43
N THR D 97 76.81 -25.25 2.17
CA THR D 97 76.07 -24.01 2.41
C THR D 97 74.77 -23.98 1.61
N ALA D 98 74.83 -24.36 0.33
CA ALA D 98 73.66 -24.29 -0.54
C ALA D 98 72.61 -25.31 -0.14
N VAL D 99 73.02 -26.53 0.17
CA VAL D 99 72.04 -27.55 0.55
C VAL D 99 71.46 -27.24 1.93
N ARG D 100 72.26 -26.59 2.79
CA ARG D 100 71.76 -26.24 4.11
C ARG D 100 70.76 -25.09 4.04
N LEU D 101 71.00 -24.12 3.14
CA LEU D 101 70.06 -23.02 3.02
C LEU D 101 68.80 -23.46 2.28
N LEU D 102 68.94 -24.34 1.29
CA LEU D 102 67.79 -24.66 0.45
C LEU D 102 66.97 -25.79 1.05
N LEU D 103 67.60 -26.92 1.39
CA LEU D 103 66.85 -28.00 1.99
C LEU D 103 66.50 -27.66 3.44
N PRO D 104 65.28 -27.98 3.87
CA PRO D 104 64.89 -27.68 5.26
C PRO D 104 65.42 -28.71 6.26
N GLY D 105 65.87 -28.20 7.39
CA GLY D 105 66.06 -28.91 8.64
C GLY D 105 66.75 -30.26 8.66
N GLU D 106 66.00 -31.28 9.08
CA GLU D 106 66.58 -32.61 9.24
C GLU D 106 67.01 -33.21 7.92
N LEU D 107 66.30 -32.93 6.83
CA LEU D 107 66.77 -33.33 5.51
C LEU D 107 68.10 -32.69 5.18
N ALA D 108 68.26 -31.42 5.55
CA ALA D 108 69.52 -30.73 5.33
C ALA D 108 70.66 -31.36 6.11
N LYS D 109 70.46 -31.64 7.40
CA LYS D 109 71.60 -32.13 8.17
C LYS D 109 71.88 -33.60 7.87
N HIS D 110 70.84 -34.38 7.53
CA HIS D 110 71.07 -35.72 7.00
C HIS D 110 71.89 -35.66 5.73
N ALA D 111 71.54 -34.73 4.84
CA ALA D 111 72.24 -34.56 3.56
C ALA D 111 73.70 -34.22 3.78
N VAL D 112 73.97 -33.33 4.73
CA VAL D 112 75.33 -33.01 5.13
C VAL D 112 76.03 -34.26 5.64
N SER D 113 75.31 -35.15 6.33
CA SER D 113 75.94 -36.37 6.82
C SER D 113 76.41 -37.28 5.69
N GLU D 114 75.54 -37.62 4.73
CA GLU D 114 76.03 -38.58 3.72
C GLU D 114 77.07 -37.92 2.84
N GLY D 115 76.92 -36.60 2.62
CA GLY D 115 77.90 -35.92 1.80
C GLY D 115 79.26 -35.86 2.46
N THR D 116 79.28 -35.64 3.78
CA THR D 116 80.53 -35.61 4.52
C THR D 116 81.22 -36.97 4.49
N LYS D 117 80.46 -38.05 4.70
CA LYS D 117 81.13 -39.36 4.71
C LYS D 117 81.55 -39.76 3.29
N ALA D 118 80.77 -39.37 2.28
CA ALA D 118 81.17 -39.62 0.90
C ALA D 118 82.44 -38.86 0.55
N VAL D 119 82.58 -37.64 1.08
CA VAL D 119 83.82 -36.89 0.92
C VAL D 119 84.98 -37.62 1.60
N THR D 120 84.73 -38.20 2.78
CA THR D 120 85.81 -38.91 3.47
C THR D 120 86.30 -40.11 2.66
N LYS D 121 85.39 -40.92 2.11
CA LYS D 121 85.85 -42.03 1.28
C LYS D 121 86.45 -41.56 -0.04
N TYR D 122 85.94 -40.48 -0.62
CA TYR D 122 86.51 -40.01 -1.88
C TYR D 122 87.91 -39.44 -1.66
N THR D 123 88.13 -38.81 -0.50
CA THR D 123 89.44 -38.28 -0.15
C THR D 123 90.44 -39.41 0.06
N SER D 124 90.02 -40.47 0.73
CA SER D 124 90.85 -41.65 0.96
C SER D 124 90.88 -42.59 -0.23
N ALA D 125 90.31 -42.18 -1.37
CA ALA D 125 90.27 -42.95 -2.61
C ALA D 125 89.65 -44.33 -2.45
N LYS E 38 8.45 -46.02 -6.13
CA LYS E 38 9.04 -44.69 -6.12
C LYS E 38 10.50 -44.81 -6.56
N PRO E 39 10.88 -44.09 -7.62
CA PRO E 39 12.27 -44.10 -8.05
C PRO E 39 13.18 -43.43 -7.03
N HIS E 40 14.32 -44.05 -6.79
CA HIS E 40 15.25 -43.56 -5.78
C HIS E 40 15.89 -42.25 -6.20
N ARG E 41 16.13 -41.39 -5.21
CA ARG E 41 16.80 -40.12 -5.45
C ARG E 41 17.57 -39.76 -4.19
N TYR E 42 18.88 -39.55 -4.34
CA TYR E 42 19.70 -39.18 -3.21
C TYR E 42 19.48 -37.72 -2.84
N ARG E 43 19.69 -37.40 -1.57
CA ARG E 43 19.64 -36.02 -1.14
C ARG E 43 20.85 -35.26 -1.68
N PRO E 44 20.70 -33.96 -1.96
CA PRO E 44 21.78 -33.20 -2.60
C PRO E 44 23.03 -33.12 -1.74
N GLY E 45 24.18 -33.10 -2.40
CA GLY E 45 25.46 -33.07 -1.74
C GLY E 45 26.05 -34.43 -1.46
N THR E 46 25.21 -35.43 -1.21
CA THR E 46 25.69 -36.79 -0.97
C THR E 46 26.36 -37.34 -2.22
N VAL E 47 25.68 -37.24 -3.36
CA VAL E 47 26.30 -37.65 -4.62
C VAL E 47 27.49 -36.78 -4.92
N ALA E 48 27.38 -35.46 -4.67
CA ALA E 48 28.48 -34.54 -4.96
C ALA E 48 29.72 -34.90 -4.16
N LEU E 49 29.53 -35.24 -2.88
CA LEU E 49 30.63 -35.78 -2.07
C LEU E 49 31.16 -37.07 -2.67
N ARG E 50 30.28 -37.88 -3.27
CA ARG E 50 30.75 -39.10 -3.90
C ARG E 50 31.62 -38.82 -5.13
N GLU E 51 31.30 -37.80 -5.94
CA GLU E 51 32.24 -37.48 -7.01
C GLU E 51 33.51 -36.83 -6.45
N ILE E 52 33.42 -36.16 -5.30
CA ILE E 52 34.64 -35.65 -4.66
C ILE E 52 35.58 -36.79 -4.34
N ARG E 53 35.06 -37.83 -3.69
CA ARG E 53 35.88 -39.00 -3.38
C ARG E 53 36.33 -39.71 -4.65
N ARG E 54 35.44 -39.83 -5.63
CA ARG E 54 35.72 -40.59 -6.84
C ARG E 54 36.82 -39.93 -7.67
N TYR E 55 36.69 -38.64 -7.93
CA TYR E 55 37.69 -37.94 -8.71
C TYR E 55 38.93 -37.58 -7.91
N GLN E 56 38.85 -37.59 -6.58
CA GLN E 56 40.06 -37.32 -5.81
C GLN E 56 40.90 -38.57 -5.61
N LYS E 57 40.28 -39.75 -5.59
CA LYS E 57 41.07 -40.97 -5.64
C LYS E 57 41.70 -41.15 -7.02
N SER E 58 40.97 -40.84 -8.08
CA SER E 58 41.44 -41.04 -9.44
C SER E 58 42.34 -39.89 -9.87
N THR E 59 43.12 -40.15 -10.92
CA THR E 59 44.00 -39.13 -11.48
C THR E 59 43.72 -38.86 -12.96
N GLU E 60 42.87 -39.64 -13.61
CA GLU E 60 42.66 -39.54 -15.03
C GLU E 60 42.01 -38.20 -15.40
N LEU E 61 42.28 -37.78 -16.63
CA LEU E 61 42.17 -36.39 -17.01
C LEU E 61 40.70 -35.99 -17.18
N LEU E 62 40.36 -34.81 -16.67
CA LEU E 62 38.97 -34.42 -16.49
C LEU E 62 38.35 -33.70 -17.68
N ILE E 63 39.12 -32.97 -18.48
CA ILE E 63 38.55 -32.24 -19.60
C ILE E 63 38.73 -33.07 -20.86
N ARG E 64 37.90 -32.78 -21.87
CA ARG E 64 38.05 -33.44 -23.16
C ARG E 64 39.27 -32.88 -23.86
N LYS E 65 40.13 -33.77 -24.36
CA LYS E 65 41.46 -33.35 -24.81
C LYS E 65 41.41 -32.65 -26.16
N LEU E 66 40.52 -33.08 -27.05
CA LEU E 66 40.48 -32.47 -28.38
C LEU E 66 39.86 -31.07 -28.38
N PRO E 67 38.78 -30.77 -27.63
CA PRO E 67 38.41 -29.36 -27.46
C PRO E 67 39.50 -28.53 -26.82
N PHE E 68 40.28 -29.11 -25.91
CA PHE E 68 41.43 -28.38 -25.38
C PHE E 68 42.44 -28.08 -26.48
N GLN E 69 42.68 -29.04 -27.36
CA GLN E 69 43.62 -28.82 -28.45
C GLN E 69 43.12 -27.73 -29.39
N ARG E 70 41.80 -27.72 -29.65
CA ARG E 70 41.20 -26.65 -30.43
C ARG E 70 41.39 -25.30 -29.76
N LEU E 71 41.20 -25.26 -28.44
CA LEU E 71 41.33 -23.99 -27.73
C LEU E 71 42.77 -23.48 -27.72
N VAL E 72 43.73 -24.38 -27.50
CA VAL E 72 45.12 -23.93 -27.43
C VAL E 72 45.61 -23.51 -28.81
N ARG E 73 45.17 -24.18 -29.88
CA ARG E 73 45.51 -23.71 -31.21
C ARG E 73 44.85 -22.36 -31.50
N GLU E 74 43.62 -22.18 -31.02
CA GLU E 74 42.89 -20.93 -31.23
C GLU E 74 43.61 -19.76 -30.57
N ILE E 75 44.09 -19.96 -29.35
CA ILE E 75 44.77 -18.87 -28.66
C ILE E 75 46.19 -18.73 -29.21
N ALA E 76 46.77 -19.83 -29.72
CA ALA E 76 48.13 -19.82 -30.21
C ALA E 76 48.25 -19.04 -31.51
N GLN E 77 47.26 -19.16 -32.40
CA GLN E 77 47.33 -18.41 -33.65
C GLN E 77 47.15 -16.92 -33.44
N ASP E 78 46.69 -16.49 -32.26
CA ASP E 78 46.55 -15.07 -31.96
C ASP E 78 47.88 -14.36 -31.79
N PHE E 79 48.97 -15.09 -31.56
CA PHE E 79 50.30 -14.51 -31.48
C PHE E 79 51.06 -14.63 -32.78
N LYS E 80 51.08 -15.82 -33.36
CA LYS E 80 51.80 -16.07 -34.60
C LYS E 80 51.00 -17.11 -35.39
N THR E 81 51.00 -16.98 -36.71
CA THR E 81 50.18 -17.85 -37.53
C THR E 81 50.81 -19.23 -37.69
N ASP E 82 49.94 -20.23 -37.77
CA ASP E 82 50.23 -21.56 -38.32
C ASP E 82 51.29 -22.30 -37.49
N LEU E 83 51.09 -22.39 -36.18
CA LEU E 83 52.02 -23.15 -35.36
C LEU E 83 51.61 -24.61 -35.30
N ARG E 84 52.60 -25.48 -35.12
CA ARG E 84 52.38 -26.91 -35.00
C ARG E 84 52.67 -27.35 -33.58
N PHE E 85 51.92 -28.35 -33.13
CA PHE E 85 51.96 -28.80 -31.76
C PHE E 85 52.35 -30.27 -31.69
N GLN E 86 53.24 -30.60 -30.78
CA GLN E 86 53.39 -31.98 -30.38
C GLN E 86 52.28 -32.33 -29.40
N SER E 87 51.73 -33.52 -29.54
CA SER E 87 50.62 -33.94 -28.68
C SER E 87 51.05 -34.03 -27.22
N SER E 88 52.31 -34.42 -27.00
CA SER E 88 52.86 -34.46 -25.66
C SER E 88 52.90 -33.07 -25.03
N ALA E 89 53.27 -32.04 -25.82
CA ALA E 89 53.28 -30.68 -25.31
C ALA E 89 51.88 -30.21 -24.94
N VAL E 90 50.89 -30.58 -25.76
CA VAL E 90 49.52 -30.20 -25.48
C VAL E 90 49.04 -30.88 -24.21
N MET E 91 49.37 -32.16 -24.03
CA MET E 91 48.98 -32.86 -22.82
C MET E 91 49.67 -32.30 -21.59
N ALA E 92 50.94 -31.91 -21.73
CA ALA E 92 51.67 -31.36 -20.60
C ALA E 92 51.11 -29.98 -20.20
N LEU E 93 50.85 -29.13 -21.18
CA LEU E 93 50.28 -27.82 -20.88
C LEU E 93 48.87 -27.96 -20.34
N GLN E 94 48.16 -28.98 -20.80
CA GLN E 94 46.85 -29.34 -20.27
C GLN E 94 46.93 -29.74 -18.81
N GLU E 95 47.94 -30.54 -18.47
CA GLU E 95 48.11 -30.97 -17.09
C GLU E 95 48.45 -29.79 -16.19
N ALA E 96 49.32 -28.90 -16.66
CA ALA E 96 49.65 -27.70 -15.90
C ALA E 96 48.44 -26.80 -15.72
N SER E 97 47.59 -26.72 -16.75
CA SER E 97 46.38 -25.91 -16.67
C SER E 97 45.43 -26.47 -15.62
N GLU E 98 45.22 -27.80 -15.62
CA GLU E 98 44.33 -28.37 -14.61
C GLU E 98 44.89 -28.20 -13.21
N ALA E 99 46.21 -28.29 -13.07
CA ALA E 99 46.84 -28.06 -11.77
C ALA E 99 46.60 -26.64 -11.28
N TYR E 100 46.75 -25.66 -12.17
CA TYR E 100 46.51 -24.27 -11.81
C TYR E 100 45.05 -24.05 -11.40
N LEU E 101 44.11 -24.61 -12.17
CA LEU E 101 42.70 -24.50 -11.82
C LEU E 101 42.37 -25.17 -10.50
N VAL E 102 42.89 -26.39 -10.25
CA VAL E 102 42.49 -27.09 -9.03
C VAL E 102 43.13 -26.44 -7.81
N GLY E 103 44.32 -25.83 -8.00
CA GLY E 103 44.91 -25.09 -6.89
C GLY E 103 44.09 -23.87 -6.51
N LEU E 104 43.69 -23.08 -7.52
CA LEU E 104 42.84 -21.94 -7.20
C LEU E 104 41.44 -22.38 -6.74
N PHE E 105 41.01 -23.58 -7.14
CA PHE E 105 39.78 -24.14 -6.60
C PHE E 105 39.88 -24.46 -5.12
N GLU E 106 41.00 -25.04 -4.67
CA GLU E 106 41.08 -25.34 -3.24
C GLU E 106 41.25 -24.06 -2.43
N ASP E 107 41.92 -23.05 -3.02
CA ASP E 107 41.94 -21.75 -2.34
C ASP E 107 40.55 -21.13 -2.22
N THR E 108 39.74 -21.16 -3.27
CA THR E 108 38.42 -20.55 -3.16
C THR E 108 37.51 -21.41 -2.29
N ASN E 109 37.80 -22.70 -2.18
CA ASN E 109 37.07 -23.54 -1.24
C ASN E 109 37.34 -23.09 0.20
N LEU E 110 38.61 -22.87 0.52
CA LEU E 110 38.99 -22.37 1.84
C LEU E 110 38.39 -21.00 2.10
N ALA E 111 38.37 -20.14 1.08
CA ALA E 111 37.79 -18.82 1.23
C ALA E 111 36.29 -18.88 1.48
N ALA E 112 35.59 -19.76 0.75
CA ALA E 112 34.14 -19.86 0.89
C ALA E 112 33.76 -20.42 2.25
N ILE E 113 34.55 -21.37 2.76
CA ILE E 113 34.36 -21.81 4.13
C ILE E 113 34.64 -20.68 5.11
N HIS E 114 35.67 -19.88 4.83
CA HIS E 114 36.03 -18.78 5.71
C HIS E 114 34.94 -17.72 5.76
N ALA E 115 34.18 -17.59 4.67
CA ALA E 115 33.02 -16.71 4.66
C ALA E 115 31.76 -17.39 5.18
N LYS E 116 31.91 -18.48 5.94
CA LYS E 116 30.83 -19.21 6.60
C LYS E 116 29.81 -19.77 5.62
N ARG E 117 30.22 -20.01 4.38
CA ARG E 117 29.39 -20.59 3.35
C ARG E 117 29.98 -21.89 2.86
N VAL E 118 29.22 -22.58 2.00
CA VAL E 118 29.71 -23.78 1.35
C VAL E 118 29.77 -23.66 -0.16
N THR E 119 29.12 -22.66 -0.76
CA THR E 119 29.10 -22.50 -2.20
C THR E 119 30.08 -21.43 -2.62
N ILE E 120 30.90 -21.74 -3.62
CA ILE E 120 31.83 -20.76 -4.17
C ILE E 120 31.09 -19.85 -5.13
N MET E 121 31.47 -18.58 -5.14
CA MET E 121 30.90 -17.55 -6.01
C MET E 121 32.06 -16.75 -6.59
N PRO E 122 31.86 -16.06 -7.72
CA PRO E 122 33.00 -15.40 -8.39
C PRO E 122 33.72 -14.35 -7.57
N LYS E 123 33.08 -13.76 -6.55
CA LYS E 123 33.84 -12.87 -5.67
C LYS E 123 34.81 -13.65 -4.81
N ASP E 124 34.48 -14.90 -4.46
CA ASP E 124 35.41 -15.75 -3.70
C ASP E 124 36.67 -16.01 -4.51
N ILE E 125 36.52 -16.35 -5.78
CA ILE E 125 37.69 -16.64 -6.61
C ILE E 125 38.40 -15.35 -6.99
N GLN E 126 37.67 -14.23 -7.06
CA GLN E 126 38.32 -12.95 -7.27
C GLN E 126 39.21 -12.59 -6.08
N LEU E 127 38.72 -12.88 -4.88
CA LEU E 127 39.53 -12.76 -3.67
C LEU E 127 40.75 -13.65 -3.75
N ALA E 128 40.57 -14.90 -4.20
CA ALA E 128 41.69 -15.84 -4.25
C ALA E 128 42.75 -15.38 -5.23
N ARG E 129 42.33 -14.87 -6.39
CA ARG E 129 43.29 -14.37 -7.37
C ARG E 129 43.99 -13.12 -6.85
N ARG E 130 43.28 -12.27 -6.11
CA ARG E 130 43.94 -11.07 -5.60
C ARG E 130 44.91 -11.41 -4.49
N ILE E 131 44.60 -12.40 -3.66
CA ILE E 131 45.52 -12.79 -2.60
C ILE E 131 46.76 -13.47 -3.17
N ARG E 132 46.59 -14.34 -4.17
CA ARG E 132 47.73 -15.06 -4.72
C ARG E 132 48.72 -14.14 -5.43
N GLY E 133 48.25 -13.05 -6.03
CA GLY E 133 49.17 -12.10 -6.62
C GLY E 133 49.20 -12.04 -8.13
N GLU E 134 48.05 -12.08 -8.78
CA GLU E 134 47.99 -11.86 -10.23
C GLU E 134 47.11 -10.66 -10.57
N LYS F 21 39.87 -22.97 -41.58
CA LYS F 21 41.26 -22.71 -41.24
C LYS F 21 41.37 -21.95 -39.92
N VAL F 22 40.53 -20.93 -39.76
CA VAL F 22 40.54 -20.16 -38.53
C VAL F 22 39.51 -20.74 -37.54
N LEU F 23 39.72 -20.44 -36.27
CA LEU F 23 38.80 -20.84 -35.20
C LEU F 23 38.44 -19.61 -34.40
N ARG F 24 37.19 -19.51 -34.00
CA ARG F 24 36.72 -18.28 -33.37
C ARG F 24 36.15 -18.48 -31.97
N ASP F 25 35.61 -19.65 -31.66
CA ASP F 25 35.03 -19.90 -30.33
C ASP F 25 35.32 -21.35 -29.95
N ASN F 26 36.35 -21.55 -29.13
CA ASN F 26 36.58 -22.82 -28.48
C ASN F 26 36.65 -22.70 -26.96
N ILE F 27 36.43 -21.52 -26.40
CA ILE F 27 36.38 -21.38 -24.96
C ILE F 27 35.14 -22.07 -24.39
N GLN F 28 34.08 -22.19 -25.20
CA GLN F 28 32.92 -22.96 -24.78
C GLN F 28 33.17 -24.46 -24.80
N GLY F 29 34.27 -24.91 -25.40
CA GLY F 29 34.64 -26.31 -25.36
C GLY F 29 35.05 -26.79 -23.98
N ILE F 30 35.45 -25.89 -23.10
CA ILE F 30 35.67 -26.23 -21.70
C ILE F 30 34.29 -26.23 -21.06
N THR F 31 33.65 -27.39 -21.08
CA THR F 31 32.25 -27.50 -20.73
C THR F 31 32.05 -27.34 -19.22
N LYS F 32 30.79 -27.09 -18.86
CA LYS F 32 30.39 -27.04 -17.45
C LYS F 32 30.68 -28.33 -16.67
N PRO F 33 30.40 -29.55 -17.17
CA PRO F 33 30.77 -30.74 -16.38
C PRO F 33 32.27 -30.91 -16.17
N ALA F 34 33.11 -30.46 -17.12
CA ALA F 34 34.56 -30.56 -16.90
C ALA F 34 35.00 -29.66 -15.77
N ILE F 35 34.44 -28.44 -15.71
CA ILE F 35 34.69 -27.54 -14.60
C ILE F 35 34.16 -28.13 -13.30
N ARG F 36 33.02 -28.81 -13.38
CA ARG F 36 32.47 -29.48 -12.20
C ARG F 36 33.41 -30.58 -11.71
N ARG F 37 33.97 -31.36 -12.61
CA ARG F 37 34.91 -32.42 -12.25
C ARG F 37 36.18 -31.83 -11.63
N LEU F 38 36.66 -30.73 -12.19
CA LEU F 38 37.83 -30.07 -11.61
C LEU F 38 37.54 -29.54 -10.21
N ALA F 39 36.33 -29.01 -10.00
CA ALA F 39 35.96 -28.51 -8.68
C ALA F 39 35.77 -29.66 -7.69
N ARG F 40 35.29 -30.81 -8.17
CA ARG F 40 35.23 -31.99 -7.32
C ARG F 40 36.63 -32.43 -6.92
N ARG F 41 37.59 -32.33 -7.85
CA ARG F 41 38.98 -32.59 -7.49
C ARG F 41 39.50 -31.51 -6.54
N GLY F 42 38.97 -30.29 -6.65
CA GLY F 42 39.23 -29.29 -5.65
C GLY F 42 38.44 -29.44 -4.37
N GLY F 43 37.47 -30.36 -4.33
CA GLY F 43 36.70 -30.59 -3.14
C GLY F 43 35.49 -29.71 -2.96
N VAL F 44 35.12 -28.93 -3.97
CA VAL F 44 33.93 -28.09 -3.91
C VAL F 44 32.71 -28.95 -4.16
N LYS F 45 31.77 -28.94 -3.21
CA LYS F 45 30.58 -29.76 -3.38
C LYS F 45 29.41 -28.96 -3.95
N ARG F 46 29.45 -27.63 -3.86
CA ARG F 46 28.37 -26.79 -4.37
C ARG F 46 28.95 -25.63 -5.15
N ILE F 47 28.52 -25.50 -6.40
CA ILE F 47 29.09 -24.54 -7.34
C ILE F 47 27.97 -23.62 -7.80
N SER F 48 28.19 -22.31 -7.72
CA SER F 48 27.20 -21.39 -8.25
C SER F 48 27.23 -21.41 -9.78
N GLY F 49 26.15 -20.91 -10.38
CA GLY F 49 26.05 -20.89 -11.82
C GLY F 49 26.93 -19.85 -12.49
N LEU F 50 27.39 -18.86 -11.75
CA LEU F 50 28.19 -17.78 -12.31
C LEU F 50 29.66 -18.13 -12.41
N ILE F 51 30.05 -19.33 -11.94
CA ILE F 51 31.45 -19.72 -11.86
C ILE F 51 32.05 -19.99 -13.23
N TYR F 52 31.27 -20.58 -14.14
CA TYR F 52 31.84 -21.25 -15.31
C TYR F 52 32.50 -20.28 -16.27
N GLU F 53 31.84 -19.15 -16.55
CA GLU F 53 32.38 -18.21 -17.53
C GLU F 53 33.62 -17.49 -17.00
N GLU F 54 33.65 -17.19 -15.70
CA GLU F 54 34.83 -16.53 -15.16
C GLU F 54 36.00 -17.50 -14.99
N THR F 55 35.72 -18.77 -14.74
CA THR F 55 36.78 -19.76 -14.81
C THR F 55 37.30 -19.93 -16.22
N ARG F 56 36.42 -19.84 -17.21
CA ARG F 56 36.88 -19.78 -18.59
C ARG F 56 37.77 -18.57 -18.83
N GLY F 57 37.41 -17.44 -18.22
CA GLY F 57 38.24 -16.24 -18.37
C GLY F 57 39.61 -16.39 -17.75
N VAL F 58 39.69 -16.91 -16.53
CA VAL F 58 40.98 -17.02 -15.86
C VAL F 58 41.83 -18.11 -16.52
N LEU F 59 41.17 -19.15 -17.07
CA LEU F 59 41.85 -20.11 -17.92
C LEU F 59 42.43 -19.46 -19.16
N LYS F 60 41.65 -18.58 -19.79
CA LYS F 60 42.11 -17.86 -20.97
C LYS F 60 43.33 -17.01 -20.65
N VAL F 61 43.31 -16.36 -19.48
CA VAL F 61 44.42 -15.50 -19.07
C VAL F 61 45.68 -16.33 -18.83
N PHE F 62 45.55 -17.42 -18.10
CA PHE F 62 46.69 -18.29 -17.82
C PHE F 62 47.25 -18.89 -19.09
N LEU F 63 46.37 -19.34 -19.99
CA LEU F 63 46.85 -19.92 -21.25
C LEU F 63 47.57 -18.90 -22.09
N GLU F 64 47.07 -17.67 -22.17
CA GLU F 64 47.79 -16.61 -22.90
C GLU F 64 49.16 -16.38 -22.29
N ASN F 65 49.21 -16.31 -20.96
CA ASN F 65 50.46 -16.01 -20.26
C ASN F 65 51.50 -17.09 -20.52
N VAL F 66 51.08 -18.35 -20.59
CA VAL F 66 52.06 -19.42 -20.75
C VAL F 66 52.44 -19.58 -22.23
N ILE F 67 51.47 -19.48 -23.15
CA ILE F 67 51.81 -19.85 -24.51
C ILE F 67 52.53 -18.71 -25.20
N ARG F 68 52.37 -17.47 -24.72
CA ARG F 68 53.14 -16.37 -25.28
C ARG F 68 54.63 -16.59 -25.05
N ASP F 69 54.99 -16.98 -23.83
CA ASP F 69 56.36 -17.33 -23.53
C ASP F 69 56.78 -18.58 -24.31
N ALA F 70 55.86 -19.53 -24.48
CA ALA F 70 56.17 -20.75 -25.21
C ALA F 70 56.50 -20.47 -26.67
N VAL F 71 55.68 -19.66 -27.33
CA VAL F 71 55.95 -19.35 -28.73
C VAL F 71 57.15 -18.44 -28.85
N THR F 72 57.43 -17.65 -27.81
CA THR F 72 58.67 -16.86 -27.81
C THR F 72 59.89 -17.76 -27.80
N TYR F 73 59.88 -18.76 -26.91
CA TYR F 73 60.91 -19.79 -26.90
C TYR F 73 61.03 -20.49 -28.25
N THR F 74 59.88 -20.76 -28.86
CA THR F 74 59.87 -21.47 -30.14
C THR F 74 60.48 -20.62 -31.24
N GLU F 75 60.07 -19.36 -31.36
CA GLU F 75 60.51 -18.54 -32.48
C GLU F 75 61.96 -18.14 -32.30
N HIS F 76 62.45 -18.08 -31.06
CA HIS F 76 63.89 -17.89 -30.90
C HIS F 76 64.64 -19.12 -31.38
N ALA F 77 64.06 -20.30 -31.21
CA ALA F 77 64.67 -21.52 -31.71
C ALA F 77 64.55 -21.67 -33.21
N LYS F 78 63.90 -20.72 -33.90
CA LYS F 78 63.69 -20.71 -35.34
C LYS F 78 62.92 -21.93 -35.81
N ARG F 79 62.04 -22.44 -34.96
CA ARG F 79 61.21 -23.59 -35.28
C ARG F 79 59.80 -23.13 -35.59
N LYS F 80 59.08 -23.94 -36.35
CA LYS F 80 57.69 -23.68 -36.65
C LYS F 80 56.79 -24.55 -35.80
N THR F 81 57.37 -25.54 -35.12
CA THR F 81 56.68 -26.43 -34.21
C THR F 81 57.23 -26.21 -32.82
N VAL F 82 56.35 -26.08 -31.83
CA VAL F 82 56.77 -25.93 -30.45
C VAL F 82 57.29 -27.27 -29.94
N THR F 83 58.19 -27.23 -28.96
CA THR F 83 58.58 -28.42 -28.23
C THR F 83 57.90 -28.44 -26.87
N ALA F 84 57.78 -29.63 -26.31
CA ALA F 84 57.32 -29.76 -24.93
C ALA F 84 58.34 -29.17 -23.98
N MET F 85 59.62 -29.18 -24.37
CA MET F 85 60.68 -28.54 -23.60
C MET F 85 60.38 -27.07 -23.39
N ASP F 86 59.90 -26.39 -24.44
CA ASP F 86 59.55 -24.98 -24.34
C ASP F 86 58.39 -24.76 -23.38
N VAL F 87 57.42 -25.67 -23.38
CA VAL F 87 56.29 -25.56 -22.46
C VAL F 87 56.77 -25.71 -21.02
N VAL F 88 57.68 -26.67 -20.79
CA VAL F 88 58.26 -26.84 -19.46
C VAL F 88 59.02 -25.59 -19.05
N TYR F 89 59.77 -24.99 -19.97
CA TYR F 89 60.50 -23.77 -19.64
C TYR F 89 59.55 -22.62 -19.31
N ALA F 90 58.44 -22.53 -20.04
CA ALA F 90 57.46 -21.47 -19.79
C ALA F 90 56.82 -21.65 -18.42
N LEU F 91 56.52 -22.88 -18.03
CA LEU F 91 55.95 -23.10 -16.71
C LEU F 91 56.96 -22.89 -15.59
N LYS F 92 58.22 -23.27 -15.80
CA LYS F 92 59.19 -23.13 -14.73
C LYS F 92 59.60 -21.66 -14.56
N ARG F 93 59.50 -20.87 -15.62
CA ARG F 93 59.75 -19.44 -15.45
C ARG F 93 58.60 -18.79 -14.68
N GLN F 94 57.39 -19.28 -14.88
CA GLN F 94 56.21 -18.67 -14.28
C GLN F 94 56.00 -19.14 -12.85
N GLY F 95 56.85 -20.03 -12.34
CA GLY F 95 56.72 -20.50 -10.98
C GLY F 95 55.75 -21.64 -10.79
N ARG F 96 55.43 -22.37 -11.86
CA ARG F 96 54.57 -23.53 -11.82
C ARG F 96 55.22 -24.67 -12.57
N THR F 97 56.49 -24.94 -12.24
CA THR F 97 57.31 -25.91 -12.93
C THR F 97 56.69 -27.31 -12.91
N LEU F 98 56.86 -28.01 -14.02
CA LEU F 98 56.15 -29.26 -14.28
C LEU F 98 57.13 -30.42 -14.26
N TYR F 99 56.79 -31.45 -13.52
CA TYR F 99 57.52 -32.71 -13.54
C TYR F 99 56.77 -33.72 -14.40
N GLY F 100 57.52 -34.56 -15.11
CA GLY F 100 56.95 -35.65 -15.86
C GLY F 100 57.05 -35.53 -17.36
N PHE F 101 57.66 -34.48 -17.89
CA PHE F 101 57.78 -34.33 -19.33
C PHE F 101 59.18 -33.94 -19.76
N GLY F 102 60.06 -33.58 -18.82
CA GLY F 102 61.42 -33.26 -19.17
C GLY F 102 62.18 -34.47 -19.68
N GLY F 103 63.01 -34.22 -20.70
CA GLY F 103 63.74 -35.29 -21.36
C GLY F 103 63.00 -35.83 -22.57
N ALA G 28 99.19 7.28 -35.79
CA ALA G 28 99.79 6.05 -35.32
C ALA G 28 98.74 5.15 -34.66
N ARG G 29 97.77 5.78 -34.01
CA ARG G 29 96.71 5.04 -33.33
C ARG G 29 95.44 5.87 -33.39
N ALA G 30 94.30 5.18 -33.43
CA ALA G 30 93.02 5.87 -33.46
C ALA G 30 92.77 6.56 -32.12
N LYS G 31 92.09 7.71 -32.19
CA LYS G 31 91.78 8.47 -30.98
C LYS G 31 90.73 7.72 -30.17
N ALA G 32 90.84 7.81 -28.85
CA ALA G 32 89.99 7.02 -27.96
C ALA G 32 88.56 7.54 -27.97
N LYS G 33 87.62 6.66 -28.30
CA LYS G 33 86.23 7.05 -28.48
C LYS G 33 85.38 5.85 -28.07
N THR G 34 84.53 6.04 -27.07
CA THR G 34 83.95 4.90 -26.38
C THR G 34 82.81 4.26 -27.15
N ARG G 35 82.49 3.03 -26.77
CA ARG G 35 81.44 2.27 -27.43
C ARG G 35 80.05 2.75 -27.03
N SER G 36 79.91 3.35 -25.84
CA SER G 36 78.62 3.90 -25.45
C SER G 36 78.25 5.07 -26.33
N SER G 37 79.23 5.88 -26.71
CA SER G 37 79.01 6.94 -27.69
C SER G 37 78.69 6.36 -29.06
N ARG G 38 79.31 5.24 -29.40
CA ARG G 38 78.97 4.55 -30.65
C ARG G 38 77.52 4.11 -30.65
N ALA G 39 77.04 3.61 -29.51
CA ALA G 39 75.63 3.37 -29.34
C ALA G 39 74.84 4.66 -29.16
N GLY G 40 75.50 5.72 -28.70
CA GLY G 40 74.77 6.92 -28.34
C GLY G 40 73.96 6.76 -27.08
N LEU G 41 74.38 5.86 -26.19
CA LEU G 41 73.69 5.62 -24.94
C LEU G 41 74.61 5.99 -23.78
N GLN G 42 74.00 6.32 -22.64
CA GLN G 42 74.76 6.76 -21.49
C GLN G 42 75.27 5.61 -20.64
N PHE G 43 74.54 4.49 -20.59
CA PHE G 43 75.01 3.35 -19.84
C PHE G 43 76.26 2.74 -20.48
N PRO G 44 77.21 2.29 -19.67
CA PRO G 44 78.51 1.85 -20.19
C PRO G 44 78.41 0.53 -20.94
N VAL G 45 78.83 0.55 -22.20
CA VAL G 45 78.93 -0.70 -22.95
C VAL G 45 80.04 -1.57 -22.39
N GLY G 46 81.19 -0.96 -22.08
CA GLY G 46 82.33 -1.74 -21.62
C GLY G 46 82.11 -2.39 -20.27
N ARG G 47 81.49 -1.66 -19.34
CA ARG G 47 81.27 -2.21 -18.00
C ARG G 47 80.28 -3.37 -18.04
N VAL G 48 79.18 -3.22 -18.78
CA VAL G 48 78.19 -4.30 -18.88
C VAL G 48 78.79 -5.49 -19.62
N HIS G 49 79.61 -5.22 -20.64
CA HIS G 49 80.32 -6.27 -21.36
C HIS G 49 81.23 -7.05 -20.43
N ARG G 50 81.99 -6.35 -19.60
CA ARG G 50 82.89 -7.00 -18.66
C ARG G 50 82.12 -7.78 -17.59
N LEU G 51 81.00 -7.23 -17.13
CA LEU G 51 80.18 -7.94 -16.14
C LEU G 51 79.61 -9.21 -16.71
N LEU G 52 79.17 -9.17 -17.97
CA LEU G 52 78.65 -10.40 -18.59
C LEU G 52 79.76 -11.40 -18.84
N ARG G 53 80.97 -10.92 -19.18
CA ARG G 53 82.09 -11.83 -19.37
C ARG G 53 82.48 -12.53 -18.07
N LYS G 54 82.48 -11.81 -16.96
CA LYS G 54 82.75 -12.44 -15.66
C LYS G 54 81.48 -12.81 -14.90
N GLY G 55 80.30 -12.63 -15.48
CA GLY G 55 79.10 -13.15 -14.84
C GLY G 55 78.81 -14.59 -15.14
N ASN G 56 79.60 -15.20 -16.04
CA ASN G 56 79.54 -16.62 -16.37
C ASN G 56 78.16 -17.04 -16.86
N TYR G 57 77.64 -16.33 -17.86
CA TYR G 57 76.36 -16.67 -18.46
C TYR G 57 76.53 -17.37 -19.79
N SER G 58 77.65 -17.15 -20.47
CA SER G 58 78.04 -17.92 -21.63
C SER G 58 79.56 -17.91 -21.69
N GLU G 59 80.11 -18.87 -22.42
CA GLU G 59 81.55 -18.90 -22.62
C GLU G 59 82.01 -17.79 -23.55
N ARG G 60 81.20 -17.45 -24.54
CA ARG G 60 81.52 -16.36 -25.45
C ARG G 60 80.35 -15.38 -25.50
N VAL G 61 80.66 -14.14 -25.86
CA VAL G 61 79.69 -13.05 -25.82
C VAL G 61 79.68 -12.34 -27.17
N GLY G 62 78.49 -12.08 -27.70
CA GLY G 62 78.36 -11.29 -28.90
C GLY G 62 78.59 -9.82 -28.63
N ALA G 63 78.97 -9.10 -29.69
CA ALA G 63 79.31 -7.69 -29.52
C ALA G 63 78.06 -6.84 -29.28
N GLY G 64 77.00 -7.11 -30.03
CA GLY G 64 75.81 -6.28 -29.92
C GLY G 64 74.93 -6.56 -28.72
N ALA G 65 75.10 -7.72 -28.09
CA ALA G 65 74.26 -8.07 -26.94
C ALA G 65 74.41 -7.12 -25.75
N PRO G 66 75.61 -6.75 -25.27
CA PRO G 66 75.65 -5.76 -24.19
C PRO G 66 75.16 -4.40 -24.61
N VAL G 67 75.29 -4.05 -25.89
CA VAL G 67 74.74 -2.79 -26.38
C VAL G 67 73.23 -2.79 -26.26
N TYR G 68 72.61 -3.91 -26.66
CA TYR G 68 71.17 -4.05 -26.54
C TYR G 68 70.74 -4.02 -25.09
N LEU G 69 71.50 -4.68 -24.23
CA LEU G 69 71.17 -4.74 -22.81
C LEU G 69 71.27 -3.38 -22.15
N ALA G 70 72.32 -2.62 -22.50
CA ALA G 70 72.45 -1.26 -21.99
C ALA G 70 71.32 -0.38 -22.49
N ALA G 71 70.90 -0.60 -23.74
CA ALA G 71 69.80 0.20 -24.29
C ALA G 71 68.49 -0.05 -23.55
N VAL G 72 68.17 -1.32 -23.30
CA VAL G 72 66.91 -1.61 -22.63
C VAL G 72 66.95 -1.16 -21.18
N LEU G 73 68.12 -1.30 -20.53
CA LEU G 73 68.27 -0.76 -19.18
C LEU G 73 68.09 0.75 -19.15
N GLU G 74 68.65 1.45 -20.13
CA GLU G 74 68.56 2.91 -20.10
C GLU G 74 67.14 3.37 -20.40
N TYR G 75 66.41 2.62 -21.24
CA TYR G 75 65.01 2.96 -21.47
C TYR G 75 64.17 2.77 -20.21
N LEU G 76 64.38 1.65 -19.51
CA LEU G 76 63.64 1.39 -18.27
C LEU G 76 63.94 2.44 -17.21
N THR G 77 65.23 2.72 -16.98
CA THR G 77 65.61 3.73 -16.02
C THR G 77 65.10 5.10 -16.43
N ALA G 78 65.09 5.38 -17.74
CA ALA G 78 64.55 6.65 -18.22
C ALA G 78 63.10 6.81 -17.83
N GLU G 79 62.26 5.83 -18.18
CA GLU G 79 60.82 5.99 -17.97
C GLU G 79 60.49 6.00 -16.48
N ILE G 80 61.23 5.23 -15.68
CA ILE G 80 60.96 5.30 -14.24
C ILE G 80 61.47 6.62 -13.68
N LEU G 81 62.42 7.26 -14.36
CA LEU G 81 62.82 8.59 -13.91
C LEU G 81 61.78 9.66 -14.25
N GLU G 82 61.13 9.61 -15.42
CA GLU G 82 60.04 10.59 -15.61
C GLU G 82 58.90 10.32 -14.65
N LEU G 83 58.62 9.04 -14.37
CA LEU G 83 57.56 8.73 -13.41
C LEU G 83 57.90 9.27 -12.02
N ALA G 84 59.15 9.10 -11.60
CA ALA G 84 59.58 9.68 -10.33
C ALA G 84 59.55 11.20 -10.37
N GLY G 85 59.93 11.79 -11.50
CA GLY G 85 60.02 13.23 -11.60
C GLY G 85 58.66 13.91 -11.50
N ASN G 86 57.67 13.41 -12.24
CA ASN G 86 56.36 14.05 -12.17
C ASN G 86 55.63 13.70 -10.87
N ALA G 87 55.91 12.50 -10.31
CA ALA G 87 55.36 12.21 -8.99
C ALA G 87 55.94 13.14 -7.93
N ALA G 88 57.24 13.44 -8.03
CA ALA G 88 57.87 14.39 -7.12
C ALA G 88 57.34 15.80 -7.34
N ARG G 89 57.12 16.16 -8.59
CA ARG G 89 56.62 17.49 -8.93
C ARG G 89 55.20 17.69 -8.41
N ASP G 90 54.43 16.61 -8.35
CA ASP G 90 53.13 16.66 -7.70
C ASP G 90 53.26 16.92 -6.19
N ASN G 91 54.36 16.49 -5.59
CA ASN G 91 54.64 16.80 -4.20
C ASN G 91 55.49 18.06 -4.03
N LYS G 92 55.78 18.76 -5.13
CA LYS G 92 56.53 20.02 -5.13
C LYS G 92 57.91 19.88 -4.50
N LYS G 93 58.58 18.75 -4.73
CA LYS G 93 59.95 18.54 -4.28
C LYS G 93 60.82 18.28 -5.49
N THR G 94 61.93 19.01 -5.60
CA THR G 94 62.76 18.86 -6.78
C THR G 94 63.65 17.62 -6.73
N ARG G 95 63.79 17.00 -5.56
CA ARG G 95 64.62 15.81 -5.43
C ARG G 95 63.72 14.61 -5.21
N ILE G 96 64.02 13.51 -5.91
CA ILE G 96 63.15 12.35 -5.87
C ILE G 96 63.31 11.63 -4.54
N ILE G 97 62.24 10.99 -4.10
CA ILE G 97 62.15 10.36 -2.79
C ILE G 97 61.83 8.89 -3.02
N PRO G 98 62.28 7.99 -2.14
CA PRO G 98 61.80 6.60 -2.20
C PRO G 98 60.29 6.47 -2.11
N ARG G 99 59.62 7.38 -1.40
CA ARG G 99 58.17 7.43 -1.43
C ARG G 99 57.67 7.73 -2.84
N HIS G 100 58.33 8.66 -3.54
CA HIS G 100 57.97 8.95 -4.92
C HIS G 100 58.24 7.74 -5.82
N LEU G 101 59.32 7.01 -5.58
CA LEU G 101 59.60 5.83 -6.38
C LEU G 101 58.54 4.75 -6.16
N GLN G 102 58.10 4.58 -4.92
CA GLN G 102 57.06 3.59 -4.64
C GLN G 102 55.73 4.01 -5.25
N LEU G 103 55.42 5.31 -5.21
CA LEU G 103 54.21 5.81 -5.83
C LEU G 103 54.26 5.62 -7.34
N ALA G 104 55.44 5.78 -7.93
CA ALA G 104 55.59 5.56 -9.37
C ALA G 104 55.39 4.10 -9.73
N ILE G 105 56.02 3.19 -9.00
CA ILE G 105 55.97 1.79 -9.41
C ILE G 105 54.60 1.17 -9.11
N ARG G 106 53.92 1.63 -8.05
CA ARG G 106 52.66 1.01 -7.72
C ARG G 106 51.50 1.55 -8.56
N ASN G 107 51.64 2.75 -9.11
CA ASN G 107 50.57 3.30 -9.93
C ASN G 107 50.71 2.97 -11.41
N ASP G 108 51.72 2.18 -11.79
CA ASP G 108 51.84 1.65 -13.13
C ASP G 108 51.56 0.16 -13.10
N GLU G 109 50.68 -0.31 -13.97
CA GLU G 109 50.29 -1.72 -13.96
C GLU G 109 51.44 -2.61 -14.42
N GLU G 110 52.08 -2.27 -15.55
CA GLU G 110 53.12 -3.14 -16.08
C GLU G 110 54.38 -3.10 -15.23
N LEU G 111 54.69 -1.97 -14.60
CA LEU G 111 55.83 -1.95 -13.70
C LEU G 111 55.52 -2.70 -12.42
N ASN G 112 54.26 -2.70 -11.99
CA ASN G 112 53.87 -3.52 -10.85
C ASN G 112 54.03 -4.99 -11.19
N LYS G 113 53.66 -5.37 -12.41
CA LYS G 113 53.86 -6.76 -12.86
C LYS G 113 55.35 -7.08 -12.96
N LEU G 114 56.17 -6.09 -13.32
CA LEU G 114 57.61 -6.26 -13.27
C LEU G 114 58.10 -6.38 -11.83
N LEU G 115 57.55 -5.57 -10.93
CA LEU G 115 58.11 -5.39 -9.59
C LEU G 115 57.12 -5.79 -8.50
N GLY G 116 56.42 -6.92 -8.69
CA GLY G 116 55.45 -7.35 -7.71
C GLY G 116 56.06 -7.80 -6.39
N ARG G 117 57.16 -8.54 -6.47
CA ARG G 117 57.71 -9.20 -5.30
C ARG G 117 58.92 -8.48 -4.71
N VAL G 118 59.08 -7.20 -5.01
CA VAL G 118 60.14 -6.38 -4.43
C VAL G 118 59.51 -5.26 -3.63
N THR G 119 60.13 -4.93 -2.50
CA THR G 119 59.68 -3.82 -1.67
C THR G 119 60.80 -2.79 -1.58
N ILE G 120 60.43 -1.50 -1.67
CA ILE G 120 61.37 -0.39 -1.66
C ILE G 120 61.56 0.05 -0.21
N ALA G 121 62.80 0.29 0.19
CA ALA G 121 63.09 0.80 1.52
C ALA G 121 62.49 2.19 1.70
N GLN G 122 61.78 2.37 2.82
CA GLN G 122 60.96 3.56 3.09
C GLN G 122 59.95 3.83 1.97
N GLY G 123 59.40 2.77 1.38
CA GLY G 123 58.50 2.93 0.27
C GLY G 123 57.09 3.26 0.68
N GLY G 124 56.64 2.67 1.78
CA GLY G 124 55.28 2.90 2.19
C GLY G 124 54.29 2.15 1.29
N VAL G 125 53.04 2.60 1.36
CA VAL G 125 51.95 1.94 0.68
C VAL G 125 51.15 3.01 -0.05
N LEU G 126 50.39 2.58 -1.05
CA LEU G 126 49.49 3.51 -1.75
C LEU G 126 48.42 4.03 -0.79
N PRO G 127 47.96 5.26 -0.99
CA PRO G 127 46.80 5.73 -0.24
C PRO G 127 45.57 4.96 -0.69
N ASN G 128 45.11 4.05 0.16
CA ASN G 128 44.08 3.10 -0.26
C ASN G 128 43.26 2.72 0.96
N ILE G 129 41.97 3.09 0.92
CA ILE G 129 41.01 2.67 1.92
C ILE G 129 39.91 1.87 1.22
N GLN G 130 39.44 0.82 1.87
CA GLN G 130 38.33 0.07 1.32
C GLN G 130 37.04 0.87 1.46
N ALA G 131 36.16 0.74 0.47
CA ALA G 131 34.95 1.55 0.43
C ALA G 131 34.01 1.24 1.58
N VAL G 132 33.97 -0.02 2.02
CA VAL G 132 33.14 -0.38 3.15
C VAL G 132 33.66 0.19 4.46
N LEU G 133 34.95 0.54 4.51
CA LEU G 133 35.51 1.12 5.72
C LEU G 133 35.14 2.58 5.90
N LEU G 134 34.72 3.25 4.84
CA LEU G 134 34.28 4.63 4.96
C LEU G 134 32.91 4.69 5.63
N PRO G 135 32.61 5.79 6.32
CA PRO G 135 31.29 5.92 6.96
C PRO G 135 30.18 6.06 5.94
N LYS G 136 28.95 5.87 6.44
CA LYS G 136 27.72 5.81 5.63
C LYS G 136 27.81 4.76 4.52
N LYS H 31 94.27 5.13 2.25
CA LYS H 31 94.25 4.24 1.10
C LYS H 31 92.99 3.39 1.11
N ARG H 32 92.31 3.33 -0.04
CA ARG H 32 91.01 2.70 -0.14
C ARG H 32 90.94 1.87 -1.41
N SER H 33 89.90 1.03 -1.49
CA SER H 33 89.57 0.26 -2.68
C SER H 33 88.17 0.63 -3.13
N ARG H 34 87.96 0.71 -4.46
CA ARG H 34 86.70 1.20 -4.99
C ARG H 34 85.58 0.20 -4.79
N LYS H 35 84.36 0.71 -4.70
CA LYS H 35 83.14 -0.04 -4.96
C LYS H 35 82.41 0.66 -6.11
N GLU H 36 82.16 -0.07 -7.18
CA GLU H 36 81.58 0.55 -8.37
C GLU H 36 80.09 0.75 -8.15
N SER H 37 79.51 1.65 -8.95
CA SER H 37 78.12 2.02 -8.80
C SER H 37 77.59 2.57 -10.11
N TYR H 38 76.29 2.82 -10.15
CA TYR H 38 75.63 3.37 -11.32
C TYR H 38 75.13 4.79 -11.08
N SER H 39 75.66 5.47 -10.06
CA SER H 39 75.14 6.79 -9.69
C SER H 39 75.40 7.83 -10.77
N VAL H 40 76.57 7.76 -11.40
CA VAL H 40 76.90 8.75 -12.42
C VAL H 40 75.99 8.61 -13.64
N TYR H 41 75.70 7.38 -14.08
CA TYR H 41 74.93 7.21 -15.30
C TYR H 41 73.46 7.57 -15.08
N VAL H 42 72.92 7.14 -13.95
CA VAL H 42 71.52 7.46 -13.63
C VAL H 42 71.38 8.96 -13.40
N TYR H 43 72.40 9.58 -12.81
CA TYR H 43 72.37 11.03 -12.65
C TYR H 43 72.37 11.74 -14.00
N LYS H 44 73.21 11.27 -14.95
CA LYS H 44 73.22 11.85 -16.29
C LYS H 44 71.87 11.69 -16.99
N VAL H 45 71.33 10.47 -17.01
CA VAL H 45 70.08 10.25 -17.76
C VAL H 45 68.93 10.97 -17.07
N LEU H 46 69.03 11.18 -15.75
CA LEU H 46 68.10 12.05 -15.07
C LEU H 46 68.22 13.48 -15.60
N LYS H 47 69.44 13.94 -15.85
CA LYS H 47 69.60 15.28 -16.41
C LYS H 47 69.06 15.41 -17.83
N GLN H 48 69.24 14.40 -18.70
CA GLN H 48 68.59 14.54 -20.01
C GLN H 48 67.07 14.44 -19.90
N VAL H 49 66.54 13.64 -18.98
CA VAL H 49 65.09 13.56 -18.95
C VAL H 49 64.51 14.73 -18.15
N HIS H 50 65.29 15.28 -17.21
CA HIS H 50 64.84 16.37 -16.35
C HIS H 50 66.06 17.15 -15.89
N PRO H 51 66.41 18.23 -16.59
CA PRO H 51 67.56 19.05 -16.14
C PRO H 51 67.38 19.68 -14.77
N ASP H 52 66.13 19.90 -14.36
CA ASP H 52 65.83 20.72 -13.19
C ASP H 52 65.47 19.92 -11.94
N THR H 53 65.61 18.60 -11.94
CA THR H 53 65.23 17.80 -10.78
C THR H 53 66.45 17.22 -10.09
N GLY H 54 66.32 17.03 -8.77
CA GLY H 54 67.36 16.44 -7.97
C GLY H 54 67.14 14.97 -7.68
N ILE H 55 67.96 14.46 -6.76
CA ILE H 55 67.93 13.06 -6.39
C ILE H 55 68.44 12.94 -4.95
N SER H 56 67.85 12.01 -4.19
CA SER H 56 68.43 11.63 -2.91
C SER H 56 69.33 10.42 -3.10
N SER H 57 70.33 10.29 -2.22
CA SER H 57 71.32 9.23 -2.38
C SER H 57 70.74 7.86 -2.08
N LYS H 58 69.82 7.79 -1.11
CA LYS H 58 69.18 6.51 -0.83
C LYS H 58 68.26 6.08 -1.97
N ALA H 59 67.64 7.04 -2.66
CA ALA H 59 66.92 6.71 -3.88
C ALA H 59 67.88 6.23 -4.95
N MET H 60 69.11 6.76 -4.96
CA MET H 60 70.08 6.26 -5.92
C MET H 60 70.53 4.84 -5.55
N GLY H 61 70.57 4.53 -4.26
CA GLY H 61 70.82 3.15 -3.87
C GLY H 61 69.71 2.23 -4.33
N ILE H 62 68.47 2.70 -4.26
CA ILE H 62 67.34 1.95 -4.80
C ILE H 62 67.49 1.72 -6.29
N MET H 63 67.91 2.75 -7.03
CA MET H 63 68.18 2.60 -8.46
C MET H 63 69.34 1.65 -8.73
N ASN H 64 70.37 1.67 -7.89
CA ASN H 64 71.47 0.72 -8.04
C ASN H 64 71.00 -0.70 -7.91
N SER H 65 70.18 -0.96 -6.88
CA SER H 65 69.60 -2.29 -6.71
C SER H 65 68.67 -2.65 -7.87
N PHE H 66 67.93 -1.66 -8.37
CA PHE H 66 67.05 -1.88 -9.52
C PHE H 66 67.81 -2.30 -10.77
N VAL H 67 68.86 -1.57 -11.12
CA VAL H 67 69.58 -1.88 -12.34
C VAL H 67 70.33 -3.20 -12.21
N ASN H 68 70.93 -3.44 -11.04
CA ASN H 68 71.62 -4.71 -10.84
C ASN H 68 70.66 -5.89 -10.86
N ASP H 69 69.45 -5.71 -10.30
CA ASP H 69 68.47 -6.79 -10.26
C ASP H 69 67.93 -7.10 -11.65
N ILE H 70 67.59 -6.06 -12.42
CA ILE H 70 67.10 -6.31 -13.77
C ILE H 70 68.20 -6.89 -14.65
N PHE H 71 69.44 -6.40 -14.47
CA PHE H 71 70.56 -6.90 -15.24
C PHE H 71 70.81 -8.36 -14.95
N GLU H 72 70.73 -8.76 -13.68
CA GLU H 72 70.95 -10.18 -13.36
C GLU H 72 69.80 -11.04 -13.86
N ARG H 73 68.56 -10.51 -13.84
CA ARG H 73 67.44 -11.28 -14.38
C ARG H 73 67.62 -11.54 -15.87
N ILE H 74 67.92 -10.50 -16.63
CA ILE H 74 68.11 -10.65 -18.08
C ILE H 74 69.32 -11.53 -18.37
N ALA H 75 70.38 -11.39 -17.59
CA ALA H 75 71.58 -12.19 -17.83
C ALA H 75 71.34 -13.67 -17.53
N GLY H 76 70.63 -13.98 -16.45
CA GLY H 76 70.34 -15.37 -16.14
C GLY H 76 69.37 -16.00 -17.14
N GLU H 77 68.34 -15.25 -17.53
CA GLU H 77 67.42 -15.75 -18.55
C GLU H 77 68.14 -15.93 -19.89
N ALA H 78 69.07 -15.03 -20.20
CA ALA H 78 69.88 -15.18 -21.41
C ALA H 78 70.74 -16.42 -21.34
N SER H 79 71.28 -16.71 -20.16
CA SER H 79 72.07 -17.94 -19.98
C SER H 79 71.20 -19.17 -20.19
N ARG H 80 69.96 -19.16 -19.68
CA ARG H 80 69.09 -20.31 -19.88
C ARG H 80 68.69 -20.47 -21.35
N LEU H 81 68.38 -19.37 -22.04
CA LEU H 81 68.09 -19.44 -23.48
C LEU H 81 69.29 -19.94 -24.27
N ALA H 82 70.50 -19.51 -23.92
CA ALA H 82 71.67 -20.03 -24.59
C ALA H 82 71.87 -21.51 -24.30
N HIS H 83 71.47 -21.93 -23.09
CA HIS H 83 71.64 -23.32 -22.70
C HIS H 83 70.64 -24.23 -23.41
N TYR H 84 69.45 -23.72 -23.70
CA TYR H 84 68.40 -24.59 -24.25
C TYR H 84 68.72 -25.03 -25.67
N ASN H 85 69.19 -24.11 -26.50
CA ASN H 85 69.51 -24.43 -27.89
C ASN H 85 70.98 -24.79 -28.09
N LYS H 86 71.70 -25.07 -27.01
CA LYS H 86 73.11 -25.49 -27.04
C LYS H 86 74.00 -24.44 -27.68
N ARG H 87 73.73 -23.17 -27.42
CA ARG H 87 74.60 -22.10 -27.88
C ARG H 87 75.55 -21.68 -26.76
N SER H 88 76.85 -21.69 -27.07
CA SER H 88 77.86 -21.24 -26.12
C SER H 88 78.15 -19.75 -26.23
N THR H 89 77.61 -19.09 -27.25
CA THR H 89 77.78 -17.66 -27.44
C THR H 89 76.48 -16.97 -27.09
N ILE H 90 76.56 -15.88 -26.34
CA ILE H 90 75.37 -15.09 -26.03
C ILE H 90 75.28 -13.97 -27.06
N THR H 91 74.12 -13.85 -27.69
CA THR H 91 73.90 -12.88 -28.77
C THR H 91 72.72 -11.99 -28.41
N SER H 92 72.62 -10.89 -29.15
CA SER H 92 71.56 -9.92 -28.92
C SER H 92 70.18 -10.48 -29.23
N ARG H 93 70.10 -11.52 -30.04
CA ARG H 93 68.81 -12.07 -30.41
C ARG H 93 68.10 -12.69 -29.20
N GLU H 94 68.82 -13.49 -28.42
CA GLU H 94 68.18 -14.05 -27.23
C GLU H 94 68.07 -13.04 -26.11
N ILE H 95 68.87 -11.97 -26.14
CA ILE H 95 68.65 -10.88 -25.21
C ILE H 95 67.29 -10.25 -25.50
N GLN H 96 67.00 -10.02 -26.78
CA GLN H 96 65.72 -9.51 -27.25
C GLN H 96 64.59 -10.47 -26.92
N THR H 97 64.87 -11.77 -27.04
CA THR H 97 63.92 -12.81 -26.62
C THR H 97 63.60 -12.70 -25.13
N ALA H 98 64.62 -12.50 -24.31
CA ALA H 98 64.40 -12.38 -22.87
C ALA H 98 63.65 -11.10 -22.53
N VAL H 99 63.88 -10.05 -23.30
CA VAL H 99 63.13 -8.81 -23.11
C VAL H 99 61.65 -9.03 -23.35
N ARG H 100 61.29 -9.76 -24.41
CA ARG H 100 59.87 -10.13 -24.54
C ARG H 100 59.45 -11.06 -23.42
N LEU H 101 60.38 -11.89 -22.92
CA LEU H 101 60.03 -12.91 -21.95
C LEU H 101 59.63 -12.30 -20.61
N LEU H 102 60.40 -11.32 -20.12
CA LEU H 102 60.15 -10.78 -18.79
C LEU H 102 59.23 -9.56 -18.84
N LEU H 103 59.58 -8.60 -19.67
CA LEU H 103 58.85 -7.34 -19.69
C LEU H 103 57.51 -7.54 -20.37
N PRO H 104 56.40 -7.12 -19.75
CA PRO H 104 55.09 -7.35 -20.36
C PRO H 104 54.75 -6.31 -21.41
N GLY H 105 54.39 -6.79 -22.60
CA GLY H 105 53.69 -6.02 -23.61
C GLY H 105 54.30 -4.71 -24.08
N GLU H 106 53.70 -3.61 -23.64
CA GLU H 106 54.09 -2.26 -24.03
C GLU H 106 55.54 -1.97 -23.70
N LEU H 107 55.97 -2.31 -22.47
CA LEU H 107 57.37 -2.14 -22.09
C LEU H 107 58.26 -2.97 -22.99
N ALA H 108 57.82 -4.19 -23.31
CA ALA H 108 58.59 -5.07 -24.18
C ALA H 108 58.72 -4.50 -25.59
N LYS H 109 57.61 -4.06 -26.19
CA LYS H 109 57.69 -3.64 -27.59
C LYS H 109 58.50 -2.35 -27.73
N HIS H 110 58.29 -1.39 -26.82
CA HIS H 110 59.10 -0.19 -26.91
C HIS H 110 60.56 -0.44 -26.58
N ALA H 111 60.85 -1.29 -25.60
CA ALA H 111 62.23 -1.59 -25.25
C ALA H 111 62.93 -2.30 -26.40
N VAL H 112 62.23 -3.22 -27.07
CA VAL H 112 62.77 -3.87 -28.25
C VAL H 112 63.06 -2.83 -29.34
N SER H 113 62.18 -1.83 -29.46
CA SER H 113 62.38 -0.78 -30.45
C SER H 113 63.66 0.01 -30.17
N GLU H 114 63.85 0.47 -28.93
CA GLU H 114 65.05 1.27 -28.65
C GLU H 114 66.31 0.45 -28.76
N GLY H 115 66.27 -0.80 -28.28
CA GLY H 115 67.44 -1.65 -28.41
C GLY H 115 67.76 -1.98 -29.85
N THR H 116 66.73 -2.15 -30.68
CA THR H 116 66.93 -2.42 -32.09
C THR H 116 67.58 -1.24 -32.80
N LYS H 117 67.06 -0.03 -32.57
CA LYS H 117 67.66 1.13 -33.22
C LYS H 117 69.07 1.37 -32.69
N ALA H 118 69.28 1.10 -31.40
CA ALA H 118 70.60 1.27 -30.80
C ALA H 118 71.61 0.32 -31.43
N VAL H 119 71.22 -0.93 -31.66
CA VAL H 119 72.16 -1.87 -32.23
C VAL H 119 72.35 -1.58 -33.72
N THR H 120 71.37 -0.91 -34.36
CA THR H 120 71.63 -0.44 -35.72
C THR H 120 72.70 0.63 -35.75
N LYS H 121 72.65 1.60 -34.83
CA LYS H 121 73.75 2.58 -34.79
C LYS H 121 75.08 1.91 -34.43
N TYR H 122 75.05 0.93 -33.53
CA TYR H 122 76.29 0.25 -33.18
C TYR H 122 76.83 -0.56 -34.36
N THR H 123 75.94 -1.10 -35.18
CA THR H 123 76.36 -1.82 -36.37
C THR H 123 76.96 -0.86 -37.39
N SER H 124 76.36 0.31 -37.55
CA SER H 124 76.92 1.32 -38.44
C SER H 124 78.21 1.92 -37.91
N ALA H 125 78.43 1.86 -36.61
CA ALA H 125 79.66 2.36 -36.02
C ALA H 125 80.81 1.40 -36.30
N LYS I 38 -45.88 -35.56 47.33
CA LYS I 38 -46.95 -34.59 47.48
C LYS I 38 -48.28 -35.28 47.80
N PRO I 39 -48.98 -34.79 48.82
CA PRO I 39 -50.29 -35.35 49.16
C PRO I 39 -51.32 -35.01 48.11
N HIS I 40 -52.40 -35.79 48.09
CA HIS I 40 -53.41 -35.66 47.06
C HIS I 40 -54.26 -34.41 47.30
N ARG I 41 -54.74 -33.82 46.20
CA ARG I 41 -55.60 -32.63 46.28
C ARG I 41 -56.44 -32.55 45.02
N TYR I 42 -57.75 -32.45 45.18
CA TYR I 42 -58.64 -32.19 44.04
C TYR I 42 -58.62 -30.72 43.65
N ARG I 43 -58.94 -30.45 42.39
CA ARG I 43 -59.09 -29.10 41.86
C ARG I 43 -60.35 -28.45 42.40
N PRO I 44 -60.38 -27.12 42.49
CA PRO I 44 -61.56 -26.44 43.05
C PRO I 44 -62.82 -26.65 42.23
N GLY I 45 -63.95 -26.72 42.94
CA GLY I 45 -65.24 -26.94 42.33
C GLY I 45 -65.66 -28.39 42.26
N THR I 46 -64.71 -29.31 42.03
CA THR I 46 -65.05 -30.72 41.97
C THR I 46 -65.47 -31.25 43.32
N VAL I 47 -64.74 -30.87 44.38
CA VAL I 47 -65.20 -31.15 45.74
C VAL I 47 -66.51 -30.44 46.01
N ALA I 48 -66.65 -29.21 45.52
CA ALA I 48 -67.89 -28.47 45.69
C ALA I 48 -69.05 -29.15 44.96
N LEU I 49 -68.79 -29.66 43.74
CA LEU I 49 -69.85 -30.35 43.00
C LEU I 49 -70.21 -31.67 43.66
N ARG I 50 -69.22 -32.35 44.24
CA ARG I 50 -69.52 -33.56 45.01
C ARG I 50 -70.35 -33.23 46.24
N GLU I 51 -70.07 -32.09 46.88
CA GLU I 51 -70.92 -31.62 47.96
C GLU I 51 -72.33 -31.32 47.48
N ILE I 52 -72.46 -30.77 46.27
CA ILE I 52 -73.79 -30.51 45.68
C ILE I 52 -74.56 -31.81 45.55
N ARG I 53 -73.94 -32.82 44.94
CA ARG I 53 -74.60 -34.12 44.77
C ARG I 53 -74.93 -34.76 46.12
N ARG I 54 -73.98 -34.68 47.06
CA ARG I 54 -74.17 -35.29 48.38
C ARG I 54 -75.31 -34.65 49.14
N TYR I 55 -75.29 -33.32 49.28
CA TYR I 55 -76.26 -32.63 50.10
C TYR I 55 -77.61 -32.48 49.42
N GLN I 56 -77.65 -32.40 48.10
CA GLN I 56 -78.91 -32.38 47.39
C GLN I 56 -79.56 -33.76 47.36
N LYS I 57 -78.75 -34.82 47.34
CA LYS I 57 -79.27 -36.16 47.56
C LYS I 57 -79.79 -36.32 48.99
N SER I 58 -79.14 -35.67 49.95
CA SER I 58 -79.50 -35.77 51.34
C SER I 58 -80.83 -35.08 51.61
N THR I 59 -81.47 -35.48 52.70
CA THR I 59 -82.77 -34.95 53.08
C THR I 59 -82.78 -34.34 54.47
N GLU I 60 -81.70 -34.46 55.22
CA GLU I 60 -81.71 -34.13 56.64
C GLU I 60 -81.71 -32.61 56.85
N LEU I 61 -82.05 -32.22 58.08
CA LEU I 61 -81.93 -30.84 58.49
C LEU I 61 -80.47 -30.42 58.46
N LEU I 62 -80.21 -29.24 57.91
CA LEU I 62 -78.85 -28.90 57.49
C LEU I 62 -78.17 -27.87 58.38
N ILE I 63 -78.91 -26.94 58.98
CA ILE I 63 -78.32 -25.98 59.89
C ILE I 63 -78.33 -26.56 61.30
N ARG I 64 -77.44 -26.05 62.15
CA ARG I 64 -77.37 -26.49 63.52
C ARG I 64 -78.61 -26.05 64.29
N LYS I 65 -79.12 -26.92 65.16
CA LYS I 65 -80.42 -26.69 65.78
C LYS I 65 -80.34 -25.62 66.86
N LEU I 66 -79.45 -25.81 67.84
CA LEU I 66 -79.42 -24.93 69.01
C LEU I 66 -79.07 -23.48 68.70
N PRO I 67 -78.03 -23.14 67.92
CA PRO I 67 -77.79 -21.70 67.66
C PRO I 67 -78.90 -21.04 66.86
N PHE I 68 -79.51 -21.74 65.91
CA PHE I 68 -80.64 -21.17 65.19
C PHE I 68 -81.83 -20.96 66.10
N GLN I 69 -82.05 -21.91 67.01
CA GLN I 69 -83.14 -21.79 67.99
C GLN I 69 -82.90 -20.60 68.91
N ARG I 70 -81.64 -20.41 69.32
CA ARG I 70 -81.25 -19.25 70.10
C ARG I 70 -81.46 -17.96 69.33
N LEU I 71 -81.17 -17.97 68.03
CA LEU I 71 -81.40 -16.80 67.18
C LEU I 71 -82.89 -16.47 67.05
N VAL I 72 -83.73 -17.50 66.96
CA VAL I 72 -85.17 -17.27 66.87
C VAL I 72 -85.66 -16.64 68.18
N ARG I 73 -85.14 -17.14 69.33
CA ARG I 73 -85.45 -16.47 70.59
C ARG I 73 -84.93 -15.03 70.60
N GLU I 74 -83.72 -14.82 70.07
CA GLU I 74 -83.07 -13.51 70.08
C GLU I 74 -83.92 -12.47 69.35
N ILE I 75 -84.43 -12.85 68.18
CA ILE I 75 -85.34 -11.98 67.47
C ILE I 75 -86.66 -11.89 68.22
N ALA I 76 -87.01 -12.96 68.96
CA ALA I 76 -88.34 -13.04 69.56
C ALA I 76 -88.52 -12.13 70.77
N GLN I 77 -87.45 -11.79 71.52
CA GLN I 77 -87.69 -10.94 72.70
C GLN I 77 -88.14 -9.55 72.29
N ASP I 78 -87.70 -9.07 71.12
CA ASP I 78 -87.88 -7.68 70.72
C ASP I 78 -89.34 -7.32 70.51
N PHE I 79 -90.16 -8.24 70.04
CA PHE I 79 -91.57 -7.95 69.79
C PHE I 79 -92.46 -8.31 70.96
N LYS I 80 -92.12 -9.38 71.69
CA LYS I 80 -92.85 -9.71 72.91
C LYS I 80 -91.92 -10.46 73.85
N THR I 81 -91.87 -10.01 75.09
CA THR I 81 -90.98 -10.57 76.10
C THR I 81 -91.53 -11.91 76.61
N ASP I 82 -90.61 -12.80 76.99
CA ASP I 82 -90.87 -14.09 77.64
C ASP I 82 -91.64 -15.06 76.75
N LEU I 83 -91.28 -15.13 75.47
CA LEU I 83 -91.94 -16.05 74.56
C LEU I 83 -91.31 -17.43 74.64
N ARG I 84 -92.14 -18.47 74.66
CA ARG I 84 -91.68 -19.85 74.73
C ARG I 84 -92.05 -20.60 73.46
N PHE I 85 -91.25 -21.62 73.17
CA PHE I 85 -91.30 -22.36 71.91
C PHE I 85 -91.54 -23.83 72.20
N GLN I 86 -92.46 -24.45 71.47
CA GLN I 86 -92.40 -25.90 71.35
C GLN I 86 -91.42 -26.26 70.24
N SER I 87 -90.80 -27.43 70.37
CA SER I 87 -89.66 -27.79 69.52
C SER I 87 -90.06 -27.93 68.06
N SER I 88 -91.22 -28.54 67.81
CA SER I 88 -91.67 -28.78 66.43
C SER I 88 -91.91 -27.46 65.70
N ALA I 89 -92.32 -26.41 66.43
CA ALA I 89 -92.38 -25.08 65.83
C ALA I 89 -91.00 -24.60 65.40
N VAL I 90 -89.97 -24.92 66.20
CA VAL I 90 -88.63 -24.49 65.86
C VAL I 90 -88.12 -25.23 64.63
N MET I 91 -88.39 -26.54 64.53
CA MET I 91 -88.03 -27.24 63.30
C MET I 91 -88.83 -26.74 62.11
N ALA I 92 -90.07 -26.32 62.33
CA ALA I 92 -90.87 -25.77 61.24
C ALA I 92 -90.27 -24.46 60.74
N LEU I 93 -89.88 -23.57 61.66
CA LEU I 93 -89.18 -22.34 61.26
C LEU I 93 -87.84 -22.65 60.62
N GLN I 94 -87.15 -23.69 61.10
CA GLN I 94 -85.89 -24.15 60.52
C GLN I 94 -86.08 -24.52 59.06
N GLU I 95 -87.07 -25.37 58.77
CA GLU I 95 -87.29 -25.82 57.40
C GLU I 95 -87.80 -24.67 56.55
N ALA I 96 -88.60 -23.78 57.12
CA ALA I 96 -89.09 -22.61 56.38
C ALA I 96 -87.94 -21.71 55.96
N SER I 97 -87.03 -21.43 56.90
CA SER I 97 -85.87 -20.61 56.59
C SER I 97 -84.99 -21.28 55.55
N GLU I 98 -84.75 -22.58 55.70
CA GLU I 98 -83.92 -23.29 54.73
C GLU I 98 -84.57 -23.31 53.35
N ALA I 99 -85.90 -23.46 53.29
CA ALA I 99 -86.60 -23.48 52.01
C ALA I 99 -86.53 -22.12 51.32
N TYR I 100 -86.80 -21.05 52.07
CA TYR I 100 -86.74 -19.71 51.51
C TYR I 100 -85.34 -19.39 51.01
N LEU I 101 -84.32 -19.73 51.82
CA LEU I 101 -82.94 -19.51 51.40
C LEU I 101 -82.59 -20.33 50.17
N VAL I 102 -82.92 -21.64 50.14
CA VAL I 102 -82.47 -22.48 49.03
C VAL I 102 -83.13 -22.02 47.73
N GLY I 103 -84.41 -21.62 47.80
CA GLY I 103 -85.07 -21.07 46.63
C GLY I 103 -84.41 -19.81 46.12
N LEU I 104 -84.03 -18.92 47.05
CA LEU I 104 -83.25 -17.75 46.65
C LEU I 104 -81.93 -18.14 46.01
N PHE I 105 -81.33 -19.25 46.43
CA PHE I 105 -80.06 -19.63 45.81
C PHE I 105 -80.23 -20.26 44.42
N GLU I 106 -81.33 -20.99 44.12
CA GLU I 106 -81.50 -21.31 42.69
C GLU I 106 -81.79 -20.07 41.89
N ASP I 107 -82.46 -19.08 42.51
CA ASP I 107 -82.70 -17.81 41.84
C ASP I 107 -81.40 -17.10 41.50
N THR I 108 -80.48 -17.06 42.45
CA THR I 108 -79.19 -16.41 42.22
C THR I 108 -78.30 -17.24 41.30
N ASN I 109 -78.48 -18.56 41.26
CA ASN I 109 -77.78 -19.36 40.25
C ASN I 109 -78.26 -19.01 38.85
N LEU I 110 -79.58 -18.83 38.68
CA LEU I 110 -80.10 -18.34 37.41
C LEU I 110 -79.53 -16.97 37.08
N ALA I 111 -79.41 -16.10 38.10
CA ALA I 111 -78.81 -14.78 37.89
C ALA I 111 -77.35 -14.87 37.50
N ALA I 112 -76.59 -15.79 38.12
CA ALA I 112 -75.16 -15.90 37.85
C ALA I 112 -74.91 -16.46 36.46
N ILE I 113 -75.71 -17.46 36.05
CA ILE I 113 -75.67 -17.92 34.67
C ILE I 113 -76.05 -16.80 33.73
N HIS I 114 -77.00 -15.96 34.15
CA HIS I 114 -77.48 -14.88 33.30
C HIS I 114 -76.38 -13.87 33.02
N ALA I 115 -75.56 -13.57 34.03
CA ALA I 115 -74.45 -12.65 33.87
C ALA I 115 -73.15 -13.35 33.46
N LYS I 116 -73.25 -14.56 32.89
CA LYS I 116 -72.12 -15.34 32.40
C LYS I 116 -71.09 -15.65 33.49
N ARG I 117 -71.53 -15.77 34.74
CA ARG I 117 -70.62 -15.97 35.85
C ARG I 117 -70.92 -17.30 36.55
N VAL I 118 -69.95 -17.72 37.36
CA VAL I 118 -70.13 -18.83 38.29
C VAL I 118 -70.19 -18.35 39.73
N THR I 119 -69.85 -17.10 39.98
CA THR I 119 -69.91 -16.51 41.32
C THR I 119 -71.18 -15.69 41.42
N ILE I 120 -71.87 -15.78 42.55
CA ILE I 120 -72.92 -14.81 42.82
C ILE I 120 -72.34 -13.67 43.66
N MET I 121 -72.88 -12.47 43.46
CA MET I 121 -72.48 -11.26 44.15
C MET I 121 -73.75 -10.67 44.73
N PRO I 122 -73.65 -9.81 45.77
CA PRO I 122 -74.88 -9.39 46.49
C PRO I 122 -75.91 -8.68 45.64
N LYS I 123 -75.51 -8.08 44.51
CA LYS I 123 -76.50 -7.52 43.61
C LYS I 123 -77.35 -8.60 42.94
N ASP I 124 -76.81 -9.82 42.77
CA ASP I 124 -77.61 -10.92 42.27
C ASP I 124 -78.76 -11.24 43.22
N ILE I 125 -78.43 -11.35 44.52
CA ILE I 125 -79.43 -11.60 45.56
C ILE I 125 -80.41 -10.45 45.63
N GLN I 126 -79.90 -9.22 45.55
CA GLN I 126 -80.74 -8.03 45.65
C GLN I 126 -81.76 -7.96 44.51
N LEU I 127 -81.32 -8.25 43.28
CA LEU I 127 -82.26 -8.20 42.17
C LEU I 127 -83.21 -9.40 42.21
N ALA I 128 -82.78 -10.52 42.79
CA ALA I 128 -83.71 -11.61 43.04
C ALA I 128 -84.84 -11.17 43.96
N ARG I 129 -84.47 -10.46 45.04
CA ARG I 129 -85.44 -9.86 45.94
C ARG I 129 -86.36 -8.89 45.22
N ARG I 130 -85.79 -8.08 44.33
CA ARG I 130 -86.57 -7.03 43.66
C ARG I 130 -87.57 -7.62 42.68
N ILE I 131 -87.17 -8.65 41.93
CA ILE I 131 -88.07 -9.23 40.96
C ILE I 131 -89.12 -10.07 41.66
N ARG I 132 -88.77 -10.68 42.80
CA ARG I 132 -89.80 -11.37 43.59
C ARG I 132 -90.79 -10.41 44.24
N GLY I 133 -90.51 -9.12 44.24
CA GLY I 133 -91.51 -8.15 44.66
C GLY I 133 -91.65 -7.98 46.15
N GLU I 134 -90.54 -7.93 46.89
CA GLU I 134 -90.58 -7.74 48.33
C GLU I 134 -89.83 -6.48 48.75
N LYS J 21 -80.56 -15.39 80.02
CA LYS J 21 -81.82 -15.10 79.35
C LYS J 21 -81.63 -14.13 78.20
N VAL J 22 -80.74 -13.16 78.40
CA VAL J 22 -80.50 -12.12 77.39
C VAL J 22 -79.59 -12.68 76.31
N LEU J 23 -80.02 -12.54 75.06
CA LEU J 23 -79.23 -12.96 73.90
C LEU J 23 -79.02 -11.75 73.01
N ARG J 24 -77.78 -11.55 72.55
CA ARG J 24 -77.41 -10.35 71.83
C ARG J 24 -76.84 -10.62 70.44
N ASP J 25 -75.99 -11.61 70.28
CA ASP J 25 -75.19 -11.77 69.07
C ASP J 25 -75.31 -13.18 68.50
N ASN J 26 -76.53 -13.69 68.40
CA ASN J 26 -76.75 -14.96 67.73
C ASN J 26 -77.06 -14.79 66.24
N ILE J 27 -77.03 -13.57 65.72
CA ILE J 27 -77.16 -13.40 64.27
C ILE J 27 -75.96 -13.98 63.54
N GLN J 28 -74.78 -13.94 64.17
CA GLN J 28 -73.63 -14.67 63.66
C GLN J 28 -73.64 -16.13 64.06
N GLY J 29 -74.65 -16.58 64.82
CA GLY J 29 -74.79 -17.97 65.20
C GLY J 29 -75.01 -18.91 64.04
N ILE J 30 -75.53 -18.43 62.92
CA ILE J 30 -75.55 -19.20 61.68
C ILE J 30 -74.15 -19.08 61.09
N THR J 31 -73.52 -20.22 60.86
CA THR J 31 -72.13 -20.24 60.47
C THR J 31 -71.97 -20.00 58.98
N LYS J 32 -70.76 -19.58 58.61
CA LYS J 32 -70.39 -19.52 57.19
C LYS J 32 -70.50 -20.86 56.47
N PRO J 33 -69.98 -21.99 56.98
CA PRO J 33 -70.19 -23.26 56.25
C PRO J 33 -71.63 -23.71 56.18
N ALA J 34 -72.49 -23.28 57.12
CA ALA J 34 -73.91 -23.57 56.98
C ALA J 34 -74.50 -22.89 55.75
N ILE J 35 -74.12 -21.64 55.52
CA ILE J 35 -74.56 -20.93 54.33
C ILE J 35 -73.97 -21.57 53.08
N ARG J 36 -72.73 -22.07 53.17
CA ARG J 36 -72.17 -22.84 52.07
C ARG J 36 -72.98 -24.09 51.77
N ARG J 37 -73.44 -24.78 52.81
CA ARG J 37 -74.20 -26.01 52.59
C ARG J 37 -75.59 -25.71 52.01
N LEU J 38 -76.22 -24.63 52.45
CA LEU J 38 -77.46 -24.20 51.78
C LEU J 38 -77.20 -23.80 50.33
N ALA J 39 -76.03 -23.22 50.05
CA ALA J 39 -75.67 -22.90 48.68
C ALA J 39 -75.49 -24.17 47.84
N ARG J 40 -74.95 -25.23 48.45
CA ARG J 40 -74.85 -26.51 47.77
C ARG J 40 -76.24 -27.09 47.52
N ARG J 41 -77.16 -26.89 48.46
CA ARG J 41 -78.56 -27.23 48.21
C ARG J 41 -79.14 -26.41 47.06
N GLY J 42 -78.75 -25.15 46.94
CA GLY J 42 -79.25 -24.33 45.86
C GLY J 42 -78.55 -24.52 44.53
N GLY J 43 -77.53 -25.37 44.48
CA GLY J 43 -76.81 -25.55 43.24
C GLY J 43 -75.78 -24.49 42.95
N VAL J 44 -75.20 -23.87 43.97
CA VAL J 44 -74.17 -22.86 43.78
C VAL J 44 -72.84 -23.56 43.56
N LYS J 45 -72.16 -23.22 42.47
CA LYS J 45 -70.83 -23.77 42.24
C LYS J 45 -69.77 -23.03 43.03
N ARG J 46 -69.61 -21.73 42.82
CA ARG J 46 -68.63 -20.94 43.54
C ARG J 46 -69.34 -19.80 44.27
N ILE J 47 -69.09 -19.68 45.56
CA ILE J 47 -69.77 -18.72 46.42
C ILE J 47 -68.78 -17.62 46.80
N SER J 48 -69.24 -16.37 46.74
CA SER J 48 -68.38 -15.28 47.18
C SER J 48 -68.41 -15.14 48.70
N GLY J 49 -67.33 -14.59 49.25
CA GLY J 49 -67.25 -14.33 50.67
C GLY J 49 -68.03 -13.12 51.10
N LEU J 50 -68.44 -12.27 50.16
CA LEU J 50 -69.22 -11.10 50.47
C LEU J 50 -70.71 -11.39 50.61
N ILE J 51 -71.14 -12.63 50.33
CA ILE J 51 -72.56 -12.96 50.28
C ILE J 51 -73.14 -13.07 51.69
N TYR J 52 -72.30 -13.43 52.66
CA TYR J 52 -72.78 -14.02 53.91
C TYR J 52 -73.54 -13.02 54.77
N GLU J 53 -73.09 -11.77 54.81
CA GLU J 53 -73.75 -10.78 55.66
C GLU J 53 -75.13 -10.41 55.10
N GLU J 54 -75.27 -10.29 53.79
CA GLU J 54 -76.59 -9.98 53.23
C GLU J 54 -77.52 -11.18 53.28
N THR J 55 -76.98 -12.40 53.17
CA THR J 55 -77.83 -13.57 53.40
C THR J 55 -78.32 -13.62 54.84
N ARG J 56 -77.44 -13.28 55.79
CA ARG J 56 -77.86 -13.17 57.19
C ARG J 56 -78.92 -12.07 57.36
N GLY J 57 -78.76 -10.96 56.65
CA GLY J 57 -79.73 -9.88 56.73
C GLY J 57 -81.10 -10.27 56.19
N VAL J 58 -81.14 -10.89 55.02
CA VAL J 58 -82.42 -11.28 54.44
C VAL J 58 -83.04 -12.43 55.23
N LEU J 59 -82.18 -13.28 55.81
CA LEU J 59 -82.64 -14.35 56.69
C LEU J 59 -83.31 -13.76 57.93
N LYS J 60 -82.68 -12.73 58.52
CA LYS J 60 -83.24 -12.07 59.68
C LYS J 60 -84.52 -11.34 59.34
N VAL J 61 -84.59 -10.74 58.14
CA VAL J 61 -85.80 -10.04 57.71
C VAL J 61 -86.96 -11.03 57.56
N PHE J 62 -86.70 -12.16 56.91
CA PHE J 62 -87.75 -13.15 56.69
C PHE J 62 -88.23 -13.75 58.00
N LEU J 63 -87.30 -14.09 58.89
CA LEU J 63 -87.70 -14.57 60.22
C LEU J 63 -88.43 -13.49 61.01
N GLU J 64 -88.01 -12.23 60.91
CA GLU J 64 -88.70 -11.15 61.61
C GLU J 64 -90.14 -11.02 61.15
N ASN J 65 -90.35 -11.10 59.83
CA ASN J 65 -91.71 -11.02 59.29
C ASN J 65 -92.56 -12.19 59.77
N VAL J 66 -92.02 -13.41 59.68
CA VAL J 66 -92.86 -14.57 59.99
C VAL J 66 -93.13 -14.65 61.50
N ILE J 67 -92.17 -14.26 62.35
CA ILE J 67 -92.47 -14.39 63.77
C ILE J 67 -93.28 -13.19 64.23
N ARG J 68 -93.20 -12.06 63.53
CA ARG J 68 -94.15 -10.97 63.79
C ARG J 68 -95.56 -11.46 63.57
N ASP J 69 -95.78 -12.13 62.45
CA ASP J 69 -97.08 -12.70 62.16
C ASP J 69 -97.47 -13.72 63.23
N ALA J 70 -96.51 -14.56 63.64
CA ALA J 70 -96.77 -15.61 64.61
C ALA J 70 -97.09 -15.04 66.00
N VAL J 71 -96.37 -13.99 66.41
CA VAL J 71 -96.62 -13.46 67.74
C VAL J 71 -97.95 -12.72 67.75
N THR J 72 -98.35 -12.10 66.64
CA THR J 72 -99.71 -11.55 66.58
C THR J 72 -100.75 -12.65 66.67
N TYR J 73 -100.49 -13.79 66.00
CA TYR J 73 -101.40 -14.94 66.09
C TYR J 73 -101.53 -15.43 67.52
N THR J 74 -100.42 -15.54 68.25
CA THR J 74 -100.51 -16.11 69.59
C THR J 74 -101.03 -15.10 70.60
N GLU J 75 -100.75 -13.79 70.43
CA GLU J 75 -101.27 -12.83 71.38
C GLU J 75 -102.76 -12.60 71.13
N HIS J 76 -103.25 -12.95 69.95
CA HIS J 76 -104.68 -13.11 69.79
C HIS J 76 -105.21 -14.23 70.68
N ALA J 77 -104.49 -15.34 70.75
CA ALA J 77 -104.96 -16.49 71.51
C ALA J 77 -104.72 -16.37 73.00
N LYS J 78 -104.15 -15.25 73.46
CA LYS J 78 -103.81 -14.99 74.86
C LYS J 78 -102.83 -16.03 75.41
N ARG J 79 -102.03 -16.60 74.51
CA ARG J 79 -101.04 -17.61 74.87
C ARG J 79 -99.66 -16.98 74.88
N LYS J 80 -98.83 -17.43 75.81
CA LYS J 80 -97.45 -16.97 75.87
C LYS J 80 -96.52 -17.95 75.15
N THR J 81 -97.02 -19.09 74.73
CA THR J 81 -96.26 -20.07 73.96
C THR J 81 -96.82 -20.13 72.55
N VAL J 82 -95.93 -20.06 71.56
CA VAL J 82 -96.35 -20.17 70.16
C VAL J 82 -96.25 -21.62 69.72
N THR J 83 -97.14 -22.04 68.83
CA THR J 83 -97.21 -23.42 68.36
C THR J 83 -96.75 -23.53 66.92
N ALA J 84 -96.52 -24.78 66.50
CA ALA J 84 -96.14 -25.06 65.12
C ALA J 84 -97.28 -24.75 64.15
N MET J 85 -98.52 -24.95 64.61
CA MET J 85 -99.69 -24.58 63.82
C MET J 85 -99.65 -23.09 63.47
N ASP J 86 -99.28 -22.25 64.44
CA ASP J 86 -99.19 -20.82 64.18
C ASP J 86 -98.08 -20.51 63.17
N VAL J 87 -96.97 -21.26 63.23
CA VAL J 87 -95.88 -21.07 62.28
C VAL J 87 -96.33 -21.37 60.86
N VAL J 88 -96.93 -22.55 60.66
CA VAL J 88 -97.35 -22.92 59.31
C VAL J 88 -98.51 -22.05 58.85
N TYR J 89 -99.28 -21.51 59.80
CA TYR J 89 -100.40 -20.64 59.49
C TYR J 89 -99.92 -19.30 58.97
N ALA J 90 -98.93 -18.72 59.66
CA ALA J 90 -98.32 -17.47 59.22
C ALA J 90 -97.61 -17.64 57.89
N LEU J 91 -96.91 -18.76 57.70
CA LEU J 91 -96.29 -19.01 56.40
C LEU J 91 -97.32 -19.28 55.32
N LYS J 92 -98.50 -19.77 55.70
CA LYS J 92 -99.59 -19.91 54.74
C LYS J 92 -100.07 -18.55 54.25
N ARG J 93 -100.19 -17.59 55.16
CA ARG J 93 -100.68 -16.29 54.71
C ARG J 93 -99.62 -15.48 53.99
N GLN J 94 -98.34 -15.87 54.07
CA GLN J 94 -97.28 -15.19 53.36
C GLN J 94 -97.09 -15.68 51.92
N GLY J 95 -97.64 -16.84 51.58
CA GLY J 95 -97.39 -17.40 50.27
C GLY J 95 -96.10 -18.20 50.17
N ARG J 96 -95.59 -18.68 51.30
CA ARG J 96 -94.48 -19.63 51.37
C ARG J 96 -94.88 -20.82 52.22
N THR J 97 -95.99 -21.46 51.85
CA THR J 97 -96.56 -22.58 52.59
C THR J 97 -95.57 -23.74 52.74
N LEU J 98 -95.59 -24.34 53.92
CA LEU J 98 -94.88 -25.59 54.22
C LEU J 98 -95.93 -26.65 54.52
N TYR J 99 -95.49 -27.89 54.64
CA TYR J 99 -96.44 -28.92 55.01
C TYR J 99 -95.90 -29.70 56.20
N GLY J 100 -96.80 -30.30 56.97
CA GLY J 100 -96.43 -31.38 57.88
C GLY J 100 -96.31 -31.02 59.34
N PHE J 101 -96.93 -29.95 59.80
CA PHE J 101 -96.87 -29.57 61.21
C PHE J 101 -98.26 -29.27 61.74
N GLY J 102 -99.19 -30.16 61.45
CA GLY J 102 -100.57 -29.97 61.88
C GLY J 102 -101.36 -29.01 61.04
N GLY J 103 -100.81 -28.54 59.93
CA GLY J 103 -101.49 -27.59 59.08
C GLY J 103 -102.59 -28.19 58.24
N ALA K 28 -143.33 6.22 70.71
CA ALA K 28 -142.49 6.23 71.89
C ALA K 28 -141.05 5.86 71.54
N ARG K 29 -140.82 5.59 70.26
CA ARG K 29 -139.48 5.23 69.80
C ARG K 29 -138.60 6.48 69.74
N ALA K 30 -137.32 6.31 70.07
CA ALA K 30 -136.37 7.41 70.06
C ALA K 30 -136.09 7.88 68.63
N LYS K 31 -135.46 9.05 68.54
CA LYS K 31 -135.14 9.64 67.26
C LYS K 31 -134.11 8.79 66.52
N ALA K 32 -134.39 8.51 65.25
CA ALA K 32 -133.53 7.63 64.46
C ALA K 32 -132.23 8.35 64.11
N LYS K 33 -131.19 8.10 64.89
CA LYS K 33 -129.85 8.61 64.60
C LYS K 33 -129.03 7.42 64.09
N THR K 34 -127.88 7.68 63.45
CA THR K 34 -127.13 6.64 62.77
C THR K 34 -125.94 6.22 63.62
N ARG K 35 -125.51 4.97 63.43
CA ARG K 35 -124.40 4.46 64.24
C ARG K 35 -123.07 5.04 63.82
N SER K 36 -122.96 5.48 62.56
CA SER K 36 -121.76 6.22 62.14
C SER K 36 -121.65 7.54 62.89
N SER K 37 -122.79 8.18 63.16
CA SER K 37 -122.78 9.44 63.88
C SER K 37 -122.35 9.26 65.34
N ARG K 38 -122.87 8.22 66.01
CA ARG K 38 -122.44 7.98 67.39
C ARG K 38 -121.02 7.46 67.42
N ALA K 39 -120.57 6.85 66.33
CA ALA K 39 -119.16 6.49 66.19
C ALA K 39 -118.29 7.67 65.81
N GLY K 40 -118.89 8.81 65.46
CA GLY K 40 -118.13 9.94 64.98
C GLY K 40 -117.47 9.71 63.66
N LEU K 41 -117.97 8.77 62.86
CA LEU K 41 -117.35 8.38 61.62
C LEU K 41 -118.29 8.65 60.45
N GLN K 42 -117.72 8.65 59.25
CA GLN K 42 -118.47 9.01 58.06
C GLN K 42 -118.69 7.83 57.12
N PHE K 43 -117.87 6.80 57.20
CA PHE K 43 -118.12 5.58 56.46
C PHE K 43 -119.36 4.88 57.01
N PRO K 44 -120.12 4.18 56.14
CA PRO K 44 -121.38 3.58 56.60
C PRO K 44 -121.11 2.35 57.44
N VAL K 45 -121.27 2.50 58.76
CA VAL K 45 -120.97 1.39 59.66
C VAL K 45 -122.02 0.30 59.54
N GLY K 46 -123.29 0.69 59.43
CA GLY K 46 -124.36 -0.27 59.30
C GLY K 46 -124.30 -1.08 58.02
N ARG K 47 -123.86 -0.44 56.93
CA ARG K 47 -123.72 -1.14 55.66
C ARG K 47 -122.61 -2.18 55.73
N VAL K 48 -121.49 -1.83 56.38
CA VAL K 48 -120.41 -2.78 56.60
C VAL K 48 -120.86 -3.93 57.48
N HIS K 49 -121.65 -3.62 58.52
CA HIS K 49 -122.22 -4.65 59.39
C HIS K 49 -123.09 -5.61 58.59
N ARG K 50 -123.95 -5.07 57.71
CA ARG K 50 -124.78 -5.90 56.85
C ARG K 50 -123.95 -6.77 55.92
N LEU K 51 -122.87 -6.20 55.36
CA LEU K 51 -122.10 -6.91 54.35
C LEU K 51 -121.25 -8.01 54.98
N LEU K 52 -120.83 -7.82 56.25
CA LEU K 52 -120.19 -8.90 56.97
C LEU K 52 -121.19 -9.94 57.45
N ARG K 53 -122.42 -9.52 57.75
CA ARG K 53 -123.46 -10.46 58.15
C ARG K 53 -123.80 -11.43 57.01
N LYS K 54 -123.94 -10.91 55.81
CA LYS K 54 -124.19 -11.77 54.65
C LYS K 54 -122.93 -12.18 53.92
N GLY K 55 -121.76 -11.78 54.41
CA GLY K 55 -120.53 -12.24 53.79
C GLY K 55 -120.15 -13.67 54.12
N ASN K 56 -120.81 -14.25 55.14
CA ASN K 56 -120.53 -15.62 55.61
C ASN K 56 -119.08 -15.82 56.00
N TYR K 57 -118.65 -15.10 57.03
CA TYR K 57 -117.32 -15.28 57.59
C TYR K 57 -117.35 -15.78 59.03
N SER K 58 -118.49 -15.63 59.71
CA SER K 58 -118.76 -16.31 60.97
C SER K 58 -120.27 -16.41 61.12
N GLU K 59 -120.69 -17.13 62.16
CA GLU K 59 -122.12 -17.24 62.42
C GLU K 59 -122.69 -15.95 63.01
N ARG K 60 -121.83 -15.11 63.58
CA ARG K 60 -122.23 -13.84 64.18
C ARG K 60 -121.05 -12.89 64.28
N VAL K 61 -121.38 -11.62 64.47
CA VAL K 61 -120.41 -10.54 64.54
C VAL K 61 -120.71 -9.65 65.74
N GLY K 62 -119.67 -9.31 66.49
CA GLY K 62 -119.84 -8.40 67.60
C GLY K 62 -120.09 -6.98 67.13
N ALA K 63 -120.53 -6.14 68.08
CA ALA K 63 -120.92 -4.78 67.74
C ALA K 63 -119.71 -3.92 67.34
N GLY K 64 -118.58 -4.11 68.03
CA GLY K 64 -117.43 -3.26 67.78
C GLY K 64 -116.67 -3.55 66.51
N ALA K 65 -116.80 -4.77 65.97
CA ALA K 65 -116.04 -5.14 64.78
C ALA K 65 -116.38 -4.33 63.52
N PRO K 66 -117.65 -4.14 63.13
CA PRO K 66 -117.89 -3.29 61.95
C PRO K 66 -117.50 -1.84 62.16
N VAL K 67 -117.63 -1.34 63.40
CA VAL K 67 -117.17 0.01 63.71
C VAL K 67 -115.66 0.11 63.49
N TYR K 68 -114.93 -0.90 63.97
CA TYR K 68 -113.48 -0.92 63.83
C TYR K 68 -113.07 -0.99 62.36
N LEU K 69 -113.76 -1.82 61.59
CA LEU K 69 -113.38 -1.98 60.19
C LEU K 69 -113.77 -0.77 59.36
N ALA K 70 -114.91 -0.15 59.66
CA ALA K 70 -115.26 1.11 59.02
C ALA K 70 -114.25 2.19 59.35
N ALA K 71 -113.76 2.19 60.59
CA ALA K 71 -112.74 3.15 61.00
C ALA K 71 -111.44 2.96 60.22
N VAL K 72 -110.99 1.71 60.08
CA VAL K 72 -109.71 1.49 59.40
C VAL K 72 -109.84 1.77 57.90
N LEU K 73 -110.99 1.43 57.30
CA LEU K 73 -111.22 1.77 55.91
C LEU K 73 -111.27 3.28 55.71
N GLU K 74 -111.90 4.00 56.63
CA GLU K 74 -111.97 5.46 56.51
C GLU K 74 -110.59 6.09 56.65
N TYR K 75 -109.75 5.55 57.53
CA TYR K 75 -108.38 6.07 57.64
C TYR K 75 -107.59 5.79 56.37
N LEU K 76 -107.72 4.58 55.81
CA LEU K 76 -106.99 4.26 54.59
C LEU K 76 -107.41 5.13 53.43
N THR K 77 -108.72 5.35 53.26
CA THR K 77 -109.19 6.21 52.18
C THR K 77 -108.79 7.66 52.41
N ALA K 78 -108.77 8.10 53.67
CA ALA K 78 -108.30 9.45 53.98
C ALA K 78 -106.83 9.62 53.62
N GLU K 79 -106.01 8.62 53.92
CA GLU K 79 -104.59 8.66 53.56
C GLU K 79 -104.40 8.73 52.04
N ILE K 80 -105.09 7.82 51.32
CA ILE K 80 -104.95 7.75 49.87
C ILE K 80 -105.40 9.05 49.22
N LEU K 81 -106.55 9.58 49.62
CA LEU K 81 -107.05 10.78 48.96
C LEU K 81 -106.35 12.04 49.44
N GLU K 82 -105.74 12.02 50.63
CA GLU K 82 -104.91 13.15 51.03
C GLU K 82 -103.68 13.22 50.13
N LEU K 83 -103.04 12.07 49.90
CA LEU K 83 -101.92 12.04 48.96
C LEU K 83 -102.37 12.36 47.54
N ALA K 84 -103.58 11.94 47.18
CA ALA K 84 -104.10 12.20 45.84
C ALA K 84 -104.40 13.68 45.63
N GLY K 85 -104.98 14.34 46.62
CA GLY K 85 -105.21 15.76 46.52
C GLY K 85 -103.93 16.56 46.50
N ASN K 86 -102.93 16.13 47.29
CA ASN K 86 -101.63 16.78 47.23
C ASN K 86 -100.97 16.59 45.86
N ALA K 87 -101.13 15.40 45.27
CA ALA K 87 -100.59 15.18 43.93
C ALA K 87 -101.35 15.98 42.88
N ALA K 88 -102.65 16.19 43.10
CA ALA K 88 -103.44 17.01 42.19
C ALA K 88 -103.01 18.45 42.24
N ARG K 89 -102.78 18.97 43.45
CA ARG K 89 -102.24 20.32 43.60
C ARG K 89 -100.83 20.42 43.03
N ASP K 90 -100.09 19.30 43.07
CA ASP K 90 -98.77 19.25 42.44
C ASP K 90 -98.88 19.44 40.94
N ASN K 91 -99.93 18.89 40.32
CA ASN K 91 -100.07 18.92 38.88
C ASN K 91 -100.95 20.10 38.45
N LYS K 92 -101.14 21.07 39.35
CA LYS K 92 -101.94 22.29 39.11
C LYS K 92 -103.36 21.96 38.69
N LYS K 93 -103.93 20.91 39.29
CA LYS K 93 -105.26 20.44 38.91
C LYS K 93 -106.11 20.30 40.16
N THR K 94 -107.36 20.75 40.06
CA THR K 94 -108.30 20.56 41.16
C THR K 94 -109.13 19.29 41.01
N ARG K 95 -108.90 18.52 39.94
CA ARG K 95 -109.64 17.30 39.67
C ARG K 95 -108.66 16.14 39.66
N ILE K 96 -108.96 15.10 40.44
CA ILE K 96 -108.01 14.01 40.61
C ILE K 96 -108.22 12.95 39.53
N ILE K 97 -107.12 12.56 38.89
CA ILE K 97 -107.09 11.57 37.81
C ILE K 97 -106.50 10.31 38.43
N PRO K 98 -106.82 9.10 37.95
CA PRO K 98 -106.15 7.89 38.45
C PRO K 98 -104.63 7.90 38.31
N ARG K 99 -104.10 8.68 37.36
CA ARG K 99 -102.67 8.95 37.32
C ARG K 99 -102.18 9.54 38.64
N HIS K 100 -102.98 10.41 39.25
CA HIS K 100 -102.60 10.96 40.55
C HIS K 100 -102.63 9.89 41.64
N LEU K 101 -103.51 8.90 41.49
CA LEU K 101 -103.49 7.79 42.43
C LEU K 101 -102.21 6.97 42.28
N GLN K 102 -101.71 6.82 41.05
CA GLN K 102 -100.40 6.20 40.86
C GLN K 102 -99.29 7.00 41.51
N LEU K 103 -99.26 8.31 41.29
CA LEU K 103 -98.26 9.17 41.93
C LEU K 103 -98.40 9.15 43.45
N ALA K 104 -99.60 8.87 43.95
CA ALA K 104 -99.80 8.75 45.39
C ALA K 104 -99.25 7.43 45.92
N ILE K 105 -99.79 6.30 45.46
CA ILE K 105 -99.52 5.03 46.13
C ILE K 105 -98.14 4.51 45.77
N ARG K 106 -97.65 4.80 44.56
CA ARG K 106 -96.39 4.22 44.15
C ARG K 106 -95.21 5.02 44.69
N ASN K 107 -95.46 6.19 45.27
CA ASN K 107 -94.40 6.97 45.90
C ASN K 107 -94.40 6.87 47.42
N ASP K 108 -95.27 6.04 48.00
CA ASP K 108 -95.23 5.72 49.43
C ASP K 108 -94.95 4.24 49.55
N GLU K 109 -93.84 3.90 50.23
CA GLU K 109 -93.37 2.52 50.23
C GLU K 109 -94.26 1.62 51.08
N GLU K 110 -94.89 2.18 52.11
CA GLU K 110 -95.74 1.38 52.98
C GLU K 110 -97.06 1.04 52.31
N LEU K 111 -97.65 2.01 51.62
CA LEU K 111 -98.79 1.73 50.76
C LEU K 111 -98.40 0.85 49.57
N ASN K 112 -97.16 0.98 49.11
CA ASN K 112 -96.66 0.11 48.05
C ASN K 112 -96.66 -1.34 48.53
N LYS K 113 -96.21 -1.57 49.77
CA LYS K 113 -96.27 -2.91 50.34
C LYS K 113 -97.71 -3.35 50.56
N LEU K 114 -98.60 -2.39 50.82
CA LEU K 114 -100.02 -2.72 50.93
C LEU K 114 -100.59 -3.19 49.59
N LEU K 115 -100.24 -2.50 48.51
CA LEU K 115 -100.86 -2.73 47.20
C LEU K 115 -99.83 -3.00 46.10
N GLY K 116 -98.89 -3.90 46.37
CA GLY K 116 -97.86 -4.18 45.37
C GLY K 116 -98.37 -4.94 44.16
N ARG K 117 -99.38 -5.78 44.35
CA ARG K 117 -99.80 -6.72 43.32
C ARG K 117 -100.95 -6.21 42.48
N VAL K 118 -101.37 -4.96 42.68
CA VAL K 118 -102.55 -4.41 42.03
C VAL K 118 -102.10 -3.45 40.94
N THR K 119 -102.97 -3.22 39.96
CA THR K 119 -102.73 -2.24 38.91
C THR K 119 -103.95 -1.35 38.77
N ILE K 120 -103.73 -0.05 38.65
CA ILE K 120 -104.79 0.91 38.36
C ILE K 120 -105.02 0.96 36.86
N ALA K 121 -106.27 0.79 36.45
CA ALA K 121 -106.63 0.93 35.04
C ALA K 121 -106.47 2.38 34.60
N GLN K 122 -105.89 2.56 33.41
CA GLN K 122 -105.50 3.86 32.86
C GLN K 122 -104.62 4.65 33.81
N GLY K 123 -103.75 3.97 34.55
CA GLY K 123 -102.91 4.66 35.51
C GLY K 123 -101.47 4.84 35.07
N GLY K 124 -100.87 3.81 34.48
CA GLY K 124 -99.49 3.92 34.09
C GLY K 124 -98.53 3.68 35.25
N VAL K 125 -97.27 4.07 35.02
CA VAL K 125 -96.17 3.78 35.93
C VAL K 125 -95.51 5.13 36.26
N LEU K 126 -94.84 5.20 37.40
CA LEU K 126 -94.06 6.38 37.75
C LEU K 126 -92.92 6.58 36.76
N PRO K 127 -92.46 7.81 36.55
CA PRO K 127 -91.24 8.02 35.75
C PRO K 127 -90.03 7.48 36.49
N ASN K 128 -89.40 6.47 35.90
CA ASN K 128 -88.26 5.78 36.52
C ASN K 128 -87.29 5.42 35.42
N ILE K 129 -86.09 5.99 35.47
CA ILE K 129 -85.05 5.74 34.48
C ILE K 129 -83.83 5.22 35.21
N GLN K 130 -83.30 4.10 34.74
CA GLN K 130 -82.09 3.54 35.34
C GLN K 130 -80.90 4.43 35.03
N ALA K 131 -79.93 4.44 35.95
CA ALA K 131 -78.83 5.40 35.88
C ALA K 131 -77.91 5.13 34.69
N VAL K 132 -77.85 3.87 34.23
CA VAL K 132 -76.99 3.55 33.09
C VAL K 132 -77.60 4.06 31.79
N LEU K 133 -78.91 4.36 31.77
CA LEU K 133 -79.59 4.72 30.55
C LEU K 133 -79.28 6.13 30.08
N LEU K 134 -79.06 7.07 30.99
CA LEU K 134 -78.78 8.44 30.60
C LEU K 134 -77.36 8.56 30.03
N PRO K 135 -77.18 9.40 29.02
CA PRO K 135 -75.83 9.60 28.47
C PRO K 135 -74.96 10.43 29.40
N LYS K 136 -73.68 10.50 29.07
CA LYS K 136 -72.70 11.25 29.85
C LYS K 136 -72.94 12.75 29.74
N LYS L 31 -138.68 2.04 36.91
CA LYS L 31 -137.26 2.29 37.10
C LYS L 31 -136.45 1.01 37.10
N ARG L 32 -135.43 0.93 37.95
CA ARG L 32 -134.49 -0.17 37.96
C ARG L 32 -134.20 -0.63 39.38
N SER L 33 -133.67 -1.84 39.48
CA SER L 33 -133.06 -2.30 40.72
C SER L 33 -131.71 -1.61 40.90
N ARG L 34 -131.36 -1.37 42.16
CA ARG L 34 -130.23 -0.52 42.50
C ARG L 34 -128.92 -1.28 42.55
N LYS L 35 -127.81 -0.54 42.47
CA LYS L 35 -126.45 -1.06 42.62
C LYS L 35 -125.85 -0.40 43.86
N GLU L 36 -125.57 -1.21 44.89
CA GLU L 36 -124.96 -0.69 46.11
C GLU L 36 -123.53 -0.23 45.84
N SER L 37 -123.16 0.88 46.46
CA SER L 37 -121.87 1.49 46.16
C SER L 37 -121.33 2.19 47.39
N TYR L 38 -120.11 2.69 47.26
CA TYR L 38 -119.44 3.48 48.27
C TYR L 38 -118.96 4.83 47.75
N SER L 39 -119.72 5.46 46.85
CA SER L 39 -119.22 6.64 46.15
C SER L 39 -119.26 7.89 47.03
N VAL L 40 -120.45 8.23 47.53
CA VAL L 40 -120.63 9.51 48.21
C VAL L 40 -119.87 9.53 49.53
N TYR L 41 -119.52 8.36 50.07
CA TYR L 41 -118.72 8.33 51.27
C TYR L 41 -117.29 8.76 50.98
N VAL L 42 -116.74 8.31 49.85
CA VAL L 42 -115.43 8.79 49.41
C VAL L 42 -115.50 10.29 49.13
N TYR L 43 -116.62 10.74 48.55
CA TYR L 43 -116.79 12.16 48.26
C TYR L 43 -116.81 13.00 49.55
N LYS L 44 -117.51 12.53 50.58
CA LYS L 44 -117.61 13.33 51.81
C LYS L 44 -116.32 13.23 52.62
N VAL L 45 -115.58 12.13 52.51
CA VAL L 45 -114.23 12.10 53.09
C VAL L 45 -113.31 13.07 52.36
N LEU L 46 -113.47 13.21 51.05
CA LEU L 46 -112.77 14.26 50.31
C LEU L 46 -113.12 15.65 50.81
N LYS L 47 -114.40 15.88 51.09
CA LYS L 47 -114.82 17.13 51.74
C LYS L 47 -114.16 17.32 53.10
N GLN L 48 -113.96 16.24 53.85
CA GLN L 48 -113.29 16.36 55.14
C GLN L 48 -111.82 16.71 54.99
N VAL L 49 -111.13 16.11 54.02
CA VAL L 49 -109.67 16.26 53.99
C VAL L 49 -109.25 17.37 53.04
N HIS L 50 -110.02 17.61 51.98
CA HIS L 50 -109.64 18.59 50.96
C HIS L 50 -110.90 19.25 50.43
N PRO L 51 -111.32 20.37 51.05
CA PRO L 51 -112.61 20.97 50.70
C PRO L 51 -112.68 21.54 49.29
N ASP L 52 -111.54 21.75 48.64
CA ASP L 52 -111.50 22.50 47.39
C ASP L 52 -111.45 21.61 46.14
N THR L 53 -110.88 20.42 46.23
CA THR L 53 -110.56 19.66 45.03
C THR L 53 -111.66 18.66 44.68
N GLY L 54 -111.60 18.17 43.44
CA GLY L 54 -112.58 17.24 42.91
C GLY L 54 -111.97 15.90 42.55
N ILE L 55 -112.85 14.99 42.13
CA ILE L 55 -112.49 13.60 41.89
C ILE L 55 -113.21 13.11 40.64
N SER L 56 -112.52 12.29 39.84
CA SER L 56 -113.12 11.77 38.61
C SER L 56 -113.90 10.49 38.91
N SER L 57 -114.84 10.18 38.01
CA SER L 57 -115.71 9.03 38.19
C SER L 57 -114.93 7.72 38.04
N LYS L 58 -113.93 7.71 37.17
CA LYS L 58 -113.08 6.54 37.01
C LYS L 58 -112.34 6.21 38.31
N ALA L 59 -111.72 7.22 38.93
CA ALA L 59 -111.06 7.01 40.20
C ALA L 59 -112.07 6.70 41.31
N MET L 60 -113.32 7.14 41.13
CA MET L 60 -114.35 6.83 42.11
C MET L 60 -114.69 5.34 42.08
N GLY L 61 -114.80 4.79 40.87
CA GLY L 61 -114.96 3.34 40.75
C GLY L 61 -113.74 2.58 41.24
N ILE L 62 -112.55 3.16 41.04
CA ILE L 62 -111.33 2.60 41.62
C ILE L 62 -111.43 2.53 43.14
N MET L 63 -111.95 3.58 43.76
CA MET L 63 -112.05 3.56 45.21
C MET L 63 -113.14 2.62 45.70
N ASN L 64 -114.21 2.43 44.94
CA ASN L 64 -115.18 1.40 45.30
C ASN L 64 -114.54 0.01 45.23
N SER L 65 -113.73 -0.23 44.20
CA SER L 65 -112.96 -1.47 44.13
C SER L 65 -111.98 -1.59 45.29
N PHE L 66 -111.38 -0.47 45.68
CA PHE L 66 -110.41 -0.47 46.77
C PHE L 66 -111.07 -0.84 48.10
N VAL L 67 -112.23 -0.23 48.36
CA VAL L 67 -112.94 -0.52 49.60
C VAL L 67 -113.39 -1.97 49.62
N ASN L 68 -113.87 -2.48 48.48
CA ASN L 68 -114.27 -3.88 48.42
C ASN L 68 -113.08 -4.82 48.62
N ASP L 69 -111.92 -4.49 48.03
CA ASP L 69 -110.75 -5.35 48.13
C ASP L 69 -110.21 -5.42 49.55
N ILE L 70 -110.02 -4.26 50.18
CA ILE L 70 -109.52 -4.25 51.55
C ILE L 70 -110.55 -4.84 52.50
N PHE L 71 -111.84 -4.61 52.21
CA PHE L 71 -112.91 -5.20 52.99
C PHE L 71 -112.87 -6.73 52.94
N GLU L 72 -112.69 -7.29 51.75
CA GLU L 72 -112.72 -8.75 51.66
C GLU L 72 -111.45 -9.36 52.21
N ARG L 73 -110.30 -8.66 52.09
CA ARG L 73 -109.08 -9.15 52.72
C ARG L 73 -109.21 -9.20 54.23
N ILE L 74 -109.68 -8.12 54.84
CA ILE L 74 -109.81 -8.09 56.29
C ILE L 74 -110.89 -9.05 56.76
N ALA L 75 -111.98 -9.18 55.99
CA ALA L 75 -113.03 -10.14 56.32
C ALA L 75 -112.53 -11.57 56.26
N GLY L 76 -111.74 -11.90 55.24
CA GLY L 76 -111.19 -13.24 55.14
C GLY L 76 -110.24 -13.57 56.26
N GLU L 77 -109.36 -12.61 56.60
CA GLU L 77 -108.46 -12.85 57.73
C GLU L 77 -109.23 -12.93 59.04
N ALA L 78 -110.33 -12.18 59.17
CA ALA L 78 -111.19 -12.29 60.33
C ALA L 78 -111.81 -13.67 60.44
N SER L 79 -112.27 -14.21 59.31
CA SER L 79 -112.83 -15.56 59.30
C SER L 79 -111.78 -16.59 59.66
N ARG L 80 -110.55 -16.44 59.16
CA ARG L 80 -109.50 -17.38 59.51
C ARG L 80 -109.15 -17.32 60.99
N LEU L 81 -108.98 -16.13 61.54
CA LEU L 81 -108.68 -16.01 62.97
C LEU L 81 -109.85 -16.49 63.84
N ALA L 82 -111.08 -16.33 63.35
CA ALA L 82 -112.21 -16.88 64.07
C ALA L 82 -112.17 -18.41 64.09
N HIS L 83 -111.96 -19.02 62.92
CA HIS L 83 -111.94 -20.48 62.80
C HIS L 83 -110.78 -21.05 63.61
N TYR L 84 -109.66 -20.34 63.64
CA TYR L 84 -108.39 -20.90 64.08
C TYR L 84 -108.37 -21.07 65.59
N ASN L 85 -109.07 -20.19 66.31
CA ASN L 85 -109.28 -20.32 67.74
C ASN L 85 -110.59 -21.02 68.07
N LYS L 86 -111.26 -21.57 67.05
CA LYS L 86 -112.61 -22.17 67.17
C LYS L 86 -113.60 -21.17 67.75
N ARG L 87 -113.50 -19.92 67.33
CA ARG L 87 -114.42 -18.86 67.72
C ARG L 87 -115.38 -18.61 66.58
N SER L 88 -116.66 -18.55 66.89
CA SER L 88 -117.63 -18.30 65.83
C SER L 88 -118.29 -16.93 65.93
N THR L 89 -117.71 -16.01 66.71
CA THR L 89 -118.13 -14.62 66.75
C THR L 89 -117.02 -13.75 66.20
N ILE L 90 -117.33 -12.90 65.23
CA ILE L 90 -116.42 -11.84 64.81
C ILE L 90 -116.44 -10.74 65.84
N THR L 91 -115.34 -10.58 66.57
CA THR L 91 -115.21 -9.58 67.62
C THR L 91 -114.28 -8.46 67.13
N SER L 92 -114.22 -7.38 67.90
CA SER L 92 -113.34 -6.27 67.54
C SER L 92 -111.88 -6.65 67.71
N ARG L 93 -111.59 -7.60 68.61
CA ARG L 93 -110.21 -7.91 68.95
C ARG L 93 -109.46 -8.54 67.78
N GLU L 94 -110.05 -9.55 67.14
CA GLU L 94 -109.34 -10.18 66.03
C GLU L 94 -109.35 -9.29 64.79
N ILE L 95 -110.30 -8.36 64.70
CA ILE L 95 -110.20 -7.30 63.69
C ILE L 95 -108.97 -6.45 63.95
N GLN L 96 -108.72 -6.12 65.22
CA GLN L 96 -107.50 -5.37 65.57
C GLN L 96 -106.25 -6.16 65.21
N THR L 97 -106.25 -7.46 65.50
CA THR L 97 -105.10 -8.29 65.15
C THR L 97 -104.90 -8.39 63.65
N ALA L 98 -105.99 -8.53 62.88
CA ALA L 98 -105.87 -8.65 61.44
C ALA L 98 -105.46 -7.34 60.80
N VAL L 99 -105.91 -6.22 61.37
CA VAL L 99 -105.48 -4.90 60.92
C VAL L 99 -103.99 -4.73 61.16
N ARG L 100 -103.51 -5.16 62.33
CA ARG L 100 -102.07 -5.21 62.58
C ARG L 100 -101.38 -6.15 61.59
N LEU L 101 -102.06 -7.22 61.22
CA LEU L 101 -101.41 -8.32 60.51
C LEU L 101 -101.21 -7.96 59.04
N LEU L 102 -102.22 -7.37 58.40
CA LEU L 102 -102.14 -7.06 56.98
C LEU L 102 -101.46 -5.74 56.72
N LEU L 103 -101.89 -4.69 57.41
CA LEU L 103 -101.28 -3.39 57.23
C LEU L 103 -99.87 -3.38 57.80
N PRO L 104 -98.89 -2.84 57.07
CA PRO L 104 -97.54 -2.76 57.61
C PRO L 104 -97.35 -1.54 58.51
N GLY L 105 -96.77 -1.79 59.69
CA GLY L 105 -96.18 -0.76 60.53
C GLY L 105 -97.00 0.43 60.96
N GLU L 106 -96.65 1.60 60.42
CA GLU L 106 -97.26 2.87 60.82
C GLU L 106 -98.75 2.90 60.52
N LEU L 107 -99.16 2.36 59.36
CA LEU L 107 -100.57 2.23 59.04
C LEU L 107 -101.29 1.39 60.09
N ALA L 108 -100.66 0.28 60.50
CA ALA L 108 -101.26 -0.60 61.49
C ALA L 108 -101.42 0.11 62.83
N LYS L 109 -100.36 0.78 63.32
CA LYS L 109 -100.45 1.38 64.65
C LYS L 109 -101.39 2.57 64.68
N HIS L 110 -101.41 3.38 63.61
CA HIS L 110 -102.33 4.51 63.59
C HIS L 110 -103.76 4.04 63.39
N ALA L 111 -103.94 2.95 62.65
CA ALA L 111 -105.26 2.35 62.51
C ALA L 111 -105.75 1.81 63.84
N VAL L 112 -104.87 1.20 64.63
CA VAL L 112 -105.24 0.76 65.98
C VAL L 112 -105.65 1.93 66.85
N SER L 113 -104.86 3.02 66.81
CA SER L 113 -105.19 4.19 67.62
C SER L 113 -106.54 4.79 67.23
N GLU L 114 -106.76 4.98 65.93
CA GLU L 114 -107.99 5.62 65.47
C GLU L 114 -109.20 4.70 65.68
N GLY L 115 -109.03 3.40 65.47
CA GLY L 115 -110.12 2.47 65.68
C GLY L 115 -110.50 2.31 67.13
N THR L 116 -109.50 2.28 68.02
CA THR L 116 -109.79 2.26 69.45
C THR L 116 -110.49 3.54 69.87
N LYS L 117 -110.09 4.68 69.34
CA LYS L 117 -110.80 5.93 69.58
C LYS L 117 -112.25 5.83 69.12
N ALA L 118 -112.48 5.26 67.94
CA ALA L 118 -113.82 5.13 67.40
C ALA L 118 -114.68 4.20 68.25
N VAL L 119 -114.12 3.09 68.71
CA VAL L 119 -114.94 2.15 69.47
C VAL L 119 -115.20 2.66 70.88
N THR L 120 -114.27 3.44 71.44
CA THR L 120 -114.57 4.09 72.72
C THR L 120 -115.68 5.12 72.58
N LYS L 121 -115.71 5.87 71.47
CA LYS L 121 -116.88 6.74 71.25
C LYS L 121 -118.14 5.93 70.98
N TYR L 122 -118.02 4.76 70.34
CA TYR L 122 -119.21 3.98 70.03
C TYR L 122 -119.83 3.38 71.28
N THR L 123 -119.01 2.86 72.20
CA THR L 123 -119.55 2.30 73.44
C THR L 123 -120.11 3.38 74.35
N SER L 124 -119.62 4.62 74.20
CA SER L 124 -120.13 5.75 74.97
C SER L 124 -121.32 6.42 74.29
N ALA L 125 -121.99 5.72 73.37
CA ALA L 125 -123.18 6.20 72.64
C ALA L 125 -122.93 7.52 71.91
N LYS M 38 -78.13 19.78 4.78
CA LYS M 38 -78.09 18.54 5.54
C LYS M 38 -79.21 18.51 6.59
N PRO M 39 -80.11 17.54 6.47
CA PRO M 39 -81.17 17.41 7.47
C PRO M 39 -80.61 16.99 8.82
N HIS M 40 -81.26 17.47 9.87
CA HIS M 40 -80.84 17.12 11.22
C HIS M 40 -81.21 15.68 11.53
N ARG M 41 -80.35 15.01 12.29
CA ARG M 41 -80.63 13.64 12.71
C ARG M 41 -80.05 13.46 14.10
N TYR M 42 -80.90 13.06 15.05
CA TYR M 42 -80.45 12.90 16.42
C TYR M 42 -79.75 11.55 16.58
N ARG M 43 -78.85 11.49 17.57
CA ARG M 43 -78.19 10.23 17.88
C ARG M 43 -79.21 9.24 18.44
N PRO M 44 -79.08 7.96 18.13
CA PRO M 44 -80.07 6.97 18.57
C PRO M 44 -80.07 6.81 20.08
N GLY M 45 -81.26 6.56 20.63
CA GLY M 45 -81.47 6.51 22.05
C GLY M 45 -81.94 7.82 22.66
N THR M 46 -81.46 8.95 22.13
CA THR M 46 -81.93 10.25 22.61
C THR M 46 -83.40 10.44 22.31
N VAL M 47 -83.80 10.16 21.06
CA VAL M 47 -85.21 10.11 20.71
C VAL M 47 -85.89 9.11 21.61
N ALA M 48 -85.33 7.90 21.70
CA ALA M 48 -85.95 6.79 22.43
C ALA M 48 -86.20 7.17 23.89
N LEU M 49 -85.21 7.81 24.52
CA LEU M 49 -85.42 8.35 25.87
C LEU M 49 -86.52 9.39 25.90
N ARG M 50 -86.63 10.22 24.86
CA ARG M 50 -87.70 11.21 24.86
C ARG M 50 -89.08 10.57 24.79
N GLU M 51 -89.29 9.53 23.97
CA GLU M 51 -90.63 8.93 24.02
C GLU M 51 -90.81 8.03 25.25
N ILE M 52 -89.71 7.52 25.86
CA ILE M 52 -89.85 6.91 27.18
C ILE M 52 -90.45 7.90 28.17
N ARG M 53 -89.90 9.11 28.20
CA ARG M 53 -90.45 10.16 29.07
C ARG M 53 -91.87 10.51 28.66
N ARG M 54 -92.15 10.53 27.35
CA ARG M 54 -93.44 10.94 26.83
C ARG M 54 -94.55 9.97 27.25
N TYR M 55 -94.41 8.69 26.91
CA TYR M 55 -95.46 7.76 27.34
C TYR M 55 -95.39 7.44 28.83
N GLN M 56 -94.26 7.68 29.49
CA GLN M 56 -94.23 7.37 30.90
C GLN M 56 -94.87 8.45 31.75
N LYS M 57 -94.85 9.71 31.31
CA LYS M 57 -95.66 10.69 32.00
C LYS M 57 -97.13 10.61 31.56
N SER M 58 -97.39 9.88 30.48
CA SER M 58 -98.74 9.72 29.97
C SER M 58 -99.52 8.73 30.83
N THR M 59 -100.80 8.59 30.49
CA THR M 59 -101.67 7.62 31.16
C THR M 59 -102.56 6.88 30.19
N GLU M 60 -102.48 7.17 28.90
CA GLU M 60 -103.41 6.62 27.93
C GLU M 60 -102.96 5.23 27.46
N LEU M 61 -103.87 4.58 26.75
CA LEU M 61 -103.66 3.25 26.20
C LEU M 61 -102.62 3.29 25.07
N LEU M 62 -101.86 2.21 24.94
CA LEU M 62 -100.84 2.12 23.90
C LEU M 62 -101.21 1.17 22.76
N ILE M 63 -101.88 0.08 23.04
CA ILE M 63 -102.18 -0.95 22.04
C ILE M 63 -103.54 -0.67 21.42
N ARG M 64 -103.61 -0.82 20.09
CA ARG M 64 -104.84 -0.56 19.34
C ARG M 64 -105.93 -1.54 19.76
N LYS M 65 -107.14 -1.01 19.99
CA LYS M 65 -108.16 -1.80 20.65
C LYS M 65 -108.84 -2.80 19.71
N LEU M 66 -108.95 -2.46 18.42
CA LEU M 66 -109.64 -3.38 17.51
C LEU M 66 -108.87 -4.63 17.11
N PRO M 67 -107.58 -4.58 16.69
CA PRO M 67 -106.87 -5.85 16.43
C PRO M 67 -106.74 -6.70 17.66
N PHE M 68 -106.52 -6.06 18.82
CA PHE M 68 -106.42 -6.80 20.06
C PHE M 68 -107.76 -7.43 20.44
N GLN M 69 -108.85 -6.72 20.17
CA GLN M 69 -110.17 -7.25 20.49
C GLN M 69 -110.51 -8.42 19.56
N ARG M 70 -110.04 -8.34 18.31
CA ARG M 70 -110.10 -9.49 17.41
C ARG M 70 -109.32 -10.66 17.97
N LEU M 71 -108.14 -10.39 18.54
CA LEU M 71 -107.33 -11.44 19.16
C LEU M 71 -108.06 -12.06 20.35
N VAL M 72 -108.78 -11.24 21.11
CA VAL M 72 -109.54 -11.74 22.26
C VAL M 72 -110.65 -12.67 21.79
N ARG M 73 -111.39 -12.28 20.74
CA ARG M 73 -112.38 -13.20 20.19
C ARG M 73 -111.76 -14.47 19.63
N GLU M 74 -110.58 -14.35 19.01
CA GLU M 74 -109.91 -15.51 18.45
C GLU M 74 -109.50 -16.50 19.53
N ILE M 75 -108.93 -16.00 20.64
CA ILE M 75 -108.48 -16.88 21.70
C ILE M 75 -109.65 -17.42 22.49
N ALA M 76 -110.77 -16.70 22.51
CA ALA M 76 -111.97 -17.21 23.15
C ALA M 76 -112.65 -18.27 22.30
N GLN M 77 -112.46 -18.18 20.98
CA GLN M 77 -113.15 -19.04 20.03
C GLN M 77 -112.77 -20.51 20.16
N ASP M 78 -111.52 -20.82 20.52
CA ASP M 78 -111.05 -22.20 20.57
C ASP M 78 -111.58 -22.99 21.76
N PHE M 79 -112.27 -22.35 22.70
CA PHE M 79 -112.85 -23.05 23.84
C PHE M 79 -114.34 -23.21 23.73
N LYS M 80 -115.07 -22.13 23.44
CA LYS M 80 -116.51 -22.19 23.24
C LYS M 80 -116.86 -21.27 22.08
N THR M 81 -117.80 -21.70 21.24
CA THR M 81 -118.23 -20.88 20.13
C THR M 81 -119.28 -19.86 20.59
N ASP M 82 -119.45 -18.81 19.78
CA ASP M 82 -120.50 -17.80 19.92
C ASP M 82 -120.38 -17.06 21.26
N LEU M 83 -119.22 -16.47 21.51
CA LEU M 83 -119.06 -15.62 22.69
C LEU M 83 -119.28 -14.16 22.34
N ARG M 84 -119.78 -13.41 23.31
CA ARG M 84 -120.01 -11.98 23.17
C ARG M 84 -119.22 -11.25 24.24
N PHE M 85 -118.82 -10.02 23.92
CA PHE M 85 -117.92 -9.27 24.80
C PHE M 85 -118.47 -7.89 25.06
N GLN M 86 -118.59 -7.53 26.33
CA GLN M 86 -118.82 -6.14 26.69
C GLN M 86 -117.59 -5.33 26.30
N SER M 87 -117.83 -4.10 25.82
CA SER M 87 -116.72 -3.23 25.43
C SER M 87 -115.83 -2.91 26.62
N SER M 88 -116.44 -2.60 27.76
CA SER M 88 -115.66 -2.36 28.98
C SER M 88 -114.94 -3.61 29.43
N ALA M 89 -115.50 -4.78 29.16
CA ALA M 89 -114.84 -6.04 29.55
C ALA M 89 -113.55 -6.25 28.77
N VAL M 90 -113.61 -6.10 27.45
CA VAL M 90 -112.41 -6.32 26.65
C VAL M 90 -111.41 -5.19 26.90
N MET M 91 -111.90 -3.98 27.22
CA MET M 91 -110.99 -2.93 27.65
C MET M 91 -110.28 -3.31 28.95
N ALA M 92 -111.02 -3.83 29.93
CA ALA M 92 -110.42 -4.17 31.22
C ALA M 92 -109.38 -5.27 31.08
N LEU M 93 -109.70 -6.28 30.26
CA LEU M 93 -108.71 -7.28 29.88
C LEU M 93 -107.53 -6.63 29.18
N GLN M 94 -107.77 -5.54 28.44
CA GLN M 94 -106.68 -4.90 27.74
C GLN M 94 -105.71 -4.22 28.69
N GLU M 95 -106.20 -3.42 29.67
CA GLU M 95 -105.25 -2.85 30.63
C GLU M 95 -104.60 -3.92 31.48
N ALA M 96 -105.30 -5.04 31.73
CA ALA M 96 -104.63 -6.17 32.35
C ALA M 96 -103.46 -6.66 31.49
N SER M 97 -103.65 -6.67 30.17
CA SER M 97 -102.60 -7.11 29.25
C SER M 97 -101.39 -6.19 29.30
N GLU M 98 -101.58 -4.87 29.17
CA GLU M 98 -100.35 -4.06 29.21
C GLU M 98 -99.81 -3.97 30.63
N ALA M 99 -100.64 -4.22 31.65
CA ALA M 99 -100.12 -4.25 33.01
C ALA M 99 -99.12 -5.37 33.19
N TYR M 100 -99.52 -6.60 32.82
CA TYR M 100 -98.60 -7.73 32.92
C TYR M 100 -97.40 -7.55 32.01
N LEU M 101 -97.62 -7.00 30.81
CA LEU M 101 -96.52 -6.80 29.88
C LEU M 101 -95.52 -5.76 30.40
N VAL M 102 -95.99 -4.64 30.96
CA VAL M 102 -95.07 -3.62 31.40
C VAL M 102 -94.32 -4.07 32.64
N GLY M 103 -94.99 -4.84 33.52
CA GLY M 103 -94.32 -5.36 34.70
C GLY M 103 -93.22 -6.35 34.34
N LEU M 104 -93.52 -7.25 33.41
CA LEU M 104 -92.49 -8.10 32.83
C LEU M 104 -91.39 -7.27 32.19
N PHE M 105 -91.74 -6.10 31.65
CA PHE M 105 -90.70 -5.28 31.01
C PHE M 105 -89.76 -4.61 32.00
N GLU M 106 -90.21 -4.13 33.18
CA GLU M 106 -89.16 -3.62 34.08
C GLU M 106 -88.40 -4.79 34.68
N ASP M 107 -89.05 -5.96 34.79
CA ASP M 107 -88.33 -7.16 35.20
C ASP M 107 -87.18 -7.49 34.25
N THR M 108 -87.47 -7.50 32.96
CA THR M 108 -86.43 -7.78 31.97
C THR M 108 -85.46 -6.63 31.83
N ASN M 109 -85.89 -5.40 32.13
CA ASN M 109 -84.97 -4.27 32.11
C ASN M 109 -83.92 -4.40 33.21
N LEU M 110 -84.35 -4.79 34.41
CA LEU M 110 -83.41 -5.06 35.48
C LEU M 110 -82.51 -6.24 35.13
N ALA M 111 -83.09 -7.27 34.48
CA ALA M 111 -82.28 -8.40 34.03
C ALA M 111 -81.22 -7.99 33.01
N ALA M 112 -81.58 -7.06 32.11
CA ALA M 112 -80.66 -6.65 31.06
C ALA M 112 -79.56 -5.76 31.61
N ILE M 113 -79.89 -4.84 32.52
CA ILE M 113 -78.85 -4.00 33.10
C ILE M 113 -78.01 -4.80 34.08
N HIS M 114 -78.53 -5.94 34.54
CA HIS M 114 -77.75 -6.83 35.40
C HIS M 114 -76.54 -7.38 34.64
N ALA M 115 -76.74 -7.74 33.38
CA ALA M 115 -75.67 -8.28 32.54
C ALA M 115 -74.83 -7.21 31.87
N LYS M 116 -74.81 -5.99 32.43
CA LYS M 116 -74.05 -4.85 31.92
C LYS M 116 -74.42 -4.48 30.50
N ARG M 117 -75.67 -4.72 30.11
CA ARG M 117 -76.15 -4.46 28.76
C ARG M 117 -77.34 -3.50 28.80
N VAL M 118 -77.60 -2.90 27.63
CA VAL M 118 -78.83 -2.17 27.41
C VAL M 118 -79.73 -2.83 26.38
N THR M 119 -79.22 -3.79 25.60
CA THR M 119 -80.02 -4.52 24.63
C THR M 119 -80.78 -5.64 25.33
N ILE M 120 -82.06 -5.76 25.02
CA ILE M 120 -82.89 -6.81 25.58
C ILE M 120 -82.85 -8.03 24.66
N MET M 121 -82.76 -9.21 25.25
CA MET M 121 -82.80 -10.47 24.50
C MET M 121 -83.84 -11.37 25.13
N PRO M 122 -84.43 -12.30 24.35
CA PRO M 122 -85.49 -13.17 24.91
C PRO M 122 -85.02 -14.08 26.03
N LYS M 123 -83.71 -14.33 26.12
CA LYS M 123 -83.15 -15.04 27.25
C LYS M 123 -83.40 -14.30 28.56
N ASP M 124 -83.40 -12.96 28.51
CA ASP M 124 -83.80 -12.18 29.68
C ASP M 124 -85.27 -12.40 30.02
N ILE M 125 -86.12 -12.51 29.00
CA ILE M 125 -87.54 -12.75 29.22
C ILE M 125 -87.76 -14.11 29.85
N GLN M 126 -86.99 -15.11 29.39
CA GLN M 126 -87.06 -16.44 29.97
C GLN M 126 -86.63 -16.43 31.43
N LEU M 127 -85.58 -15.65 31.73
CA LEU M 127 -85.17 -15.47 33.13
C LEU M 127 -86.29 -14.88 33.96
N ALA M 128 -86.94 -13.83 33.43
CA ALA M 128 -87.99 -13.13 34.17
C ALA M 128 -89.19 -14.04 34.43
N ARG M 129 -89.54 -14.85 33.43
CA ARG M 129 -90.62 -15.80 33.60
C ARG M 129 -90.26 -16.88 34.61
N ARG M 130 -89.00 -17.31 34.63
CA ARG M 130 -88.63 -18.40 35.54
C ARG M 130 -88.56 -17.91 36.98
N ILE M 131 -88.05 -16.69 37.20
CA ILE M 131 -88.04 -16.13 38.55
C ILE M 131 -89.45 -15.79 39.01
N ARG M 132 -90.33 -15.38 38.08
CA ARG M 132 -91.68 -15.01 38.47
C ARG M 132 -92.51 -16.23 38.89
N GLY M 133 -92.12 -17.42 38.46
CA GLY M 133 -92.90 -18.61 38.76
C GLY M 133 -93.95 -18.92 37.73
N GLU M 134 -93.57 -19.05 36.47
CA GLU M 134 -94.53 -19.05 35.37
C GLU M 134 -93.96 -19.75 34.14
N LYS N 21 -115.50 -15.60 9.01
CA LYS N 21 -116.07 -15.82 10.34
C LYS N 21 -115.00 -16.23 11.35
N VAL N 22 -114.30 -17.33 11.06
CA VAL N 22 -113.23 -17.77 11.95
C VAL N 22 -112.00 -16.89 11.75
N LEU N 23 -111.12 -16.92 12.75
CA LEU N 23 -109.92 -16.11 12.75
C LEU N 23 -108.70 -17.01 12.91
N ARG N 24 -107.63 -16.67 12.22
CA ARG N 24 -106.43 -17.51 12.22
C ARG N 24 -105.17 -16.77 12.65
N ASP N 25 -104.99 -15.52 12.22
CA ASP N 25 -103.75 -14.78 12.53
C ASP N 25 -104.10 -13.39 13.07
N ASN N 26 -104.32 -13.31 14.38
CA ASN N 26 -104.46 -12.04 15.06
C ASN N 26 -103.29 -11.72 15.97
N ILE N 27 -102.36 -12.66 16.16
CA ILE N 27 -101.19 -12.39 16.97
C ILE N 27 -100.25 -11.43 16.25
N GLN N 28 -100.34 -11.37 14.91
CA GLN N 28 -99.67 -10.33 14.16
C GLN N 28 -100.37 -8.98 14.29
N GLY N 29 -101.61 -8.95 14.78
CA GLY N 29 -102.31 -7.70 15.00
C GLY N 29 -101.78 -6.87 16.13
N ILE N 30 -100.94 -7.45 17.00
CA ILE N 30 -100.27 -6.72 18.05
C ILE N 30 -98.93 -6.30 17.45
N THR N 31 -98.88 -5.08 16.93
CA THR N 31 -97.85 -4.70 15.97
C THR N 31 -96.53 -4.35 16.64
N LYS N 32 -95.50 -4.25 15.81
CA LYS N 32 -94.13 -3.97 16.24
C LYS N 32 -93.96 -2.64 16.99
N PRO N 33 -94.41 -1.48 16.47
CA PRO N 33 -94.18 -0.24 17.26
C PRO N 33 -95.02 -0.17 18.51
N ALA N 34 -96.14 -0.90 18.58
CA ALA N 34 -96.91 -0.95 19.82
C ALA N 34 -96.16 -1.68 20.91
N ILE N 35 -95.55 -2.82 20.58
CA ILE N 35 -94.66 -3.52 21.50
C ILE N 35 -93.49 -2.63 21.89
N ARG N 36 -92.97 -1.88 20.92
CA ARG N 36 -91.89 -0.93 21.22
C ARG N 36 -92.32 0.10 22.25
N ARG N 37 -93.50 0.70 22.05
CA ARG N 37 -94.01 1.72 22.96
C ARG N 37 -94.30 1.14 24.33
N LEU N 38 -94.74 -0.11 24.39
CA LEU N 38 -94.86 -0.81 25.67
C LEU N 38 -93.51 -0.94 26.35
N ALA N 39 -92.45 -1.23 25.58
CA ALA N 39 -91.12 -1.31 26.15
C ALA N 39 -90.63 0.06 26.63
N ARG N 40 -91.03 1.14 25.95
CA ARG N 40 -90.81 2.47 26.49
C ARG N 40 -91.55 2.68 27.81
N ARG N 41 -92.77 2.15 27.93
CA ARG N 41 -93.46 2.23 29.22
C ARG N 41 -92.75 1.38 30.26
N GLY N 42 -92.11 0.29 29.85
CA GLY N 42 -91.23 -0.42 30.74
C GLY N 42 -89.84 0.18 30.87
N GLY N 43 -89.55 1.25 30.14
CA GLY N 43 -88.26 1.88 30.21
C GLY N 43 -87.16 1.19 29.44
N VAL N 44 -87.49 0.33 28.50
CA VAL N 44 -86.50 -0.38 27.71
C VAL N 44 -86.01 0.53 26.60
N LYS N 45 -84.70 0.63 26.45
CA LYS N 45 -84.13 1.54 25.46
C LYS N 45 -84.16 0.98 24.04
N ARG N 46 -83.46 -0.12 23.80
CA ARG N 46 -83.30 -0.65 22.45
C ARG N 46 -83.71 -2.12 22.46
N ILE N 47 -84.46 -2.52 21.43
CA ILE N 47 -85.20 -3.79 21.45
C ILE N 47 -84.74 -4.63 20.26
N SER N 48 -84.29 -5.85 20.54
CA SER N 48 -83.83 -6.74 19.48
C SER N 48 -85.02 -7.31 18.69
N GLY N 49 -84.70 -7.90 17.54
CA GLY N 49 -85.71 -8.48 16.68
C GLY N 49 -86.39 -9.71 17.26
N LEU N 50 -85.63 -10.57 17.95
CA LEU N 50 -86.16 -11.80 18.49
C LEU N 50 -87.07 -11.58 19.70
N ILE N 51 -87.12 -10.36 20.24
CA ILE N 51 -88.01 -10.01 21.34
C ILE N 51 -89.46 -10.24 20.97
N TYR N 52 -89.83 -9.89 19.73
CA TYR N 52 -91.21 -9.61 19.38
C TYR N 52 -92.09 -10.84 19.49
N GLU N 53 -91.65 -11.95 18.89
CA GLU N 53 -92.44 -13.18 18.94
C GLU N 53 -92.48 -13.75 20.37
N GLU N 54 -91.45 -13.50 21.16
CA GLU N 54 -91.46 -13.96 22.55
C GLU N 54 -92.50 -13.20 23.37
N THR N 55 -92.58 -11.88 23.18
CA THR N 55 -93.64 -11.11 23.83
C THR N 55 -95.01 -11.52 23.33
N ARG N 56 -95.12 -11.82 22.02
CA ARG N 56 -96.39 -12.32 21.48
C ARG N 56 -96.78 -13.63 22.15
N GLY N 57 -95.82 -14.52 22.34
CA GLY N 57 -96.11 -15.80 22.97
C GLY N 57 -96.52 -15.67 24.43
N VAL N 58 -95.79 -14.85 25.19
CA VAL N 58 -96.12 -14.75 26.62
C VAL N 58 -97.42 -13.98 26.81
N LEU N 59 -97.70 -13.03 25.90
CA LEU N 59 -99.02 -12.41 25.85
C LEU N 59 -100.09 -13.45 25.58
N LYS N 60 -99.84 -14.36 24.62
CA LYS N 60 -100.81 -15.38 24.29
C LYS N 60 -101.08 -16.29 25.49
N VAL N 61 -100.02 -16.66 26.22
CA VAL N 61 -100.16 -17.55 27.37
C VAL N 61 -100.96 -16.87 28.48
N PHE N 62 -100.60 -15.63 28.81
CA PHE N 62 -101.31 -14.91 29.87
C PHE N 62 -102.77 -14.71 29.51
N LEU N 63 -103.03 -14.30 28.27
CA LEU N 63 -104.41 -14.08 27.83
C LEU N 63 -105.21 -15.37 27.82
N GLU N 64 -104.64 -16.49 27.35
CA GLU N 64 -105.43 -17.72 27.29
C GLU N 64 -105.70 -18.23 28.70
N ASN N 65 -104.73 -18.07 29.59
CA ASN N 65 -104.91 -18.52 30.98
C ASN N 65 -106.02 -17.71 31.66
N VAL N 66 -106.10 -16.41 31.38
CA VAL N 66 -107.15 -15.64 32.04
C VAL N 66 -108.50 -15.85 31.34
N ILE N 67 -108.51 -16.04 30.02
CA ILE N 67 -109.80 -16.04 29.34
C ILE N 67 -110.45 -17.42 29.51
N ARG N 68 -109.64 -18.47 29.72
CA ARG N 68 -110.18 -19.77 30.05
C ARG N 68 -110.89 -19.73 31.39
N ASP N 69 -110.28 -19.07 32.37
CA ASP N 69 -110.91 -18.91 33.67
C ASP N 69 -112.17 -18.09 33.55
N ALA N 70 -112.13 -17.03 32.73
CA ALA N 70 -113.30 -16.18 32.54
C ALA N 70 -114.45 -16.94 31.87
N VAL N 71 -114.15 -17.77 30.88
CA VAL N 71 -115.22 -18.46 30.19
C VAL N 71 -115.77 -19.57 31.08
N THR N 72 -114.96 -20.12 31.98
CA THR N 72 -115.53 -21.04 32.97
C THR N 72 -116.43 -20.29 33.96
N TYR N 73 -116.08 -19.05 34.30
CA TYR N 73 -116.99 -18.23 35.10
C TYR N 73 -118.31 -17.99 34.38
N THR N 74 -118.25 -17.70 33.07
CA THR N 74 -119.47 -17.47 32.32
C THR N 74 -120.30 -18.74 32.17
N GLU N 75 -119.63 -19.89 31.98
CA GLU N 75 -120.36 -21.16 31.91
C GLU N 75 -120.99 -21.50 33.24
N HIS N 76 -120.36 -21.10 34.35
CA HIS N 76 -121.05 -21.16 35.63
C HIS N 76 -122.25 -20.21 35.65
N ALA N 77 -122.10 -19.03 35.06
CA ALA N 77 -123.19 -18.07 35.00
C ALA N 77 -124.28 -18.48 34.03
N LYS N 78 -124.05 -19.50 33.20
CA LYS N 78 -124.91 -19.90 32.09
C LYS N 78 -125.12 -18.74 31.12
N ARG N 79 -124.10 -17.91 30.95
CA ARG N 79 -124.18 -16.69 30.20
C ARG N 79 -123.23 -16.76 29.00
N LYS N 80 -123.75 -16.39 27.82
CA LYS N 80 -122.98 -16.47 26.60
C LYS N 80 -122.16 -15.22 26.33
N THR N 81 -122.13 -14.28 27.27
CA THR N 81 -121.41 -13.02 27.12
C THR N 81 -120.31 -12.94 28.16
N VAL N 82 -119.11 -12.57 27.74
CA VAL N 82 -118.04 -12.31 28.70
C VAL N 82 -118.26 -10.93 29.31
N THR N 83 -118.35 -10.88 30.62
CA THR N 83 -118.60 -9.64 31.34
C THR N 83 -117.32 -9.17 32.03
N ALA N 84 -117.28 -7.87 32.32
CA ALA N 84 -116.13 -7.28 32.98
C ALA N 84 -115.99 -7.81 34.40
N MET N 85 -117.12 -8.18 35.03
CA MET N 85 -117.11 -8.68 36.39
C MET N 85 -116.26 -9.94 36.49
N ASP N 86 -116.46 -10.87 35.57
CA ASP N 86 -115.74 -12.13 35.63
C ASP N 86 -114.29 -11.96 35.20
N VAL N 87 -114.00 -10.96 34.36
CA VAL N 87 -112.61 -10.67 34.02
C VAL N 87 -111.85 -10.16 35.24
N VAL N 88 -112.44 -9.19 35.96
CA VAL N 88 -111.82 -8.71 37.20
C VAL N 88 -111.71 -9.83 38.22
N TYR N 89 -112.70 -10.72 38.22
CA TYR N 89 -112.76 -11.77 39.22
C TYR N 89 -111.68 -12.83 38.97
N ALA N 90 -111.48 -13.20 37.70
CA ALA N 90 -110.47 -14.18 37.34
C ALA N 90 -109.07 -13.61 37.48
N LEU N 91 -108.90 -12.32 37.17
CA LEU N 91 -107.61 -11.69 37.44
C LEU N 91 -107.35 -11.56 38.94
N LYS N 92 -108.41 -11.42 39.74
CA LYS N 92 -108.26 -11.46 41.19
C LYS N 92 -107.79 -12.83 41.65
N ARG N 93 -108.37 -13.90 41.09
CA ARG N 93 -107.96 -15.23 41.48
C ARG N 93 -106.53 -15.54 41.05
N GLN N 94 -106.11 -14.99 39.91
CA GLN N 94 -104.79 -15.27 39.38
C GLN N 94 -103.72 -14.39 40.04
N GLY N 95 -104.08 -13.66 41.09
CA GLY N 95 -103.13 -12.87 41.85
C GLY N 95 -102.79 -11.53 41.26
N ARG N 96 -103.55 -11.08 40.26
CA ARG N 96 -103.31 -9.84 39.54
C ARG N 96 -104.58 -9.02 39.50
N THR N 97 -105.20 -8.81 40.66
CA THR N 97 -106.46 -8.09 40.75
C THR N 97 -106.30 -6.66 40.25
N LEU N 98 -107.33 -6.16 39.58
CA LEU N 98 -107.25 -4.94 38.80
C LEU N 98 -108.26 -3.96 39.36
N TYR N 99 -107.86 -2.69 39.43
CA TYR N 99 -108.68 -1.63 39.98
C TYR N 99 -109.23 -0.77 38.85
N GLY N 100 -110.52 -0.46 38.94
CA GLY N 100 -111.15 0.42 37.97
C GLY N 100 -112.27 -0.18 37.18
N PHE N 101 -112.63 -1.45 37.40
CA PHE N 101 -113.70 -2.05 36.65
C PHE N 101 -114.63 -2.89 37.53
N GLY N 102 -114.35 -2.98 38.83
CA GLY N 102 -115.28 -3.62 39.73
C GLY N 102 -116.57 -2.83 39.85
N GLY N 103 -117.69 -3.55 39.75
CA GLY N 103 -118.99 -2.92 39.76
C GLY N 103 -119.35 -2.22 38.45
N ALA O 28 -136.81 -52.74 62.52
CA ALA O 28 -137.34 -51.48 63.04
C ALA O 28 -136.81 -50.31 62.24
N ARG O 29 -135.48 -50.21 62.14
CA ARG O 29 -134.84 -49.14 61.39
C ARG O 29 -133.87 -49.76 60.40
N ALA O 30 -133.55 -49.00 59.35
CA ALA O 30 -132.73 -49.50 58.27
C ALA O 30 -131.30 -49.79 58.74
N LYS O 31 -130.66 -50.76 58.06
CA LYS O 31 -129.29 -51.13 58.40
C LYS O 31 -128.34 -50.01 58.03
N ALA O 32 -127.36 -49.76 58.90
CA ALA O 32 -126.45 -48.64 58.71
C ALA O 32 -125.50 -48.88 57.54
N LYS O 33 -125.49 -47.95 56.61
CA LYS O 33 -124.63 -48.01 55.43
C LYS O 33 -124.11 -46.60 55.18
N THR O 34 -122.79 -46.44 55.19
CA THR O 34 -122.22 -45.10 55.02
C THR O 34 -122.33 -44.65 53.57
N ARG O 35 -122.42 -43.33 53.38
CA ARG O 35 -122.64 -42.79 52.06
C ARG O 35 -121.40 -42.91 51.17
N SER O 36 -120.23 -43.01 51.78
CA SER O 36 -119.02 -43.27 51.00
C SER O 36 -119.07 -44.65 50.35
N SER O 37 -119.63 -45.63 51.06
CA SER O 37 -119.77 -46.97 50.49
C SER O 37 -120.80 -47.00 49.36
N ARG O 38 -121.92 -46.28 49.54
CA ARG O 38 -122.92 -46.21 48.47
C ARG O 38 -122.36 -45.51 47.25
N ALA O 39 -121.55 -44.47 47.47
CA ALA O 39 -120.76 -43.89 46.40
C ALA O 39 -119.66 -44.83 45.93
N GLY O 40 -119.14 -45.68 46.80
CA GLY O 40 -117.98 -46.49 46.47
C GLY O 40 -116.67 -45.75 46.59
N LEU O 41 -116.60 -44.77 47.48
CA LEU O 41 -115.45 -43.90 47.61
C LEU O 41 -114.87 -44.07 49.02
N GLN O 42 -113.60 -43.71 49.19
CA GLN O 42 -112.85 -44.07 50.40
C GLN O 42 -112.81 -42.96 51.45
N PHE O 43 -112.59 -41.70 51.06
CA PHE O 43 -112.63 -40.64 52.07
C PHE O 43 -114.06 -40.43 52.57
N PRO O 44 -114.21 -40.07 53.86
CA PRO O 44 -115.55 -39.96 54.45
C PRO O 44 -116.30 -38.76 53.92
N VAL O 45 -117.34 -39.03 53.13
CA VAL O 45 -118.15 -37.96 52.56
C VAL O 45 -118.92 -37.23 53.66
N GLY O 46 -119.35 -37.97 54.68
CA GLY O 46 -120.03 -37.34 55.80
C GLY O 46 -119.15 -36.36 56.57
N ARG O 47 -117.87 -36.73 56.77
CA ARG O 47 -116.96 -35.86 57.50
C ARG O 47 -116.66 -34.58 56.74
N VAL O 48 -116.37 -34.68 55.45
CA VAL O 48 -116.09 -33.47 54.67
C VAL O 48 -117.37 -32.65 54.50
N HIS O 49 -118.53 -33.30 54.47
CA HIS O 49 -119.79 -32.59 54.45
C HIS O 49 -119.99 -31.78 55.73
N ARG O 50 -119.67 -32.38 56.88
CA ARG O 50 -119.71 -31.66 58.15
C ARG O 50 -118.71 -30.51 58.17
N LEU O 51 -117.53 -30.74 57.60
CA LEU O 51 -116.49 -29.72 57.61
C LEU O 51 -116.85 -28.55 56.72
N LEU O 52 -117.57 -28.81 55.62
CA LEU O 52 -118.11 -27.72 54.81
C LEU O 52 -119.26 -27.03 55.53
N ARG O 53 -120.03 -27.77 56.34
CA ARG O 53 -121.09 -27.12 57.11
C ARG O 53 -120.52 -26.15 58.13
N LYS O 54 -119.45 -26.55 58.83
CA LYS O 54 -118.89 -25.71 59.88
C LYS O 54 -117.73 -24.83 59.42
N GLY O 55 -117.37 -24.87 58.13
CA GLY O 55 -116.42 -23.91 57.63
C GLY O 55 -117.00 -22.55 57.32
N ASN O 56 -118.34 -22.45 57.35
CA ASN O 56 -119.11 -21.28 56.90
C ASN O 56 -118.67 -20.81 55.52
N TYR O 57 -118.54 -21.75 54.60
CA TYR O 57 -118.25 -21.39 53.22
C TYR O 57 -119.52 -21.27 52.41
N SER O 58 -120.65 -21.63 53.02
CA SER O 58 -121.97 -21.38 52.47
C SER O 58 -122.96 -21.40 53.61
N GLU O 59 -124.13 -20.81 53.37
CA GLU O 59 -125.23 -20.99 54.30
C GLU O 59 -125.87 -22.36 54.11
N ARG O 60 -125.89 -22.86 52.88
CA ARG O 60 -126.76 -23.95 52.48
C ARG O 60 -125.93 -24.85 51.58
N VAL O 61 -125.96 -26.16 51.79
CA VAL O 61 -125.03 -27.04 51.08
C VAL O 61 -125.79 -28.19 50.39
N GLY O 62 -125.45 -28.43 49.12
CA GLY O 62 -126.11 -29.46 48.35
C GLY O 62 -125.55 -30.84 48.64
N ALA O 63 -126.32 -31.86 48.21
CA ALA O 63 -125.98 -33.23 48.55
C ALA O 63 -124.82 -33.78 47.73
N GLY O 64 -124.78 -33.48 46.44
CA GLY O 64 -123.77 -34.07 45.57
C GLY O 64 -122.39 -33.47 45.69
N ALA O 65 -122.29 -32.23 46.17
CA ALA O 65 -121.00 -31.55 46.26
C ALA O 65 -119.97 -32.25 47.16
N PRO O 66 -120.29 -32.72 48.38
CA PRO O 66 -119.28 -33.46 49.13
C PRO O 66 -118.83 -34.75 48.47
N VAL O 67 -119.74 -35.47 47.80
CA VAL O 67 -119.37 -36.69 47.08
C VAL O 67 -118.40 -36.34 45.96
N TYR O 68 -118.70 -35.27 45.23
CA TYR O 68 -117.87 -34.81 44.13
C TYR O 68 -116.47 -34.42 44.62
N LEU O 69 -116.43 -33.66 45.73
CA LEU O 69 -115.16 -33.23 46.31
C LEU O 69 -114.35 -34.42 46.80
N ALA O 70 -115.03 -35.40 47.40
CA ALA O 70 -114.35 -36.59 47.88
C ALA O 70 -113.72 -37.35 46.73
N ALA O 71 -114.44 -37.48 45.61
CA ALA O 71 -113.90 -38.18 44.46
C ALA O 71 -112.69 -37.45 43.87
N VAL O 72 -112.75 -36.11 43.84
CA VAL O 72 -111.61 -35.33 43.35
C VAL O 72 -110.38 -35.55 44.23
N LEU O 73 -110.55 -35.47 45.55
CA LEU O 73 -109.43 -35.71 46.45
C LEU O 73 -108.90 -37.14 46.36
N GLU O 74 -109.78 -38.11 46.09
CA GLU O 74 -109.29 -39.48 45.92
C GLU O 74 -108.44 -39.62 44.66
N TYR O 75 -108.82 -38.95 43.57
CA TYR O 75 -107.99 -39.05 42.38
C TYR O 75 -106.63 -38.38 42.58
N LEU O 76 -106.63 -37.20 43.22
CA LEU O 76 -105.34 -36.55 43.49
C LEU O 76 -104.46 -37.38 44.41
N THR O 77 -105.03 -37.93 45.49
CA THR O 77 -104.25 -38.78 46.38
C THR O 77 -103.79 -40.05 45.67
N ALA O 78 -104.65 -40.62 44.82
CA ALA O 78 -104.29 -41.85 44.11
C ALA O 78 -103.12 -41.61 43.16
N GLU O 79 -103.13 -40.51 42.43
CA GLU O 79 -102.04 -40.26 41.49
C GLU O 79 -100.76 -39.90 42.22
N ILE O 80 -100.85 -39.14 43.32
CA ILE O 80 -99.62 -38.75 44.00
C ILE O 80 -99.02 -39.94 44.74
N LEU O 81 -99.86 -40.86 45.24
CA LEU O 81 -99.33 -42.07 45.85
C LEU O 81 -98.81 -43.07 44.84
N GLU O 82 -99.38 -43.15 43.63
CA GLU O 82 -98.77 -44.07 42.68
C GLU O 82 -97.44 -43.53 42.19
N LEU O 83 -97.34 -42.21 42.04
CA LEU O 83 -96.04 -41.60 41.73
C LEU O 83 -95.05 -41.84 42.86
N ALA O 84 -95.49 -41.69 44.11
CA ALA O 84 -94.61 -41.95 45.25
C ALA O 84 -94.23 -43.43 45.34
N GLY O 85 -95.14 -44.32 44.98
CA GLY O 85 -94.83 -45.74 45.00
C GLY O 85 -93.82 -46.13 43.96
N ASN O 86 -93.94 -45.58 42.74
CA ASN O 86 -92.91 -45.83 41.74
C ASN O 86 -91.59 -45.19 42.12
N ALA O 87 -91.63 -44.04 42.80
CA ALA O 87 -90.40 -43.42 43.29
C ALA O 87 -89.73 -44.28 44.35
N ALA O 88 -90.53 -44.86 45.25
CA ALA O 88 -89.99 -45.72 46.30
C ALA O 88 -89.48 -47.03 45.74
N ARG O 89 -90.17 -47.57 44.72
CA ARG O 89 -89.69 -48.78 44.05
C ARG O 89 -88.41 -48.49 43.29
N ASP O 90 -88.25 -47.27 42.77
CA ASP O 90 -86.99 -46.85 42.19
C ASP O 90 -85.88 -46.80 43.24
N ASN O 91 -86.19 -46.33 44.44
CA ASN O 91 -85.21 -46.22 45.51
C ASN O 91 -85.14 -47.53 46.29
N LYS O 92 -85.86 -48.55 45.83
CA LYS O 92 -85.99 -49.91 46.41
C LYS O 92 -86.24 -49.90 47.92
N LYS O 93 -86.96 -48.88 48.38
CA LYS O 93 -87.47 -48.83 49.75
C LYS O 93 -88.96 -49.07 49.72
N THR O 94 -89.44 -49.92 50.63
CA THR O 94 -90.85 -50.30 50.61
C THR O 94 -91.76 -49.24 51.20
N ARG O 95 -91.22 -48.30 51.97
CA ARG O 95 -92.04 -47.35 52.71
C ARG O 95 -91.80 -45.94 52.18
N ILE O 96 -92.86 -45.14 52.17
CA ILE O 96 -92.78 -43.79 51.62
C ILE O 96 -92.07 -42.88 52.61
N ILE O 97 -91.07 -42.16 52.11
CA ILE O 97 -90.33 -41.17 52.88
C ILE O 97 -90.73 -39.84 52.24
N PRO O 98 -90.68 -38.70 52.94
CA PRO O 98 -90.98 -37.42 52.27
C PRO O 98 -90.06 -37.06 51.12
N ARG O 99 -88.86 -37.65 51.04
CA ARG O 99 -88.05 -37.49 49.84
C ARG O 99 -88.76 -38.04 48.61
N HIS O 100 -89.37 -39.23 48.75
CA HIS O 100 -90.17 -39.78 47.66
C HIS O 100 -91.32 -38.87 47.29
N LEU O 101 -91.98 -38.28 48.30
CA LEU O 101 -93.14 -37.45 48.03
C LEU O 101 -92.74 -36.16 47.33
N GLN O 102 -91.60 -35.59 47.72
CA GLN O 102 -91.07 -34.41 47.04
C GLN O 102 -90.69 -34.72 45.60
N LEU O 103 -90.01 -35.85 45.37
CA LEU O 103 -89.66 -36.25 44.01
C LEU O 103 -90.90 -36.50 43.16
N ALA O 104 -91.95 -37.05 43.78
CA ALA O 104 -93.19 -37.29 43.05
C ALA O 104 -93.89 -35.98 42.70
N ILE O 105 -93.99 -35.05 43.65
CA ILE O 105 -94.78 -33.85 43.44
C ILE O 105 -94.04 -32.86 42.54
N ARG O 106 -92.71 -33.01 42.42
CA ARG O 106 -91.98 -32.01 41.65
C ARG O 106 -91.60 -32.52 40.26
N ASN O 107 -91.58 -33.85 40.04
CA ASN O 107 -91.30 -34.38 38.72
C ASN O 107 -92.50 -34.35 37.78
N ASP O 108 -93.68 -33.97 38.27
CA ASP O 108 -94.83 -33.79 37.41
C ASP O 108 -95.06 -32.30 37.23
N GLU O 109 -95.03 -31.84 35.97
CA GLU O 109 -95.15 -30.42 35.68
C GLU O 109 -96.53 -29.89 36.05
N GLU O 110 -97.55 -30.74 35.94
CA GLU O 110 -98.91 -30.28 36.15
C GLU O 110 -99.23 -30.17 37.65
N LEU O 111 -98.79 -31.13 38.46
CA LEU O 111 -98.86 -30.96 39.90
C LEU O 111 -97.93 -29.85 40.38
N ASN O 112 -96.82 -29.63 39.66
CA ASN O 112 -95.95 -28.51 39.96
C ASN O 112 -96.70 -27.19 39.77
N LYS O 113 -97.49 -27.09 38.70
CA LYS O 113 -98.34 -25.91 38.52
C LYS O 113 -99.42 -25.86 39.60
N LEU O 114 -99.87 -27.02 40.07
CA LEU O 114 -100.90 -27.04 41.10
C LEU O 114 -100.33 -26.67 42.47
N LEU O 115 -99.08 -27.07 42.74
CA LEU O 115 -98.44 -26.86 44.04
C LEU O 115 -97.11 -26.12 43.91
N GLY O 116 -97.11 -24.97 43.24
CA GLY O 116 -95.86 -24.28 42.95
C GLY O 116 -95.17 -23.69 44.18
N ARG O 117 -95.92 -22.98 45.01
CA ARG O 117 -95.34 -22.15 46.06
C ARG O 117 -95.27 -22.88 47.40
N VAL O 118 -95.06 -24.19 47.39
CA VAL O 118 -95.04 -24.97 48.63
C VAL O 118 -93.74 -25.78 48.69
N THR O 119 -93.23 -25.95 49.91
CA THR O 119 -92.08 -26.83 50.16
C THR O 119 -92.52 -27.91 51.15
N ILE O 120 -92.08 -29.15 50.91
CA ILE O 120 -92.42 -30.29 51.75
C ILE O 120 -91.34 -30.40 52.82
N ALA O 121 -91.76 -30.58 54.07
CA ALA O 121 -90.81 -30.76 55.16
C ALA O 121 -90.00 -32.03 54.97
N GLN O 122 -88.68 -31.91 55.15
CA GLN O 122 -87.70 -32.95 54.86
C GLN O 122 -87.83 -33.47 53.43
N GLY O 123 -88.15 -32.60 52.50
CA GLY O 123 -88.39 -33.00 51.13
C GLY O 123 -87.15 -32.99 50.26
N GLY O 124 -86.30 -31.99 50.45
CA GLY O 124 -85.21 -31.82 49.52
C GLY O 124 -85.71 -31.22 48.22
N VAL O 125 -84.92 -31.42 47.16
CA VAL O 125 -85.22 -30.86 45.85
C VAL O 125 -84.80 -31.88 44.81
N LEU O 126 -85.31 -31.71 43.59
CA LEU O 126 -84.96 -32.58 42.48
C LEU O 126 -83.48 -32.43 42.14
N PRO O 127 -82.85 -33.45 41.53
CA PRO O 127 -81.50 -33.27 40.97
C PRO O 127 -81.53 -32.24 39.86
N ASN O 128 -80.93 -31.08 40.12
CA ASN O 128 -80.92 -29.97 39.17
C ASN O 128 -79.53 -29.36 39.20
N ILE O 129 -78.72 -29.70 38.19
CA ILE O 129 -77.39 -29.14 38.04
C ILE O 129 -77.33 -28.54 36.65
N GLN O 130 -76.83 -27.31 36.55
CA GLN O 130 -76.83 -26.62 35.27
C GLN O 130 -75.57 -26.97 34.48
N ALA O 131 -75.70 -26.95 33.16
CA ALA O 131 -74.65 -27.48 32.29
C ALA O 131 -73.38 -26.64 32.36
N VAL O 132 -73.50 -25.35 32.68
CA VAL O 132 -72.32 -24.52 32.85
C VAL O 132 -71.53 -24.92 34.09
N LEU O 133 -72.19 -25.50 35.09
CA LEU O 133 -71.48 -25.96 36.28
C LEU O 133 -70.68 -27.24 36.04
N LEU O 134 -71.05 -28.02 35.04
CA LEU O 134 -70.31 -29.24 34.76
C LEU O 134 -68.97 -28.90 34.12
N PRO O 135 -67.93 -29.69 34.40
CA PRO O 135 -66.61 -29.43 33.79
C PRO O 135 -66.61 -29.72 32.30
N LYS O 136 -65.53 -29.26 31.65
CA LYS O 136 -65.31 -29.39 30.20
C LYS O 136 -66.45 -28.80 29.37
N LYS P 31 -106.51 -38.48 80.77
CA LYS P 31 -107.62 -38.16 79.89
C LYS P 31 -107.17 -37.22 78.76
N ARG P 32 -107.50 -37.59 77.52
CA ARG P 32 -107.10 -36.84 76.35
C ARG P 32 -108.32 -36.50 75.51
N SER P 33 -108.10 -35.62 74.53
CA SER P 33 -109.13 -35.26 73.56
C SER P 33 -108.74 -35.80 72.19
N ARG P 34 -109.64 -36.56 71.58
CA ARG P 34 -109.37 -37.15 70.28
C ARG P 34 -109.31 -36.06 69.20
N LYS P 35 -108.30 -36.16 68.34
CA LYS P 35 -108.13 -35.20 67.26
C LYS P 35 -108.48 -35.87 65.94
N GLU P 36 -109.34 -35.23 65.16
CA GLU P 36 -109.78 -35.78 63.89
C GLU P 36 -108.66 -35.70 62.85
N SER P 37 -108.66 -36.67 61.94
CA SER P 37 -107.67 -36.73 60.87
C SER P 37 -108.24 -37.59 59.75
N TYR P 38 -107.43 -37.77 58.72
CA TYR P 38 -107.80 -38.60 57.58
C TYR P 38 -106.87 -39.78 57.37
N SER P 39 -106.39 -40.40 58.47
CA SER P 39 -105.26 -41.32 58.37
C SER P 39 -105.64 -42.64 57.70
N VAL P 40 -106.64 -43.33 58.25
CA VAL P 40 -106.98 -44.67 57.78
C VAL P 40 -107.51 -44.64 56.36
N TYR P 41 -108.09 -43.51 55.94
CA TYR P 41 -108.62 -43.41 54.58
C TYR P 41 -107.49 -43.35 53.56
N VAL P 42 -106.45 -42.56 53.85
CA VAL P 42 -105.29 -42.52 52.98
C VAL P 42 -104.56 -43.86 53.00
N TYR P 43 -104.57 -44.53 54.15
CA TYR P 43 -104.02 -45.90 54.22
C TYR P 43 -104.78 -46.85 53.31
N LYS P 44 -106.12 -46.74 53.30
CA LYS P 44 -106.93 -47.56 52.40
C LYS P 44 -106.65 -47.24 50.94
N VAL P 45 -106.47 -45.96 50.62
CA VAL P 45 -106.15 -45.57 49.25
C VAL P 45 -104.80 -46.14 48.83
N LEU P 46 -103.82 -46.10 49.74
CA LEU P 46 -102.52 -46.70 49.48
C LEU P 46 -102.63 -48.20 49.22
N LYS P 47 -103.37 -48.91 50.07
CA LYS P 47 -103.52 -50.35 49.88
C LYS P 47 -104.31 -50.68 48.62
N GLN P 48 -105.20 -49.78 48.18
CA GLN P 48 -105.85 -49.98 46.89
C GLN P 48 -104.87 -49.80 45.74
N VAL P 49 -103.97 -48.82 45.84
CA VAL P 49 -103.08 -48.56 44.71
C VAL P 49 -101.80 -49.40 44.82
N HIS P 50 -101.38 -49.73 46.04
CA HIS P 50 -100.17 -50.52 46.27
C HIS P 50 -100.35 -51.34 47.54
N PRO P 51 -100.68 -52.62 47.41
CA PRO P 51 -100.91 -53.45 48.60
C PRO P 51 -99.69 -53.66 49.48
N ASP P 52 -98.49 -53.63 48.92
CA ASP P 52 -97.29 -54.07 49.62
C ASP P 52 -96.34 -52.95 50.01
N THR P 53 -96.79 -51.69 50.03
CA THR P 53 -95.91 -50.57 50.33
C THR P 53 -96.31 -49.90 51.64
N GLY P 54 -95.31 -49.32 52.32
CA GLY P 54 -95.54 -48.61 53.55
C GLY P 54 -95.41 -47.10 53.40
N ILE P 55 -95.41 -46.43 54.55
CA ILE P 55 -95.32 -44.97 54.66
C ILE P 55 -94.54 -44.62 55.91
N SER P 56 -94.04 -43.40 55.96
CA SER P 56 -93.58 -42.80 57.20
C SER P 56 -94.68 -41.98 57.84
N SER P 57 -94.59 -41.79 59.16
CA SER P 57 -95.58 -40.98 59.86
C SER P 57 -95.42 -39.50 59.53
N LYS P 58 -94.19 -39.07 59.24
CA LYS P 58 -93.97 -37.68 58.84
C LYS P 58 -94.61 -37.38 57.49
N ALA P 59 -94.42 -38.27 56.52
CA ALA P 59 -95.11 -38.12 55.24
C ALA P 59 -96.61 -38.31 55.40
N MET P 60 -97.03 -39.06 56.43
CA MET P 60 -98.46 -39.15 56.71
C MET P 60 -99.03 -37.83 57.19
N GLY P 61 -98.29 -37.13 58.05
CA GLY P 61 -98.69 -35.78 58.41
C GLY P 61 -98.68 -34.84 57.22
N ILE P 62 -97.70 -35.02 56.32
CA ILE P 62 -97.68 -34.29 55.05
C ILE P 62 -98.97 -34.49 54.28
N MET P 63 -99.43 -35.74 54.18
CA MET P 63 -100.65 -36.01 53.43
C MET P 63 -101.91 -35.51 54.12
N ASN P 64 -101.99 -35.62 55.45
CA ASN P 64 -103.16 -35.11 56.15
C ASN P 64 -103.28 -33.60 55.99
N SER P 65 -102.15 -32.91 56.13
CA SER P 65 -102.10 -31.49 55.83
C SER P 65 -102.38 -31.22 54.35
N PHE P 66 -102.01 -32.14 53.46
CA PHE P 66 -102.25 -31.96 52.03
C PHE P 66 -103.74 -32.00 51.72
N VAL P 67 -104.43 -32.98 52.29
CA VAL P 67 -105.88 -33.09 52.08
C VAL P 67 -106.57 -31.87 52.65
N ASN P 68 -106.15 -31.43 53.84
CA ASN P 68 -106.75 -30.24 54.44
C ASN P 68 -106.52 -28.98 53.60
N ASP P 69 -105.31 -28.82 53.07
CA ASP P 69 -104.98 -27.62 52.29
C ASP P 69 -105.71 -27.59 50.95
N ILE P 70 -105.70 -28.70 50.23
CA ILE P 70 -106.40 -28.74 48.94
C ILE P 70 -107.90 -28.60 49.15
N PHE P 71 -108.42 -29.19 50.23
CA PHE P 71 -109.82 -28.99 50.59
C PHE P 71 -110.11 -27.52 50.86
N GLU P 72 -109.21 -26.84 51.56
CA GLU P 72 -109.45 -25.43 51.87
C GLU P 72 -109.40 -24.57 50.61
N ARG P 73 -108.48 -24.88 49.69
CA ARG P 73 -108.42 -24.15 48.42
C ARG P 73 -109.71 -24.31 47.63
N ILE P 74 -110.13 -25.56 47.41
CA ILE P 74 -111.31 -25.81 46.58
C ILE P 74 -112.54 -25.25 47.25
N ALA P 75 -112.65 -25.39 48.56
CA ALA P 75 -113.82 -24.94 49.28
C ALA P 75 -113.89 -23.41 49.35
N GLY P 76 -112.74 -22.75 49.47
CA GLY P 76 -112.73 -21.29 49.41
C GLY P 76 -113.11 -20.76 48.05
N GLU P 77 -112.64 -21.44 46.99
CA GLU P 77 -113.06 -21.07 45.65
C GLU P 77 -114.57 -21.25 45.48
N ALA P 78 -115.12 -22.32 46.04
CA ALA P 78 -116.55 -22.55 45.97
C ALA P 78 -117.32 -21.51 46.75
N SER P 79 -116.81 -21.10 47.91
CA SER P 79 -117.45 -20.05 48.69
C SER P 79 -117.49 -18.74 47.92
N ARG P 80 -116.37 -18.40 47.27
CA ARG P 80 -116.33 -17.20 46.45
C ARG P 80 -117.32 -17.30 45.29
N LEU P 81 -117.36 -18.44 44.60
CA LEU P 81 -118.29 -18.60 43.48
C LEU P 81 -119.74 -18.55 43.94
N ALA P 82 -120.01 -18.99 45.16
CA ALA P 82 -121.37 -18.86 45.70
C ALA P 82 -121.72 -17.41 45.95
N HIS P 83 -120.81 -16.65 46.57
CA HIS P 83 -121.13 -15.26 46.90
C HIS P 83 -121.17 -14.36 45.67
N TYR P 84 -120.51 -14.78 44.58
CA TYR P 84 -120.45 -13.93 43.39
C TYR P 84 -121.80 -13.79 42.69
N ASN P 85 -122.43 -14.89 42.34
CA ASN P 85 -123.67 -14.83 41.58
C ASN P 85 -124.90 -14.88 42.46
N LYS P 86 -124.79 -14.42 43.71
CA LYS P 86 -125.90 -14.21 44.64
C LYS P 86 -126.61 -15.51 44.99
N ARG P 87 -125.89 -16.62 44.87
CA ARG P 87 -126.42 -17.93 45.24
C ARG P 87 -126.01 -18.27 46.67
N SER P 88 -127.00 -18.48 47.52
CA SER P 88 -126.72 -18.83 48.91
C SER P 88 -126.51 -20.32 49.11
N THR P 89 -126.48 -21.10 48.03
CA THR P 89 -126.34 -22.55 48.11
C THR P 89 -125.15 -22.98 47.28
N ILE P 90 -124.21 -23.68 47.90
CA ILE P 90 -123.09 -24.28 47.18
C ILE P 90 -123.60 -25.52 46.46
N THR P 91 -123.24 -25.67 45.20
CA THR P 91 -123.70 -26.78 44.37
C THR P 91 -122.50 -27.53 43.80
N SER P 92 -122.74 -28.79 43.42
CA SER P 92 -121.71 -29.58 42.79
C SER P 92 -121.31 -29.03 41.43
N ARG P 93 -122.22 -28.29 40.78
CA ARG P 93 -121.86 -27.61 39.54
C ARG P 93 -120.75 -26.58 39.75
N GLU P 94 -120.85 -25.77 40.81
CA GLU P 94 -119.81 -24.79 41.03
C GLU P 94 -118.59 -25.41 41.67
N ILE P 95 -118.74 -26.57 42.30
CA ILE P 95 -117.56 -27.37 42.65
C ILE P 95 -116.84 -27.77 41.38
N GLN P 96 -117.58 -28.15 40.34
CA GLN P 96 -116.98 -28.54 39.07
C GLN P 96 -116.27 -27.36 38.43
N THR P 97 -116.87 -26.18 38.50
CA THR P 97 -116.20 -24.99 37.97
C THR P 97 -114.93 -24.69 38.75
N ALA P 98 -114.97 -24.87 40.09
CA ALA P 98 -113.79 -24.63 40.90
C ALA P 98 -112.68 -25.64 40.60
N VAL P 99 -113.05 -26.91 40.38
CA VAL P 99 -112.05 -27.92 40.05
C VAL P 99 -111.43 -27.62 38.69
N ARG P 100 -112.26 -27.25 37.71
CA ARG P 100 -111.72 -26.86 36.40
C ARG P 100 -110.91 -25.56 36.51
N LEU P 101 -111.22 -24.74 37.50
CA LEU P 101 -110.53 -23.48 37.72
C LEU P 101 -109.12 -23.72 38.26
N LEU P 102 -109.02 -24.32 39.45
CA LEU P 102 -107.74 -24.46 40.13
C LEU P 102 -106.85 -25.49 39.48
N LEU P 103 -107.41 -26.63 39.09
CA LEU P 103 -106.60 -27.70 38.54
C LEU P 103 -106.35 -27.45 37.06
N PRO P 104 -105.09 -27.33 36.64
CA PRO P 104 -104.82 -27.09 35.22
C PRO P 104 -104.81 -28.41 34.45
N GLY P 105 -105.25 -28.35 33.20
CA GLY P 105 -105.08 -29.43 32.24
C GLY P 105 -105.73 -30.78 32.53
N GLU P 106 -104.89 -31.81 32.56
CA GLU P 106 -105.37 -33.19 32.50
C GLU P 106 -106.06 -33.62 33.80
N LEU P 107 -105.59 -33.09 34.94
CA LEU P 107 -106.22 -33.41 36.23
C LEU P 107 -107.67 -33.00 36.25
N ALA P 108 -108.01 -31.89 35.60
CA ALA P 108 -109.38 -31.41 35.60
C ALA P 108 -110.31 -32.39 34.89
N LYS P 109 -109.92 -32.84 33.69
CA LYS P 109 -110.78 -33.74 32.93
C LYS P 109 -110.88 -35.11 33.61
N HIS P 110 -109.77 -35.62 34.17
CA HIS P 110 -109.91 -36.82 34.99
C HIS P 110 -110.85 -36.62 36.17
N ALA P 111 -110.66 -35.52 36.91
CA ALA P 111 -111.41 -35.28 38.15
C ALA P 111 -112.90 -35.18 37.86
N VAL P 112 -113.28 -34.48 36.80
CA VAL P 112 -114.70 -34.39 36.46
C VAL P 112 -115.20 -35.76 36.00
N SER P 113 -114.34 -36.59 35.39
CA SER P 113 -114.79 -37.93 35.01
C SER P 113 -115.17 -38.79 36.22
N GLU P 114 -114.27 -38.92 37.23
CA GLU P 114 -114.64 -39.82 38.33
C GLU P 114 -115.76 -39.19 39.12
N GLY P 115 -115.80 -37.86 39.18
CA GLY P 115 -116.82 -37.22 39.98
C GLY P 115 -118.22 -37.38 39.40
N THR P 116 -118.35 -37.25 38.08
CA THR P 116 -119.64 -37.50 37.44
C THR P 116 -120.07 -38.95 37.60
N LYS P 117 -119.15 -39.91 37.40
CA LYS P 117 -119.59 -41.30 37.56
C LYS P 117 -119.89 -41.61 39.04
N ALA P 118 -119.17 -40.96 39.95
CA ALA P 118 -119.41 -41.16 41.38
C ALA P 118 -120.76 -40.59 41.80
N VAL P 119 -121.11 -39.40 41.32
CA VAL P 119 -122.38 -38.81 41.74
C VAL P 119 -123.55 -39.52 41.07
N THR P 120 -123.35 -40.07 39.87
CA THR P 120 -124.40 -40.88 39.28
C THR P 120 -124.59 -42.18 40.05
N LYS P 121 -123.49 -42.76 40.55
CA LYS P 121 -123.59 -43.92 41.43
C LYS P 121 -124.31 -43.57 42.72
N TYR P 122 -124.02 -42.40 43.28
CA TYR P 122 -124.68 -41.95 44.50
C TYR P 122 -126.17 -41.75 44.30
N THR P 123 -126.56 -41.16 43.17
CA THR P 123 -127.97 -40.94 42.89
C THR P 123 -128.67 -42.25 42.56
N SER P 124 -127.93 -43.23 42.01
CA SER P 124 -128.53 -44.51 41.69
C SER P 124 -128.73 -45.40 42.92
N ALA P 125 -128.19 -45.02 44.07
CA ALA P 125 -128.36 -45.80 45.28
C ALA P 125 -128.32 -44.91 46.51
N SER Q 35 -40.71 19.84 27.22
CA SER Q 35 -41.03 18.91 26.11
C SER Q 35 -41.25 17.49 26.66
N GLY Q 36 -40.19 16.70 26.76
CA GLY Q 36 -40.31 15.32 27.27
C GLY Q 36 -40.29 14.30 26.14
N PRO Q 37 -39.64 13.13 26.30
CA PRO Q 37 -39.63 12.09 25.27
C PRO Q 37 -41.04 11.57 24.95
N PRO Q 38 -41.50 11.36 23.67
CA PRO Q 38 -42.81 10.76 23.44
C PRO Q 38 -42.91 9.35 23.98
N VAL Q 39 -44.14 8.81 23.91
CA VAL Q 39 -44.50 7.59 24.63
C VAL Q 39 -43.80 6.36 24.06
N SER Q 40 -43.41 6.42 22.78
CA SER Q 40 -42.89 5.24 22.08
C SER Q 40 -41.59 4.71 22.71
N GLU Q 41 -40.69 5.62 23.08
CA GLU Q 41 -39.46 5.20 23.77
C GLU Q 41 -39.78 4.59 25.12
N LEU Q 42 -40.78 5.14 25.82
CA LEU Q 42 -41.21 4.57 27.09
C LEU Q 42 -41.76 3.16 26.91
N ILE Q 43 -42.45 2.91 25.79
CA ILE Q 43 -42.99 1.58 25.54
C ILE Q 43 -41.89 0.60 25.16
N THR Q 44 -40.87 1.08 24.44
CA THR Q 44 -39.71 0.22 24.17
C THR Q 44 -38.99 -0.15 25.46
N LYS Q 45 -38.83 0.81 26.37
CA LYS Q 45 -38.26 0.49 27.67
C LYS Q 45 -39.17 -0.44 28.48
N ALA Q 46 -40.49 -0.29 28.32
CA ALA Q 46 -41.43 -1.16 29.02
C ALA Q 46 -41.34 -2.59 28.53
N VAL Q 47 -41.22 -2.80 27.22
CA VAL Q 47 -41.13 -4.16 26.69
C VAL Q 47 -39.74 -4.73 26.93
N ALA Q 48 -38.73 -3.87 27.09
CA ALA Q 48 -37.40 -4.34 27.43
C ALA Q 48 -37.17 -4.50 28.93
N ALA Q 49 -38.10 -4.04 29.77
CA ALA Q 49 -37.91 -4.09 31.21
C ALA Q 49 -37.94 -5.51 31.76
N SER Q 50 -38.86 -6.34 31.29
CA SER Q 50 -39.02 -7.67 31.85
C SER Q 50 -38.48 -8.75 30.92
N LYS Q 51 -38.97 -8.74 29.67
CA LYS Q 51 -38.58 -9.68 28.61
C LYS Q 51 -38.74 -11.14 29.06
N GLU Q 52 -39.94 -11.45 29.54
CA GLU Q 52 -40.30 -12.84 29.76
C GLU Q 52 -40.66 -13.49 28.42
N ARG Q 53 -40.93 -14.80 28.46
CA ARG Q 53 -41.00 -15.59 27.23
C ARG Q 53 -42.16 -15.16 26.34
N SER Q 54 -43.33 -14.93 26.93
CA SER Q 54 -44.46 -14.37 26.21
C SER Q 54 -44.30 -12.86 26.08
N GLY Q 55 -45.18 -12.25 25.31
CA GLY Q 55 -45.15 -10.80 25.17
C GLY Q 55 -45.63 -10.08 26.42
N VAL Q 56 -45.29 -8.80 26.55
CA VAL Q 56 -45.80 -8.02 27.67
C VAL Q 56 -47.21 -7.55 27.34
N SER Q 57 -48.08 -7.51 28.35
CA SER Q 57 -49.48 -7.25 28.12
C SER Q 57 -49.78 -5.76 28.15
N LEU Q 58 -51.02 -5.42 27.75
CA LEU Q 58 -51.46 -4.03 27.77
C LEU Q 58 -51.57 -3.50 29.19
N ALA Q 59 -52.09 -4.32 30.11
CA ALA Q 59 -52.19 -3.91 31.51
C ALA Q 59 -50.82 -3.73 32.13
N ALA Q 60 -49.89 -4.62 31.80
CA ALA Q 60 -48.53 -4.53 32.33
C ALA Q 60 -47.81 -3.28 31.82
N LEU Q 61 -48.00 -2.95 30.53
CA LEU Q 61 -47.35 -1.73 30.03
C LEU Q 61 -48.00 -0.47 30.59
N LYS Q 62 -49.32 -0.50 30.81
CA LYS Q 62 -49.97 0.63 31.46
C LYS Q 62 -49.47 0.83 32.88
N LYS Q 63 -49.31 -0.26 33.63
CA LYS Q 63 -48.80 -0.15 34.99
C LYS Q 63 -47.32 0.21 34.99
N ALA Q 64 -46.57 -0.19 33.95
CA ALA Q 64 -45.18 0.22 33.82
C ALA Q 64 -45.06 1.72 33.55
N LEU Q 65 -45.96 2.26 32.72
CA LEU Q 65 -46.00 3.71 32.50
C LEU Q 65 -46.41 4.44 33.77
N ALA Q 66 -47.33 3.86 34.54
CA ALA Q 66 -47.72 4.46 35.82
C ALA Q 66 -46.57 4.47 36.81
N ALA Q 67 -45.79 3.38 36.86
CA ALA Q 67 -44.68 3.30 37.79
C ALA Q 67 -43.53 4.22 37.37
N ALA Q 68 -43.21 4.24 36.07
CA ALA Q 68 -42.17 5.15 35.60
C ALA Q 68 -42.65 6.60 35.63
N GLY Q 69 -43.95 6.82 35.57
CA GLY Q 69 -44.52 8.16 35.65
C GLY Q 69 -45.14 8.60 34.35
N TYR Q 70 -46.46 8.46 34.24
CA TYR Q 70 -47.21 8.85 33.07
C TYR Q 70 -48.68 8.92 33.42
N ASP Q 71 -49.40 9.83 32.76
CA ASP Q 71 -50.85 9.95 32.93
C ASP Q 71 -51.50 8.95 31.99
N VAL Q 72 -51.69 7.73 32.50
CA VAL Q 72 -52.27 6.66 31.69
C VAL Q 72 -53.79 6.81 31.60
N GLU Q 73 -54.37 7.64 32.45
CA GLU Q 73 -55.82 7.76 32.53
C GLU Q 73 -56.41 8.43 31.30
N LYS Q 74 -55.79 9.52 30.84
CA LYS Q 74 -56.33 10.31 29.75
C LYS Q 74 -55.67 10.00 28.41
N ASN Q 75 -54.83 8.96 28.35
CA ASN Q 75 -54.06 8.68 27.15
C ASN Q 75 -54.32 7.27 26.60
N ASN Q 76 -55.52 6.74 26.80
CA ASN Q 76 -55.85 5.40 26.30
C ASN Q 76 -55.88 5.36 24.77
N SER Q 77 -56.48 6.37 24.15
CA SER Q 77 -56.44 6.48 22.70
C SER Q 77 -55.01 6.69 22.22
N ARG Q 78 -54.23 7.47 22.98
CA ARG Q 78 -52.83 7.70 22.66
C ARG Q 78 -52.02 6.42 22.69
N ILE Q 79 -52.18 5.60 23.74
CA ILE Q 79 -51.38 4.38 23.81
C ILE Q 79 -51.84 3.38 22.77
N LYS Q 80 -53.14 3.37 22.46
CA LYS Q 80 -53.65 2.50 21.39
C LYS Q 80 -53.04 2.87 20.04
N LEU Q 81 -53.08 4.15 19.68
CA LEU Q 81 -52.51 4.57 18.40
C LEU Q 81 -51.00 4.40 18.38
N GLY Q 82 -50.32 4.63 19.51
CA GLY Q 82 -48.89 4.45 19.57
C GLY Q 82 -48.46 3.00 19.39
N LEU Q 83 -49.17 2.08 20.06
CA LEU Q 83 -48.84 0.67 19.93
C LEU Q 83 -49.14 0.17 18.51
N LYS Q 84 -50.25 0.62 17.92
CA LYS Q 84 -50.57 0.23 16.55
C LYS Q 84 -49.53 0.79 15.57
N SER Q 85 -49.09 2.03 15.80
CA SER Q 85 -48.09 2.63 14.94
C SER Q 85 -46.76 1.90 15.03
N LEU Q 86 -46.36 1.50 16.23
CA LEU Q 86 -45.07 0.82 16.37
C LEU Q 86 -45.12 -0.61 15.87
N VAL Q 87 -46.25 -1.30 16.01
CA VAL Q 87 -46.32 -2.67 15.47
C VAL Q 87 -46.46 -2.63 13.96
N SER Q 88 -46.98 -1.53 13.40
CA SER Q 88 -47.07 -1.42 11.95
C SER Q 88 -45.68 -1.27 11.32
N LYS Q 89 -44.74 -0.65 12.03
CA LYS Q 89 -43.37 -0.55 11.54
C LYS Q 89 -42.61 -1.86 11.63
N GLY Q 90 -43.08 -2.81 12.43
CA GLY Q 90 -42.39 -4.07 12.62
C GLY Q 90 -41.29 -4.05 13.64
N THR Q 91 -41.09 -2.93 14.34
CA THR Q 91 -40.08 -2.88 15.40
C THR Q 91 -40.48 -3.76 16.58
N LEU Q 92 -41.77 -3.95 16.80
CA LEU Q 92 -42.29 -4.88 17.78
C LEU Q 92 -43.40 -5.69 17.13
N VAL Q 93 -43.50 -6.97 17.50
CA VAL Q 93 -44.38 -7.92 16.85
C VAL Q 93 -45.43 -8.41 17.84
N GLN Q 94 -46.58 -8.81 17.33
CA GLN Q 94 -47.70 -9.29 18.13
C GLN Q 94 -47.55 -10.79 18.38
N THR Q 95 -47.73 -11.19 19.64
CA THR Q 95 -47.64 -12.61 19.98
C THR Q 95 -48.95 -13.34 19.71
N LYS Q 96 -50.00 -12.99 20.45
CA LYS Q 96 -51.25 -13.74 20.43
C LYS Q 96 -52.45 -12.93 19.97
N GLY Q 97 -52.64 -11.73 20.52
CA GLY Q 97 -53.90 -11.02 20.40
C GLY Q 97 -54.11 -10.38 19.04
N THR Q 98 -55.21 -9.64 18.94
CA THR Q 98 -55.57 -8.91 17.74
C THR Q 98 -55.81 -7.44 18.08
N GLY Q 99 -55.20 -6.57 17.27
CA GLY Q 99 -55.33 -5.14 17.53
C GLY Q 99 -54.58 -4.73 18.77
N ALA Q 100 -55.25 -3.96 19.63
CA ALA Q 100 -54.64 -3.50 20.87
C ALA Q 100 -54.67 -4.54 21.97
N SER Q 101 -55.39 -5.64 21.80
CA SER Q 101 -55.45 -6.67 22.82
C SER Q 101 -54.30 -7.66 22.65
N GLY Q 102 -54.08 -8.46 23.69
CA GLY Q 102 -53.05 -9.48 23.66
C GLY Q 102 -51.76 -9.05 24.33
N SER Q 103 -50.68 -9.70 23.92
CA SER Q 103 -49.37 -9.49 24.49
C SER Q 103 -48.38 -9.07 23.40
N PHE Q 104 -47.36 -8.32 23.80
CA PHE Q 104 -46.50 -7.60 22.89
C PHE Q 104 -45.03 -7.91 23.18
N LYS Q 105 -44.29 -8.33 22.16
CA LYS Q 105 -42.88 -8.65 22.32
C LYS Q 105 -42.06 -8.09 21.16
N LEU Q 106 -40.79 -7.79 21.44
CA LEU Q 106 -39.94 -7.09 20.49
C LEU Q 106 -39.54 -7.99 19.33
N ASN Q 107 -38.86 -7.39 18.35
CA ASN Q 107 -38.62 -8.02 17.06
C ASN Q 107 -37.53 -9.09 17.17
N LYS Q 108 -37.19 -9.67 16.01
CA LYS Q 108 -36.14 -10.68 15.94
C LYS Q 108 -34.78 -10.09 16.33
N LYS Q 109 -34.49 -8.88 15.83
CA LYS Q 109 -33.21 -8.23 16.11
C LYS Q 109 -33.41 -6.78 16.50
N LYS R 38 4.55 58.27 -8.96
CA LYS R 38 5.22 57.06 -9.38
C LYS R 38 6.52 57.45 -10.10
N PRO R 39 7.65 56.97 -9.59
CA PRO R 39 8.93 57.36 -10.17
C PRO R 39 9.12 56.79 -11.57
N HIS R 40 9.89 57.52 -12.37
CA HIS R 40 10.09 57.15 -13.77
C HIS R 40 10.89 55.87 -13.90
N ARG R 41 10.55 55.07 -14.90
CA ARG R 41 11.25 53.83 -15.18
C ARG R 41 11.03 53.45 -16.63
N TYR R 42 12.11 53.26 -17.37
CA TYR R 42 12.01 52.83 -18.76
C TYR R 42 11.66 51.36 -18.84
N ARG R 43 11.03 50.97 -19.95
CA ARG R 43 10.84 49.56 -20.23
C ARG R 43 12.17 48.91 -20.63
N PRO R 44 12.36 47.63 -20.33
CA PRO R 44 13.66 47.00 -20.57
C PRO R 44 14.02 46.92 -22.05
N GLY R 45 15.30 47.04 -22.33
CA GLY R 45 15.80 47.08 -23.68
C GLY R 45 16.01 48.48 -24.20
N THR R 46 15.11 49.42 -23.87
CA THR R 46 15.28 50.80 -24.29
C THR R 46 16.53 51.41 -23.66
N VAL R 47 16.71 51.20 -22.36
CA VAL R 47 17.96 51.56 -21.71
C VAL R 47 19.10 50.78 -22.32
N ALA R 48 18.91 49.49 -22.56
CA ALA R 48 19.98 48.64 -23.08
C ALA R 48 20.43 49.12 -24.44
N LEU R 49 19.48 49.47 -25.31
CA LEU R 49 19.83 50.07 -26.60
C LEU R 49 20.50 51.42 -26.42
N ARG R 50 20.16 52.14 -25.35
CA ARG R 50 20.83 53.41 -25.10
C ARG R 50 22.32 53.22 -24.81
N GLU R 51 22.70 52.32 -23.89
CA GLU R 51 24.15 52.16 -23.72
C GLU R 51 24.77 51.35 -24.85
N ILE R 52 23.97 50.59 -25.62
CA ILE R 52 24.48 50.03 -26.88
C ILE R 52 24.96 51.16 -27.78
N ARG R 53 24.13 52.18 -27.95
CA ARG R 53 24.53 53.33 -28.77
C ARG R 53 25.72 54.07 -28.17
N ARG R 54 25.72 54.26 -26.85
CA ARG R 54 26.82 54.97 -26.20
C ARG R 54 28.14 54.23 -26.35
N TYR R 55 28.17 52.95 -25.99
CA TYR R 55 29.39 52.19 -25.95
C TYR R 55 29.87 51.77 -27.32
N GLN R 56 28.95 51.58 -28.28
CA GLN R 56 29.37 51.34 -29.64
C GLN R 56 29.84 52.63 -30.29
N LYS R 57 29.33 53.77 -29.84
CA LYS R 57 29.89 55.05 -30.25
C LYS R 57 31.26 55.29 -29.60
N SER R 58 31.44 54.82 -28.37
CA SER R 58 32.61 55.18 -27.58
C SER R 58 33.84 54.45 -28.08
N THR R 59 35.01 54.92 -27.62
CA THR R 59 36.29 54.38 -28.03
C THR R 59 37.13 53.82 -26.90
N GLU R 60 36.80 54.12 -25.65
CA GLU R 60 37.67 53.78 -24.53
C GLU R 60 37.51 52.31 -24.15
N LEU R 61 38.44 51.85 -23.33
CA LEU R 61 38.42 50.48 -22.82
C LEU R 61 37.27 50.31 -21.84
N LEU R 62 36.62 49.14 -21.90
CA LEU R 62 35.42 48.91 -21.11
C LEU R 62 35.69 48.22 -19.78
N ILE R 63 36.79 47.49 -19.64
CA ILE R 63 37.05 46.75 -18.41
C ILE R 63 37.99 47.55 -17.54
N ARG R 64 37.95 47.27 -16.23
CA ARG R 64 38.79 47.97 -15.28
C ARG R 64 40.26 47.60 -15.48
N LYS R 65 41.14 48.58 -15.28
CA LYS R 65 42.55 48.41 -15.64
C LYS R 65 43.30 47.55 -14.63
N LEU R 66 43.30 48.00 -13.36
CA LEU R 66 44.14 47.37 -12.33
C LEU R 66 43.86 45.88 -12.14
N PRO R 67 42.62 45.38 -12.12
CA PRO R 67 42.44 43.92 -12.15
C PRO R 67 42.97 43.29 -13.42
N PHE R 68 43.06 44.02 -14.53
CA PHE R 68 43.60 43.39 -15.72
C PHE R 68 45.11 43.20 -15.61
N GLN R 69 45.84 44.19 -15.06
CA GLN R 69 47.24 43.90 -14.75
C GLN R 69 47.38 42.81 -13.72
N ARG R 70 46.53 42.80 -12.70
CA ARG R 70 46.61 41.76 -11.68
C ARG R 70 46.39 40.38 -12.29
N LEU R 71 45.43 40.27 -13.20
CA LEU R 71 45.13 38.99 -13.82
C LEU R 71 46.25 38.54 -14.75
N VAL R 72 46.80 39.46 -15.55
CA VAL R 72 47.85 39.04 -16.48
C VAL R 72 49.11 38.65 -15.72
N ARG R 73 49.40 39.36 -14.61
CA ARG R 73 50.52 38.96 -13.77
C ARG R 73 50.25 37.59 -13.13
N GLU R 74 49.01 37.36 -12.69
CA GLU R 74 48.65 36.11 -12.05
C GLU R 74 48.81 34.92 -13.00
N ILE R 75 48.41 35.08 -14.25
CA ILE R 75 48.44 33.95 -15.16
C ILE R 75 49.82 33.78 -15.77
N ALA R 76 50.54 34.88 -15.98
CA ALA R 76 51.93 34.76 -16.44
C ALA R 76 52.83 34.21 -15.36
N GLN R 77 52.40 34.28 -14.10
CA GLN R 77 53.09 33.61 -13.00
C GLN R 77 53.14 32.10 -13.18
N ASP R 78 52.17 31.53 -13.90
CA ASP R 78 52.14 30.08 -14.07
C ASP R 78 53.20 29.58 -15.02
N PHE R 79 53.60 30.37 -16.02
CA PHE R 79 54.57 29.93 -17.00
C PHE R 79 56.00 30.21 -16.56
N LYS R 80 56.24 31.37 -15.97
CA LYS R 80 57.60 31.75 -15.61
C LYS R 80 57.52 32.71 -14.43
N THR R 81 58.52 32.69 -13.56
CA THR R 81 58.48 33.50 -12.37
C THR R 81 59.12 34.87 -12.59
N ASP R 82 58.71 35.83 -11.75
CA ASP R 82 59.24 37.19 -11.69
C ASP R 82 59.13 37.92 -13.03
N LEU R 83 57.93 38.03 -13.57
CA LEU R 83 57.77 38.77 -14.82
C LEU R 83 57.43 40.23 -14.55
N ARG R 84 58.00 41.11 -15.36
CA ARG R 84 57.73 42.53 -15.30
C ARG R 84 57.03 42.92 -16.59
N PHE R 85 56.08 43.83 -16.46
CA PHE R 85 55.18 44.17 -17.55
C PHE R 85 55.30 45.65 -17.87
N GLN R 86 55.63 45.95 -19.13
CA GLN R 86 55.45 47.31 -19.61
C GLN R 86 53.96 47.60 -19.71
N SER R 87 53.57 48.81 -19.32
CA SER R 87 52.15 49.17 -19.30
C SER R 87 51.58 49.16 -20.71
N SER R 88 52.40 49.52 -21.70
CA SER R 88 51.96 49.49 -23.09
C SER R 88 51.62 48.09 -23.56
N ALA R 89 52.42 47.09 -23.15
CA ALA R 89 52.12 45.71 -23.49
C ALA R 89 50.81 45.26 -22.88
N VAL R 90 50.55 45.67 -21.64
CA VAL R 90 49.31 45.31 -20.98
C VAL R 90 48.12 45.98 -21.66
N MET R 91 48.29 47.23 -22.10
CA MET R 91 47.23 47.91 -22.82
C MET R 91 46.96 47.25 -24.16
N ALA R 92 48.02 46.84 -24.86
CA ALA R 92 47.85 46.15 -26.14
C ALA R 92 47.13 44.83 -25.96
N LEU R 93 47.48 44.09 -24.90
CA LEU R 93 46.77 42.87 -24.58
C LEU R 93 45.31 43.14 -24.26
N GLN R 94 45.05 44.24 -23.55
CA GLN R 94 43.68 44.60 -23.19
C GLN R 94 42.86 44.92 -24.42
N GLU R 95 43.43 45.68 -25.36
CA GLU R 95 42.73 45.98 -26.60
C GLU R 95 42.49 44.73 -27.43
N ALA R 96 43.49 43.85 -27.53
CA ALA R 96 43.32 42.62 -28.29
C ALA R 96 42.24 41.74 -27.68
N SER R 97 42.24 41.61 -26.36
CA SER R 97 41.22 40.82 -25.68
C SER R 97 39.84 41.42 -25.88
N GLU R 98 39.74 42.75 -25.80
CA GLU R 98 38.47 43.42 -25.98
C GLU R 98 37.92 43.20 -27.39
N ALA R 99 38.79 43.30 -28.40
CA ALA R 99 38.35 43.09 -29.77
C ALA R 99 37.96 41.64 -30.02
N TYR R 100 38.72 40.70 -29.45
CA TYR R 100 38.41 39.29 -29.60
C TYR R 100 37.05 38.97 -28.98
N LEU R 101 36.79 39.51 -27.80
CA LEU R 101 35.50 39.28 -27.16
C LEU R 101 34.37 39.96 -27.91
N VAL R 102 34.63 41.14 -28.48
CA VAL R 102 33.60 41.83 -29.26
C VAL R 102 33.24 41.04 -30.51
N GLY R 103 34.25 40.51 -31.20
CA GLY R 103 33.99 39.66 -32.36
C GLY R 103 33.23 38.40 -31.99
N LEU R 104 33.60 37.79 -30.86
CA LEU R 104 32.88 36.62 -30.38
C LEU R 104 31.42 36.98 -30.07
N PHE R 105 31.21 38.14 -29.46
CA PHE R 105 29.85 38.51 -29.06
C PHE R 105 28.98 38.84 -30.25
N GLU R 106 29.52 39.48 -31.27
CA GLU R 106 28.70 39.76 -32.45
C GLU R 106 28.42 38.47 -33.23
N ASP R 107 29.36 37.52 -33.19
CA ASP R 107 29.07 36.21 -33.77
C ASP R 107 27.96 35.49 -33.01
N THR R 108 27.96 35.60 -31.67
CA THR R 108 26.88 35.00 -30.91
C THR R 108 25.57 35.74 -31.13
N ASN R 109 25.63 37.04 -31.42
CA ASN R 109 24.44 37.78 -31.82
C ASN R 109 23.85 37.22 -33.09
N LEU R 110 24.73 36.95 -34.07
CA LEU R 110 24.28 36.36 -35.33
C LEU R 110 23.67 34.99 -35.10
N ALA R 111 24.29 34.20 -34.22
CA ALA R 111 23.75 32.88 -33.89
C ALA R 111 22.40 32.99 -33.19
N ALA R 112 22.25 33.96 -32.29
CA ALA R 112 21.03 34.06 -31.50
C ALA R 112 19.87 34.55 -32.35
N ILE R 113 20.11 35.53 -33.22
CA ILE R 113 19.04 35.97 -34.12
C ILE R 113 18.77 34.90 -35.15
N HIS R 114 19.76 34.05 -35.44
CA HIS R 114 19.53 32.93 -36.33
C HIS R 114 18.57 31.93 -35.72
N ALA R 115 18.67 31.71 -34.41
CA ALA R 115 17.78 30.79 -33.71
C ALA R 115 16.46 31.41 -33.30
N LYS R 116 16.12 32.58 -33.88
CA LYS R 116 14.86 33.29 -33.64
C LYS R 116 14.67 33.71 -32.18
N ARG R 117 15.75 33.80 -31.43
CA ARG R 117 15.71 34.29 -30.05
C ARG R 117 16.40 35.65 -29.97
N VAL R 118 16.22 36.32 -28.85
CA VAL R 118 16.85 37.61 -28.60
C VAL R 118 17.78 37.57 -27.40
N THR R 119 17.77 36.50 -26.63
CA THR R 119 18.65 36.36 -25.47
C THR R 119 19.71 35.32 -25.77
N ILE R 120 20.96 35.65 -25.50
CA ILE R 120 22.06 34.74 -25.75
C ILE R 120 22.15 33.72 -24.62
N MET R 121 22.65 32.53 -24.96
CA MET R 121 22.88 31.42 -24.05
C MET R 121 24.24 30.83 -24.36
N PRO R 122 24.86 30.10 -23.41
CA PRO R 122 26.26 29.66 -23.62
C PRO R 122 26.50 28.79 -24.84
N LYS R 123 25.50 28.03 -25.27
CA LYS R 123 25.67 27.21 -26.45
C LYS R 123 25.86 28.05 -27.71
N ASP R 124 25.39 29.30 -27.69
CA ASP R 124 25.75 30.24 -28.76
C ASP R 124 27.25 30.46 -28.79
N ILE R 125 27.88 30.59 -27.62
CA ILE R 125 29.31 30.85 -27.57
C ILE R 125 30.10 29.63 -28.01
N GLN R 126 29.72 28.43 -27.54
CA GLN R 126 30.41 27.23 -28.01
C GLN R 126 30.19 27.02 -29.50
N LEU R 127 29.00 27.33 -30.02
CA LEU R 127 28.75 27.24 -31.44
C LEU R 127 29.65 28.20 -32.22
N ALA R 128 29.72 29.45 -31.77
CA ALA R 128 30.48 30.47 -32.50
C ALA R 128 31.97 30.13 -32.50
N ARG R 129 32.49 29.67 -31.36
CA ARG R 129 33.89 29.28 -31.30
C ARG R 129 34.15 28.05 -32.17
N ARG R 130 33.23 27.09 -32.16
CA ARG R 130 33.50 25.86 -32.87
C ARG R 130 33.38 26.05 -34.38
N ILE R 131 32.50 26.96 -34.82
CA ILE R 131 32.48 27.32 -36.23
C ILE R 131 33.74 28.10 -36.58
N ARG R 132 34.18 28.98 -35.69
CA ARG R 132 35.39 29.75 -35.90
C ARG R 132 36.64 28.87 -35.97
N GLY R 133 36.62 27.70 -35.34
CA GLY R 133 37.75 26.79 -35.39
C GLY R 133 38.47 26.58 -34.08
N GLU R 134 37.77 26.65 -32.96
CA GLU R 134 38.39 26.41 -31.67
C GLU R 134 37.62 25.32 -30.92
N LYS S 21 52.79 38.49 -2.71
CA LYS S 21 53.49 38.20 -3.96
C LYS S 21 52.65 37.34 -4.89
N VAL S 22 52.16 36.23 -4.36
CA VAL S 22 51.40 35.27 -5.16
C VAL S 22 49.95 35.72 -5.26
N LEU S 23 49.42 35.74 -6.48
CA LEU S 23 48.03 36.07 -6.75
C LEU S 23 47.29 34.81 -7.12
N ARG S 24 46.06 34.65 -6.63
CA ARG S 24 45.40 33.36 -6.61
C ARG S 24 44.14 33.31 -7.45
N ASP S 25 43.26 34.31 -7.35
CA ASP S 25 41.91 34.23 -7.92
C ASP S 25 41.53 35.53 -8.63
N ASN S 26 42.36 35.99 -9.57
CA ASN S 26 41.99 37.18 -10.33
C ASN S 26 41.12 36.88 -11.54
N ILE S 27 40.66 35.64 -11.71
CA ILE S 27 39.79 35.31 -12.83
C ILE S 27 38.43 36.01 -12.69
N GLN S 28 37.93 36.15 -11.46
CA GLN S 28 36.71 36.90 -11.27
C GLN S 28 36.96 38.40 -11.20
N GLY S 29 38.22 38.84 -11.35
CA GLY S 29 38.50 40.24 -11.52
C GLY S 29 37.88 40.85 -12.77
N ILE S 30 37.62 40.04 -13.79
CA ILE S 30 36.83 40.47 -14.94
C ILE S 30 35.38 40.41 -14.48
N THR S 31 34.87 41.55 -14.03
CA THR S 31 33.58 41.60 -13.37
C THR S 31 32.43 41.39 -14.35
N LYS S 32 31.27 41.03 -13.78
CA LYS S 32 30.04 40.91 -14.56
C LYS S 32 29.64 42.18 -15.31
N PRO S 33 29.62 43.39 -14.72
CA PRO S 33 29.24 44.57 -15.53
C PRO S 33 30.20 44.88 -16.66
N ALA S 34 31.48 44.51 -16.51
CA ALA S 34 32.42 44.67 -17.62
C ALA S 34 32.03 43.77 -18.79
N ILE S 35 31.58 42.56 -18.49
CA ILE S 35 31.11 41.66 -19.53
C ILE S 35 29.82 42.18 -20.15
N ARG S 36 28.96 42.81 -19.34
CA ARG S 36 27.75 43.44 -19.89
C ARG S 36 28.12 44.58 -20.84
N ARG S 37 29.12 45.38 -20.47
CA ARG S 37 29.59 46.46 -21.34
C ARG S 37 30.15 45.90 -22.65
N LEU S 38 30.92 44.82 -22.56
CA LEU S 38 31.47 44.22 -23.77
C LEU S 38 30.38 43.64 -24.65
N ALA S 39 29.32 43.09 -24.04
CA ALA S 39 28.18 42.60 -24.80
C ALA S 39 27.42 43.75 -25.46
N ARG S 40 27.35 44.90 -24.77
CA ARG S 40 26.75 46.08 -25.38
C ARG S 40 27.52 46.53 -26.61
N ARG S 41 28.85 46.55 -26.50
CA ARG S 41 29.65 46.84 -27.69
C ARG S 41 29.55 45.71 -28.70
N GLY S 42 29.35 44.48 -28.24
CA GLY S 42 29.09 43.40 -29.16
C GLY S 42 27.72 43.41 -29.79
N GLY S 43 26.84 44.33 -29.38
CA GLY S 43 25.51 44.40 -29.94
C GLY S 43 24.51 43.49 -29.30
N VAL S 44 24.77 43.01 -28.09
CA VAL S 44 23.83 42.14 -27.40
C VAL S 44 22.92 43.02 -26.55
N LYS S 45 21.61 42.86 -26.69
CA LYS S 45 20.74 43.62 -25.81
C LYS S 45 20.35 42.83 -24.57
N ARG S 46 20.23 41.51 -24.69
CA ARG S 46 19.79 40.68 -23.57
C ARG S 46 20.80 39.58 -23.33
N ILE S 47 21.30 39.50 -22.10
CA ILE S 47 22.42 38.63 -21.75
C ILE S 47 21.96 37.72 -20.62
N SER S 48 22.15 36.42 -20.79
CA SER S 48 21.80 35.50 -19.72
C SER S 48 22.79 35.61 -18.58
N GLY S 49 22.34 35.20 -17.39
CA GLY S 49 23.22 35.19 -16.24
C GLY S 49 24.22 34.06 -16.26
N LEU S 50 23.93 33.02 -17.05
CA LEU S 50 24.79 31.87 -17.23
C LEU S 50 25.89 32.09 -18.24
N ILE S 51 26.12 33.32 -18.68
CA ILE S 51 27.07 33.60 -19.75
C ILE S 51 28.47 33.84 -19.20
N TYR S 52 28.57 34.51 -18.05
CA TYR S 52 29.78 35.23 -17.66
C TYR S 52 30.95 34.30 -17.38
N GLU S 53 30.68 33.15 -16.74
CA GLU S 53 31.76 32.26 -16.37
C GLU S 53 32.37 31.55 -17.58
N GLU S 54 31.56 31.22 -18.59
CA GLU S 54 32.13 30.68 -19.81
C GLU S 54 32.88 31.75 -20.59
N THR S 55 32.41 32.99 -20.56
CA THR S 55 33.17 34.06 -21.21
C THR S 55 34.49 34.29 -20.50
N ARG S 56 34.49 34.18 -19.16
CA ARG S 56 35.73 34.18 -18.41
C ARG S 56 36.64 33.04 -18.82
N GLY S 57 36.08 31.85 -19.04
CA GLY S 57 36.88 30.73 -19.52
C GLY S 57 37.45 30.95 -20.91
N VAL S 58 36.65 31.55 -21.80
CA VAL S 58 37.09 31.76 -23.18
C VAL S 58 38.19 32.82 -23.23
N LEU S 59 37.96 33.97 -22.56
CA LEU S 59 39.00 34.96 -22.34
C LEU S 59 40.23 34.36 -21.69
N LYS S 60 40.02 33.45 -20.74
CA LYS S 60 41.10 32.80 -20.03
C LYS S 60 41.96 32.00 -20.98
N VAL S 61 41.33 31.17 -21.82
CA VAL S 61 42.08 30.33 -22.76
C VAL S 61 42.83 31.19 -23.76
N PHE S 62 42.15 32.24 -24.27
CA PHE S 62 42.78 33.12 -25.24
C PHE S 62 43.98 33.84 -24.64
N LEU S 63 43.84 34.32 -23.40
CA LEU S 63 44.95 35.03 -22.77
C LEU S 63 46.09 34.07 -22.45
N GLU S 64 45.77 32.83 -22.07
CA GLU S 64 46.80 31.82 -21.88
C GLU S 64 47.61 31.60 -23.14
N ASN S 65 46.92 31.46 -24.28
CA ASN S 65 47.61 31.23 -25.55
C ASN S 65 48.52 32.40 -25.88
N VAL S 66 48.01 33.62 -25.76
CA VAL S 66 48.82 34.76 -26.18
C VAL S 66 49.96 35.03 -25.20
N ILE S 67 49.76 34.82 -23.90
CA ILE S 67 50.88 35.15 -23.00
C ILE S 67 51.88 34.00 -22.98
N ARG S 68 51.44 32.79 -23.32
CA ARG S 68 52.38 31.69 -23.50
C ARG S 68 53.30 31.98 -24.67
N ASP S 69 52.72 32.43 -25.77
CA ASP S 69 53.54 32.87 -26.90
C ASP S 69 54.42 34.05 -26.50
N ALA S 70 53.88 34.97 -25.71
CA ALA S 70 54.61 36.16 -25.31
C ALA S 70 55.81 35.82 -24.42
N VAL S 71 55.61 34.92 -23.46
CA VAL S 71 56.72 34.56 -22.58
C VAL S 71 57.71 33.72 -23.35
N THR S 72 57.26 32.97 -24.36
CA THR S 72 58.21 32.25 -25.22
C THR S 72 59.10 33.22 -25.99
N TYR S 73 58.48 34.27 -26.55
CA TYR S 73 59.24 35.29 -27.25
C TYR S 73 60.19 36.01 -26.31
N THR S 74 59.71 36.37 -25.12
CA THR S 74 60.52 37.13 -24.17
C THR S 74 61.67 36.30 -23.61
N GLU S 75 61.43 35.00 -23.42
CA GLU S 75 62.48 34.13 -22.95
C GLU S 75 63.52 33.93 -24.04
N HIS S 76 63.10 33.91 -25.31
CA HIS S 76 64.08 34.02 -26.38
C HIS S 76 64.82 35.35 -26.33
N ALA S 77 64.14 36.41 -25.90
CA ALA S 77 64.84 37.70 -25.83
C ALA S 77 65.85 37.75 -24.68
N LYS S 78 65.86 36.72 -23.81
CA LYS S 78 66.67 36.66 -22.60
C LYS S 78 66.39 37.85 -21.68
N ARG S 79 65.15 38.33 -21.72
CA ARG S 79 64.73 39.43 -20.90
C ARG S 79 63.76 38.94 -19.83
N LYS S 80 63.84 39.56 -18.67
CA LYS S 80 62.94 39.25 -17.57
C LYS S 80 61.67 40.07 -17.66
N THR S 81 61.63 41.05 -18.55
CA THR S 81 60.52 41.97 -18.70
C THR S 81 59.86 41.73 -20.05
N VAL S 82 58.56 41.49 -20.05
CA VAL S 82 57.83 41.35 -21.30
C VAL S 82 57.64 42.73 -21.92
N THR S 83 57.77 42.79 -23.25
CA THR S 83 57.67 44.05 -23.98
C THR S 83 56.56 43.98 -25.01
N ALA S 84 56.14 45.17 -25.47
CA ALA S 84 54.95 45.29 -26.30
C ALA S 84 55.14 44.69 -27.69
N MET S 85 56.31 44.89 -28.31
CA MET S 85 56.49 44.39 -29.68
C MET S 85 56.51 42.87 -29.69
N ASP S 86 56.96 42.26 -28.61
CA ASP S 86 56.87 40.80 -28.47
C ASP S 86 55.41 40.37 -28.41
N VAL S 87 54.58 41.14 -27.69
CA VAL S 87 53.16 40.82 -27.60
C VAL S 87 52.50 40.90 -28.98
N VAL S 88 52.82 41.94 -29.75
CA VAL S 88 52.14 42.07 -31.04
C VAL S 88 52.67 41.03 -32.03
N TYR S 89 53.92 40.59 -31.87
CA TYR S 89 54.39 39.42 -32.62
C TYR S 89 53.56 38.19 -32.28
N ALA S 90 53.26 38.01 -30.99
CA ALA S 90 52.46 36.86 -30.56
C ALA S 90 51.06 36.92 -31.13
N LEU S 91 50.48 38.13 -31.21
CA LEU S 91 49.14 38.24 -31.78
C LEU S 91 49.12 38.00 -33.28
N LYS S 92 50.11 38.49 -34.03
CA LYS S 92 50.04 38.31 -35.48
C LYS S 92 50.34 36.86 -35.84
N ARG S 93 51.23 36.22 -35.08
CA ARG S 93 51.47 34.80 -35.29
C ARG S 93 50.26 33.97 -34.90
N GLN S 94 49.41 34.48 -34.02
CA GLN S 94 48.14 33.84 -33.68
C GLN S 94 47.02 34.30 -34.62
N GLY S 95 47.31 35.23 -35.53
CA GLY S 95 46.32 35.64 -36.51
C GLY S 95 45.31 36.63 -36.01
N ARG S 96 45.68 37.48 -35.04
CA ARG S 96 44.82 38.53 -34.49
C ARG S 96 45.59 39.82 -34.38
N THR S 97 46.18 40.25 -35.50
CA THR S 97 47.19 41.31 -35.56
C THR S 97 46.72 42.61 -34.95
N LEU S 98 47.63 43.31 -34.28
CA LEU S 98 47.38 44.57 -33.61
C LEU S 98 48.10 45.68 -34.33
N TYR S 99 47.46 46.84 -34.43
CA TYR S 99 48.13 48.05 -34.89
C TYR S 99 48.25 49.04 -33.75
N GLY S 100 49.26 49.91 -33.83
CA GLY S 100 49.40 51.01 -32.91
C GLY S 100 50.34 50.78 -31.76
N PHE S 101 51.18 49.75 -31.80
CA PHE S 101 52.09 49.47 -30.69
C PHE S 101 53.49 49.19 -31.21
N GLY S 102 53.97 50.09 -32.06
CA GLY S 102 55.34 50.00 -32.54
C GLY S 102 55.56 48.99 -33.65
N GLY S 103 54.50 48.50 -34.28
CA GLY S 103 54.63 47.54 -35.36
C GLY S 103 55.31 48.10 -36.60
N ALA T 28 95.06 10.75 -48.06
CA ALA T 28 95.10 10.46 -46.63
C ALA T 28 93.89 11.06 -45.92
N ARG T 29 92.85 11.37 -46.69
CA ARG T 29 91.64 11.93 -46.11
C ARG T 29 90.91 10.86 -45.30
N ALA T 30 90.27 11.28 -44.22
CA ALA T 30 89.43 10.37 -43.46
C ALA T 30 88.20 9.98 -44.27
N LYS T 31 87.59 8.86 -43.87
CA LYS T 31 86.45 8.33 -44.60
C LYS T 31 85.26 9.28 -44.47
N ALA T 32 84.55 9.49 -45.57
CA ALA T 32 83.42 10.41 -45.61
C ALA T 32 82.25 9.81 -44.85
N LYS T 33 82.03 10.28 -43.63
CA LYS T 33 80.95 9.79 -42.81
C LYS T 33 79.94 10.93 -42.68
N THR T 34 78.67 10.63 -42.40
CA THR T 34 77.60 11.57 -42.70
C THR T 34 77.04 12.17 -41.43
N ARG T 35 76.57 13.42 -41.54
CA ARG T 35 76.07 14.13 -40.38
C ARG T 35 74.75 13.57 -39.87
N SER T 36 73.96 12.95 -40.76
CA SER T 36 72.74 12.30 -40.30
C SER T 36 73.08 11.12 -39.40
N SER T 37 74.12 10.37 -39.76
CA SER T 37 74.64 9.33 -38.88
C SER T 37 75.30 9.92 -37.65
N ARG T 38 75.91 11.10 -37.79
CA ARG T 38 76.54 11.75 -36.64
C ARG T 38 75.51 12.16 -35.60
N ALA T 39 74.34 12.61 -36.06
CA ALA T 39 73.22 12.81 -35.15
C ALA T 39 72.47 11.52 -34.89
N GLY T 40 72.84 10.43 -35.57
CA GLY T 40 72.12 9.18 -35.44
C GLY T 40 70.72 9.23 -35.98
N LEU T 41 70.48 9.98 -37.04
CA LEU T 41 69.14 10.26 -37.50
C LEU T 41 69.01 9.91 -38.97
N GLN T 42 67.76 9.67 -39.40
CA GLN T 42 67.50 9.19 -40.76
C GLN T 42 67.39 10.31 -41.78
N PHE T 43 66.86 11.47 -41.39
CA PHE T 43 66.64 12.56 -42.34
C PHE T 43 67.98 13.19 -42.75
N PRO T 44 68.08 13.69 -43.99
CA PRO T 44 69.35 14.23 -44.48
C PRO T 44 69.68 15.57 -43.85
N VAL T 45 70.77 15.60 -43.08
CA VAL T 45 71.22 16.86 -42.49
C VAL T 45 71.74 17.80 -43.57
N GLY T 46 72.53 17.26 -44.50
CA GLY T 46 73.14 18.12 -45.51
C GLY T 46 72.14 18.75 -46.46
N ARG T 47 71.16 17.96 -46.91
CA ARG T 47 70.15 18.50 -47.82
C ARG T 47 69.31 19.57 -47.15
N VAL T 48 68.91 19.34 -45.90
CA VAL T 48 68.10 20.32 -45.17
C VAL T 48 68.91 21.58 -44.87
N HIS T 49 70.19 21.40 -44.54
CA HIS T 49 71.08 22.55 -44.34
C HIS T 49 71.19 23.38 -45.60
N ARG T 50 71.41 22.73 -46.75
CA ARG T 50 71.46 23.44 -48.03
C ARG T 50 70.13 24.10 -48.34
N LEU T 51 69.03 23.46 -47.97
CA LEU T 51 67.70 23.95 -48.29
C LEU T 51 67.36 25.16 -47.43
N LEU T 52 67.90 25.24 -46.22
CA LEU T 52 67.79 26.47 -45.45
C LEU T 52 68.73 27.55 -45.98
N ARG T 53 69.92 27.16 -46.45
CA ARG T 53 70.89 28.14 -46.91
C ARG T 53 70.39 28.88 -48.15
N LYS T 54 69.86 28.15 -49.13
CA LYS T 54 69.25 28.82 -50.27
C LYS T 54 67.73 28.96 -50.16
N GLY T 55 67.15 28.62 -49.00
CA GLY T 55 65.76 28.96 -48.76
C GLY T 55 65.52 30.38 -48.32
N ASN T 56 66.61 31.13 -48.13
CA ASN T 56 66.61 32.56 -47.84
C ASN T 56 65.87 32.87 -46.53
N TYR T 57 66.44 32.39 -45.43
CA TYR T 57 65.94 32.73 -44.10
C TYR T 57 66.96 33.48 -43.27
N SER T 58 68.25 33.33 -43.59
CA SER T 58 69.31 34.16 -43.04
C SER T 58 70.56 34.00 -43.91
N GLU T 59 71.47 34.95 -43.77
CA GLU T 59 72.78 34.83 -44.40
C GLU T 59 73.70 33.92 -43.58
N ARG T 60 73.49 33.82 -42.27
CA ARG T 60 74.27 32.95 -41.41
C ARG T 60 73.36 31.90 -40.81
N VAL T 61 73.89 30.70 -40.62
CA VAL T 61 73.12 29.61 -40.02
C VAL T 61 74.07 28.74 -39.18
N GLY T 62 73.60 28.33 -38.01
CA GLY T 62 74.40 27.47 -37.16
C GLY T 62 74.32 26.02 -37.58
N ALA T 63 75.29 25.25 -37.09
CA ALA T 63 75.40 23.85 -37.47
C ALA T 63 74.34 23.00 -36.77
N GLY T 64 73.98 23.36 -35.54
CA GLY T 64 73.03 22.56 -34.81
C GLY T 64 71.59 22.72 -35.23
N ALA T 65 71.27 23.81 -35.91
CA ALA T 65 69.90 24.05 -36.35
C ALA T 65 69.38 23.00 -37.33
N PRO T 66 70.09 22.61 -38.41
CA PRO T 66 69.55 21.52 -39.23
C PRO T 66 69.48 20.19 -38.50
N VAL T 67 70.35 19.96 -37.52
CA VAL T 67 70.28 18.75 -36.72
C VAL T 67 68.99 18.73 -35.92
N TYR T 68 68.68 19.86 -35.27
CA TYR T 68 67.46 20.00 -34.51
C TYR T 68 66.23 19.84 -35.40
N LEU T 69 66.30 20.44 -36.59
CA LEU T 69 65.17 20.43 -37.51
C LEU T 69 64.91 19.02 -38.04
N ALA T 70 65.97 18.31 -38.41
CA ALA T 70 65.82 16.93 -38.85
C ALA T 70 65.26 16.06 -37.73
N ALA T 71 65.71 16.31 -36.50
CA ALA T 71 65.19 15.56 -35.36
C ALA T 71 63.70 15.77 -35.16
N VAL T 72 63.23 17.03 -35.23
CA VAL T 72 61.83 17.29 -34.93
C VAL T 72 60.93 16.75 -36.04
N LEU T 73 61.35 16.89 -37.31
CA LEU T 73 60.56 16.28 -38.38
C LEU T 73 60.55 14.75 -38.30
N GLU T 74 61.67 14.13 -37.89
CA GLU T 74 61.64 12.67 -37.74
C GLU T 74 60.69 12.26 -36.62
N TYR T 75 60.65 13.02 -35.54
CA TYR T 75 59.73 12.70 -34.45
C TYR T 75 58.28 12.83 -34.91
N LEU T 76 57.99 13.89 -35.67
CA LEU T 76 56.63 14.10 -36.17
C LEU T 76 56.20 13.00 -37.12
N THR T 77 57.06 12.65 -38.07
CA THR T 77 56.76 11.56 -38.98
C THR T 77 56.66 10.23 -38.25
N ALA T 78 57.48 10.04 -37.20
CA ALA T 78 57.44 8.81 -36.44
C ALA T 78 56.10 8.64 -35.74
N GLU T 79 55.61 9.70 -35.10
CA GLU T 79 54.33 9.57 -34.38
C GLU T 79 53.16 9.45 -35.36
N ILE T 80 53.19 10.20 -36.46
CA ILE T 80 52.06 10.13 -37.37
C ILE T 80 52.08 8.81 -38.13
N LEU T 81 53.27 8.23 -38.33
CA LEU T 81 53.37 6.94 -38.98
C LEU T 81 52.99 5.81 -38.03
N GLU T 82 53.23 5.99 -36.72
CA GLU T 82 52.66 5.10 -35.73
C GLU T 82 51.15 5.08 -35.82
N LEU T 83 50.54 6.27 -35.86
CA LEU T 83 49.08 6.35 -35.93
C LEU T 83 48.55 5.75 -37.24
N ALA T 84 49.25 6.01 -38.34
CA ALA T 84 48.85 5.44 -39.63
C ALA T 84 48.98 3.93 -39.63
N GLY T 85 50.03 3.38 -39.00
CA GLY T 85 50.19 1.95 -38.94
C GLY T 85 49.12 1.27 -38.11
N ASN T 86 48.78 1.87 -36.96
CA ASN T 86 47.70 1.30 -36.16
C ASN T 86 46.36 1.40 -36.87
N ALA T 87 46.12 2.52 -37.58
CA ALA T 87 44.88 2.65 -38.35
C ALA T 87 44.81 1.62 -39.47
N ALA T 88 45.94 1.35 -40.12
CA ALA T 88 45.96 0.35 -41.18
C ALA T 88 45.73 -1.05 -40.64
N ARG T 89 46.34 -1.35 -39.49
CA ARG T 89 46.18 -2.69 -38.93
C ARG T 89 44.77 -2.91 -38.40
N ASP T 90 44.14 -1.84 -37.89
CA ASP T 90 42.76 -1.96 -37.42
C ASP T 90 41.79 -2.19 -38.57
N ASN T 91 42.10 -1.68 -39.76
CA ASN T 91 41.30 -1.94 -40.94
C ASN T 91 41.83 -3.13 -41.74
N LYS T 92 42.71 -3.92 -41.14
CA LYS T 92 43.27 -5.15 -41.73
C LYS T 92 43.99 -4.89 -43.05
N LYS T 93 44.62 -3.73 -43.18
CA LYS T 93 45.41 -3.41 -44.34
C LYS T 93 46.89 -3.38 -43.96
N THR T 94 47.71 -4.01 -44.80
CA THR T 94 49.15 -3.96 -44.62
C THR T 94 49.82 -2.90 -45.47
N ARG T 95 49.04 -2.05 -46.14
CA ARG T 95 49.56 -0.92 -46.90
C ARG T 95 48.79 0.32 -46.49
N ILE T 96 49.50 1.41 -46.24
CA ILE T 96 48.87 2.65 -45.81
C ILE T 96 48.09 3.28 -46.96
N ILE T 97 46.98 3.91 -46.64
CA ILE T 97 46.13 4.55 -47.64
C ILE T 97 45.93 5.97 -47.09
N PRO T 98 45.61 6.98 -47.89
CA PRO T 98 45.29 8.29 -47.31
C PRO T 98 44.09 8.31 -46.38
N ARG T 99 43.17 7.35 -46.50
CA ARG T 99 42.09 7.27 -45.51
C ARG T 99 42.64 6.99 -44.13
N HIS T 100 43.66 6.13 -44.03
CA HIS T 100 44.34 5.92 -42.76
C HIS T 100 44.99 7.20 -42.25
N LEU T 101 45.55 8.00 -43.14
CA LEU T 101 46.19 9.25 -42.73
C LEU T 101 45.17 10.22 -42.16
N GLN T 102 44.02 10.33 -42.81
CA GLN T 102 42.96 11.21 -42.32
C GLN T 102 42.42 10.73 -40.98
N LEU T 103 42.20 9.42 -40.86
CA LEU T 103 41.71 8.87 -39.59
C LEU T 103 42.76 9.03 -38.50
N ALA T 104 44.04 9.00 -38.88
CA ALA T 104 45.11 9.17 -37.90
C ALA T 104 45.15 10.61 -37.40
N ILE T 105 45.12 11.58 -38.31
CA ILE T 105 45.29 12.97 -37.90
C ILE T 105 44.05 13.46 -37.14
N ARG T 106 42.85 13.03 -37.57
CA ARG T 106 41.66 13.62 -36.98
C ARG T 106 41.29 13.00 -35.63
N ASN T 107 41.84 11.83 -35.31
CA ASN T 107 41.47 11.20 -34.05
C ASN T 107 42.30 11.67 -32.86
N ASP T 108 43.26 12.56 -33.06
CA ASP T 108 43.93 13.24 -31.97
C ASP T 108 43.65 14.73 -32.04
N GLU T 109 43.21 15.30 -30.91
CA GLU T 109 42.88 16.72 -30.86
C GLU T 109 44.10 17.60 -31.00
N GLU T 110 45.25 17.15 -30.51
CA GLU T 110 46.44 17.99 -30.55
C GLU T 110 46.99 18.11 -31.96
N LEU T 111 46.96 17.01 -32.73
CA LEU T 111 47.28 17.09 -34.15
C LEU T 111 46.24 17.89 -34.92
N ASN T 112 45.00 17.89 -34.45
CA ASN T 112 43.99 18.77 -35.05
C ASN T 112 44.35 20.23 -34.85
N LYS T 113 44.86 20.57 -33.66
CA LYS T 113 45.36 21.92 -33.45
C LYS T 113 46.61 22.19 -34.29
N LEU T 114 47.39 21.14 -34.55
CA LEU T 114 48.48 21.28 -35.51
C LEU T 114 47.96 21.46 -36.93
N LEU T 115 46.90 20.73 -37.29
CA LEU T 115 46.41 20.67 -38.66
C LEU T 115 44.95 21.09 -38.79
N GLY T 116 44.60 22.25 -38.25
CA GLY T 116 43.21 22.69 -38.32
C GLY T 116 42.75 23.05 -39.73
N ARG T 117 43.65 23.64 -40.52
CA ARG T 117 43.28 24.17 -41.83
C ARG T 117 43.90 23.39 -42.98
N VAL T 118 44.23 22.12 -42.77
CA VAL T 118 44.96 21.32 -43.74
C VAL T 118 44.01 20.34 -44.42
N THR T 119 44.08 20.28 -45.74
CA THR T 119 43.23 19.39 -46.54
C THR T 119 44.03 18.17 -46.97
N ILE T 120 43.47 16.98 -46.75
CA ILE T 120 44.06 15.73 -47.20
C ILE T 120 43.30 15.21 -48.41
N ALA T 121 44.02 14.91 -49.49
CA ALA T 121 43.40 14.37 -50.69
C ALA T 121 42.89 12.96 -50.45
N GLN T 122 41.64 12.71 -50.89
CA GLN T 122 40.95 11.43 -50.74
C GLN T 122 40.86 10.98 -49.29
N GLY T 123 40.75 11.92 -48.35
CA GLY T 123 40.74 11.54 -46.95
C GLY T 123 39.35 11.29 -46.38
N GLY T 124 38.34 11.97 -46.91
CA GLY T 124 37.04 11.88 -46.31
C GLY T 124 37.03 12.63 -44.98
N VAL T 125 36.06 12.29 -44.14
CA VAL T 125 35.95 12.84 -42.80
C VAL T 125 35.77 11.69 -41.82
N LEU T 126 35.81 12.04 -40.54
CA LEU T 126 35.53 11.06 -39.50
C LEU T 126 34.08 10.59 -39.59
N PRO T 127 33.81 9.32 -39.30
CA PRO T 127 32.41 8.89 -39.15
C PRO T 127 31.82 9.56 -37.91
N ASN T 128 30.90 10.49 -38.16
CA ASN T 128 30.38 11.34 -37.09
C ASN T 128 28.96 11.73 -37.43
N ILE T 129 28.00 11.28 -36.63
CA ILE T 129 26.60 11.61 -36.78
C ILE T 129 26.19 12.38 -35.54
N GLN T 130 25.54 13.52 -35.73
CA GLN T 130 25.00 14.26 -34.60
C GLN T 130 23.92 13.42 -33.93
N ALA T 131 23.88 13.48 -32.59
CA ALA T 131 23.06 12.54 -31.82
C ALA T 131 21.57 12.74 -32.06
N VAL T 132 21.13 13.98 -32.31
CA VAL T 132 19.74 14.23 -32.59
C VAL T 132 19.33 13.69 -33.95
N LEU T 133 20.29 13.49 -34.87
CA LEU T 133 19.97 12.90 -36.17
C LEU T 133 19.61 11.42 -36.05
N LEU T 134 20.08 10.75 -35.01
CA LEU T 134 19.80 9.34 -34.85
C LEU T 134 18.35 9.13 -34.44
N PRO T 135 17.73 8.04 -34.87
CA PRO T 135 16.34 7.77 -34.49
C PRO T 135 16.22 7.31 -33.05
N LYS T 136 14.99 7.30 -32.56
CA LYS T 136 14.70 6.85 -31.20
C LYS T 136 14.88 5.34 -31.06
N LYS U 31 67.44 10.14 -70.06
CA LYS U 31 67.25 10.35 -68.64
C LYS U 31 66.80 11.78 -68.37
N ARG U 32 66.09 11.97 -67.26
CA ARG U 32 65.55 13.28 -66.90
C ARG U 32 66.33 13.80 -65.70
N SER U 33 66.38 15.13 -65.58
CA SER U 33 67.11 15.78 -64.49
C SER U 33 66.46 15.46 -63.15
N ARG U 34 67.28 15.46 -62.10
CA ARG U 34 66.86 14.93 -60.80
C ARG U 34 65.79 15.80 -60.15
N LYS U 35 64.79 15.15 -59.59
CA LYS U 35 63.77 15.77 -58.76
C LYS U 35 63.97 15.25 -57.35
N GLU U 36 64.57 16.08 -56.49
CA GLU U 36 64.83 15.66 -55.11
C GLU U 36 63.55 15.62 -54.30
N SER U 37 63.43 14.59 -53.46
CA SER U 37 62.20 14.34 -52.73
C SER U 37 62.55 13.68 -51.40
N TYR U 38 61.53 13.55 -50.54
CA TYR U 38 61.70 12.98 -49.21
C TYR U 38 61.03 11.63 -49.00
N SER U 39 61.04 10.74 -50.00
CA SER U 39 60.32 9.48 -49.84
C SER U 39 61.14 8.44 -49.08
N VAL U 40 62.39 8.22 -49.48
CA VAL U 40 63.16 7.08 -49.01
C VAL U 40 63.48 7.21 -47.52
N TYR U 41 63.61 8.44 -47.04
CA TYR U 41 63.77 8.66 -45.61
C TYR U 41 62.51 8.25 -44.86
N VAL U 42 61.34 8.53 -45.45
CA VAL U 42 60.10 8.09 -44.83
C VAL U 42 60.05 6.57 -44.80
N TYR U 43 60.52 5.92 -45.87
CA TYR U 43 60.61 4.45 -45.86
C TYR U 43 61.52 3.95 -44.74
N LYS U 44 62.66 4.61 -44.54
CA LYS U 44 63.56 4.14 -43.49
C LYS U 44 62.94 4.33 -42.10
N VAL U 45 62.34 5.50 -41.84
CA VAL U 45 61.80 5.75 -40.51
C VAL U 45 60.61 4.84 -40.23
N LEU U 46 59.77 4.59 -41.25
CA LEU U 46 58.65 3.69 -41.04
C LEU U 46 59.15 2.27 -40.83
N LYS U 47 60.21 1.90 -41.55
CA LYS U 47 60.80 0.58 -41.42
C LYS U 47 61.38 0.37 -40.03
N GLN U 48 61.85 1.44 -39.39
CA GLN U 48 62.19 1.35 -37.96
C GLN U 48 60.94 1.19 -37.11
N VAL U 49 59.88 1.94 -37.41
CA VAL U 49 58.75 1.91 -36.47
C VAL U 49 57.78 0.79 -36.83
N HIS U 50 57.72 0.39 -38.10
CA HIS U 50 56.84 -0.69 -38.55
C HIS U 50 57.50 -1.38 -39.73
N PRO U 51 58.26 -2.45 -39.48
CA PRO U 51 58.96 -3.13 -40.59
C PRO U 51 58.03 -3.75 -41.62
N ASP U 52 56.79 -4.01 -41.25
CA ASP U 52 55.90 -4.87 -42.01
C ASP U 52 55.12 -4.15 -43.10
N THR U 53 54.82 -2.87 -42.96
CA THR U 53 53.73 -2.27 -43.71
C THR U 53 54.17 -1.85 -45.10
N GLY U 54 53.19 -1.55 -45.94
CA GLY U 54 53.41 -1.05 -47.27
C GLY U 54 53.00 0.41 -47.38
N ILE U 55 53.25 0.98 -48.56
CA ILE U 55 53.05 2.40 -48.78
C ILE U 55 52.31 2.59 -50.09
N SER U 56 51.25 3.39 -50.07
CA SER U 56 50.69 3.90 -51.32
C SER U 56 51.33 5.25 -51.69
N SER U 57 51.46 5.47 -53.00
CA SER U 57 52.30 6.56 -53.48
C SER U 57 51.67 7.92 -53.26
N LYS U 58 50.33 8.03 -53.36
CA LYS U 58 49.73 9.34 -53.12
C LYS U 58 49.78 9.69 -51.64
N ALA U 59 49.69 8.68 -50.77
CA ALA U 59 49.96 8.91 -49.34
C ALA U 59 51.39 9.37 -49.11
N MET U 60 52.34 8.83 -49.90
CA MET U 60 53.73 9.23 -49.79
C MET U 60 53.87 10.70 -50.20
N GLY U 61 53.14 11.11 -51.23
CA GLY U 61 53.08 12.53 -51.58
C GLY U 61 52.50 13.38 -50.47
N ILE U 62 51.50 12.85 -49.76
CA ILE U 62 50.93 13.58 -48.62
C ILE U 62 51.98 13.78 -47.54
N MET U 63 52.81 12.76 -47.31
CA MET U 63 53.96 12.92 -46.39
C MET U 63 54.95 13.97 -46.86
N ASN U 64 55.27 14.00 -48.16
CA ASN U 64 56.19 15.02 -48.66
C ASN U 64 55.60 16.42 -48.46
N SER U 65 54.30 16.56 -48.68
CA SER U 65 53.63 17.84 -48.44
C SER U 65 53.67 18.21 -46.96
N PHE U 66 53.48 17.22 -46.08
CA PHE U 66 53.59 17.46 -44.64
C PHE U 66 54.96 17.99 -44.25
N VAL U 67 56.02 17.29 -44.67
CA VAL U 67 57.35 17.67 -44.22
C VAL U 67 57.77 18.99 -44.84
N ASN U 68 57.41 19.23 -46.10
CA ASN U 68 57.74 20.50 -46.72
C ASN U 68 56.99 21.65 -46.06
N ASP U 69 55.71 21.43 -45.73
CA ASP U 69 54.92 22.46 -45.07
C ASP U 69 55.48 22.81 -43.69
N ILE U 70 55.76 21.79 -42.87
CA ILE U 70 56.29 22.05 -41.53
C ILE U 70 57.67 22.69 -41.61
N PHE U 71 58.46 22.26 -42.60
CA PHE U 71 59.76 22.87 -42.82
C PHE U 71 59.64 24.35 -43.14
N GLU U 72 58.71 24.72 -44.02
CA GLU U 72 58.53 26.13 -44.33
C GLU U 72 58.02 26.93 -43.14
N ARG U 73 57.10 26.36 -42.35
CA ARG U 73 56.60 27.06 -41.15
C ARG U 73 57.73 27.33 -40.16
N ILE U 74 58.53 26.31 -39.86
CA ILE U 74 59.60 26.46 -38.88
C ILE U 74 60.68 27.39 -39.41
N ALA U 75 60.97 27.32 -40.71
CA ALA U 75 62.01 28.18 -41.27
C ALA U 75 61.56 29.63 -41.31
N GLY U 76 60.28 29.87 -41.58
CA GLY U 76 59.77 31.24 -41.54
C GLY U 76 59.77 31.82 -40.13
N GLU U 77 59.39 31.00 -39.14
CA GLU U 77 59.48 31.46 -37.76
C GLU U 77 60.93 31.70 -37.34
N ALA U 78 61.86 30.87 -37.84
CA ALA U 78 63.27 31.06 -37.53
C ALA U 78 63.78 32.37 -38.10
N SER U 79 63.41 32.68 -39.34
CA SER U 79 63.83 33.94 -39.95
C SER U 79 63.21 35.12 -39.21
N ARG U 80 61.94 34.98 -38.80
CA ARG U 80 61.26 36.06 -38.09
C ARG U 80 61.91 36.34 -36.74
N LEU U 81 62.26 35.29 -36.00
CA LEU U 81 62.89 35.48 -34.70
C LEU U 81 64.34 35.96 -34.83
N ALA U 82 65.04 35.53 -35.88
CA ALA U 82 66.38 36.06 -36.11
C ALA U 82 66.32 37.55 -36.43
N HIS U 83 65.27 37.97 -37.13
CA HIS U 83 65.05 39.39 -37.36
C HIS U 83 64.74 40.13 -36.06
N TYR U 84 63.89 39.55 -35.20
CA TYR U 84 63.40 40.30 -34.04
C TYR U 84 64.47 40.48 -32.99
N ASN U 85 65.32 39.48 -32.80
CA ASN U 85 66.50 39.63 -31.97
C ASN U 85 67.68 40.18 -32.77
N LYS U 86 67.42 40.53 -34.04
CA LYS U 86 68.40 41.17 -34.92
C LYS U 86 69.64 40.31 -35.07
N ARG U 87 69.42 39.00 -35.09
CA ARG U 87 70.49 38.01 -35.11
C ARG U 87 70.70 37.57 -36.54
N SER U 88 71.96 37.49 -36.94
CA SER U 88 72.27 37.13 -38.30
C SER U 88 72.25 35.63 -38.53
N THR U 89 72.23 34.84 -37.46
CA THR U 89 72.52 33.41 -37.51
C THR U 89 71.31 32.59 -37.06
N ILE U 90 70.90 31.63 -37.89
CA ILE U 90 69.92 30.63 -37.48
C ILE U 90 70.61 29.50 -36.70
N THR U 91 70.32 29.43 -35.39
CA THR U 91 70.82 28.39 -34.50
C THR U 91 69.68 27.53 -33.99
N SER U 92 70.04 26.46 -33.27
CA SER U 92 69.05 25.53 -32.73
C SER U 92 68.17 26.19 -31.66
N ARG U 93 68.67 27.24 -31.03
CA ARG U 93 68.04 27.75 -29.82
C ARG U 93 66.76 28.52 -30.17
N GLU U 94 66.82 29.35 -31.21
CA GLU U 94 65.62 30.03 -31.67
C GLU U 94 64.67 29.12 -32.43
N ILE U 95 65.16 28.06 -33.09
CA ILE U 95 64.17 27.19 -33.71
C ILE U 95 63.50 26.33 -32.65
N GLN U 96 64.18 26.09 -31.52
CA GLN U 96 63.52 25.52 -30.36
C GLN U 96 62.41 26.43 -29.89
N THR U 97 62.69 27.73 -29.84
CA THR U 97 61.65 28.71 -29.52
C THR U 97 60.50 28.64 -30.51
N ALA U 98 60.82 28.50 -31.80
CA ALA U 98 59.79 28.42 -32.82
C ALA U 98 58.94 27.17 -32.69
N VAL U 99 59.56 26.04 -32.34
CA VAL U 99 58.82 24.80 -32.14
C VAL U 99 57.90 24.93 -30.94
N ARG U 100 58.37 25.60 -29.88
CA ARG U 100 57.51 25.85 -28.74
C ARG U 100 56.36 26.78 -29.11
N LEU U 101 56.58 27.66 -30.10
CA LEU U 101 55.49 28.49 -30.59
C LEU U 101 54.49 27.67 -31.40
N LEU U 102 54.94 27.06 -32.49
CA LEU U 102 54.01 26.50 -33.48
C LEU U 102 53.48 25.14 -33.02
N LEU U 103 54.37 24.20 -32.83
CA LEU U 103 53.93 22.89 -32.40
C LEU U 103 53.49 22.94 -30.95
N PRO U 104 52.27 22.48 -30.63
CA PRO U 104 51.78 22.58 -29.26
C PRO U 104 52.24 21.44 -28.37
N GLY U 105 52.29 21.74 -27.07
CA GLY U 105 52.23 20.77 -25.99
C GLY U 105 53.12 19.55 -26.00
N GLU U 106 52.48 18.38 -26.10
CA GLU U 106 53.16 17.13 -25.81
C GLU U 106 54.22 16.80 -26.87
N LEU U 107 53.84 16.92 -28.15
CA LEU U 107 54.82 16.79 -29.23
C LEU U 107 55.89 17.87 -29.12
N ALA U 108 55.53 19.06 -28.67
CA ALA U 108 56.51 20.12 -28.52
C ALA U 108 57.59 19.75 -27.53
N LYS U 109 57.20 19.30 -26.34
CA LYS U 109 58.21 18.99 -25.32
C LYS U 109 58.99 17.72 -25.68
N HIS U 110 58.33 16.73 -26.27
CA HIS U 110 59.05 15.52 -26.65
C HIS U 110 59.98 15.77 -27.82
N ALA U 111 59.54 16.57 -28.80
CA ALA U 111 60.38 16.92 -29.93
C ALA U 111 61.58 17.73 -29.48
N VAL U 112 61.37 18.62 -28.50
CA VAL U 112 62.48 19.30 -27.85
C VAL U 112 63.43 18.28 -27.24
N SER U 113 62.89 17.24 -26.60
CA SER U 113 63.74 16.23 -25.98
C SER U 113 64.60 15.51 -27.01
N GLU U 114 64.00 15.04 -28.11
CA GLU U 114 64.79 14.31 -29.10
C GLU U 114 65.77 15.22 -29.80
N GLY U 115 65.38 16.47 -30.04
CA GLY U 115 66.29 17.39 -30.69
C GLY U 115 67.48 17.76 -29.83
N THR U 116 67.26 17.97 -28.54
CA THR U 116 68.37 18.22 -27.64
C THR U 116 69.28 17.01 -27.53
N LYS U 117 68.71 15.81 -27.50
CA LYS U 117 69.53 14.60 -27.52
C LYS U 117 70.36 14.53 -28.79
N ALA U 118 69.75 14.85 -29.93
CA ALA U 118 70.46 14.79 -31.20
C ALA U 118 71.57 15.83 -31.29
N VAL U 119 71.32 17.05 -30.81
CA VAL U 119 72.32 18.09 -30.94
C VAL U 119 73.45 17.86 -29.94
N THR U 120 73.15 17.22 -28.81
CA THR U 120 74.23 16.83 -27.90
C THR U 120 75.05 15.70 -28.49
N LYS U 121 74.40 14.78 -29.20
CA LYS U 121 75.14 13.71 -29.86
C LYS U 121 76.03 14.25 -30.97
N TYR U 122 75.52 15.22 -31.74
CA TYR U 122 76.35 15.83 -32.77
C TYR U 122 77.44 16.69 -32.15
N THR U 123 77.19 17.22 -30.96
CA THR U 123 78.22 17.93 -30.22
C THR U 123 79.36 17.00 -29.86
N SER U 124 79.04 15.75 -29.54
CA SER U 124 80.02 14.69 -29.39
C SER U 124 80.46 14.09 -30.71
N ALA U 125 80.23 14.79 -31.83
CA ALA U 125 80.59 14.37 -33.19
C ALA U 125 80.03 12.99 -33.54
N LYS V 38 2.46 -5.89 -51.00
CA LYS V 38 2.82 -4.48 -50.86
C LYS V 38 4.34 -4.35 -50.86
N PRO V 39 4.88 -3.55 -51.78
CA PRO V 39 6.34 -3.39 -51.86
C PRO V 39 6.90 -2.71 -50.63
N HIS V 40 8.09 -3.15 -50.23
CA HIS V 40 8.76 -2.56 -49.08
C HIS V 40 9.17 -1.12 -49.38
N ARG V 41 9.00 -0.26 -48.38
CA ARG V 41 9.36 1.15 -48.51
C ARG V 41 9.90 1.62 -47.19
N TYR V 42 11.12 2.13 -47.19
CA TYR V 42 11.74 2.59 -45.96
C TYR V 42 11.11 3.91 -45.52
N ARG V 43 11.07 4.12 -44.21
CA ARG V 43 10.61 5.39 -43.69
C ARG V 43 11.59 6.51 -44.06
N PRO V 44 11.12 7.75 -44.18
CA PRO V 44 12.01 8.85 -44.55
C PRO V 44 13.12 9.06 -43.53
N GLY V 45 14.34 9.21 -44.04
CA GLY V 45 15.52 9.35 -43.22
C GLY V 45 16.33 8.08 -43.06
N THR V 46 15.71 6.92 -43.20
CA THR V 46 16.43 5.65 -43.02
C THR V 46 17.48 5.45 -44.10
N VAL V 47 17.06 5.56 -45.37
CA VAL V 47 18.01 5.49 -46.47
C VAL V 47 18.94 6.68 -46.42
N ALA V 48 18.47 7.82 -45.90
CA ALA V 48 19.34 8.98 -45.74
C ALA V 48 20.49 8.69 -44.78
N LEU V 49 20.20 8.07 -43.64
CA LEU V 49 21.27 7.75 -42.69
C LEU V 49 22.16 6.64 -43.21
N ARG V 50 21.60 5.69 -43.96
CA ARG V 50 22.45 4.69 -44.59
C ARG V 50 23.36 5.33 -45.64
N GLU V 51 22.86 6.35 -46.33
CA GLU V 51 23.70 7.16 -47.21
C GLU V 51 24.77 7.89 -46.42
N ILE V 52 24.42 8.38 -45.23
CA ILE V 52 25.40 9.08 -44.38
C ILE V 52 26.57 8.16 -44.08
N ARG V 53 26.26 6.94 -43.61
CA ARG V 53 27.30 5.99 -43.27
C ARG V 53 28.10 5.56 -44.51
N ARG V 54 27.39 5.33 -45.62
CA ARG V 54 28.03 4.85 -46.84
C ARG V 54 28.99 5.89 -47.41
N TYR V 55 28.52 7.12 -47.58
CA TYR V 55 29.35 8.16 -48.16
C TYR V 55 30.37 8.70 -47.18
N GLN V 56 30.18 8.49 -45.88
CA GLN V 56 31.16 8.98 -44.93
C GLN V 56 32.26 7.97 -44.66
N LYS V 57 31.98 6.68 -44.84
CA LYS V 57 33.06 5.70 -44.77
C LYS V 57 33.90 5.75 -46.03
N SER V 58 33.31 6.17 -47.15
CA SER V 58 33.99 6.14 -48.43
C SER V 58 34.85 7.38 -48.62
N THR V 59 35.82 7.27 -49.53
CA THR V 59 36.67 8.39 -49.91
C THR V 59 36.55 8.73 -51.38
N GLU V 60 35.88 7.91 -52.18
CA GLU V 60 35.85 8.09 -53.61
C GLU V 60 34.98 9.30 -53.98
N LEU V 61 35.17 9.78 -55.21
CA LEU V 61 34.75 11.12 -55.59
C LEU V 61 33.23 11.26 -55.66
N LEU V 62 32.76 12.49 -55.44
CA LEU V 62 31.34 12.82 -55.39
C LEU V 62 30.88 13.72 -56.54
N ILE V 63 31.78 14.44 -57.16
CA ILE V 63 31.44 15.29 -58.29
C ILE V 63 31.85 14.59 -59.58
N ARG V 64 30.92 14.55 -60.54
CA ARG V 64 31.25 14.07 -61.88
C ARG V 64 32.32 14.98 -62.48
N LYS V 65 33.44 14.38 -62.89
CA LYS V 65 34.65 15.14 -63.11
C LYS V 65 34.59 15.96 -64.40
N LEU V 66 33.86 15.47 -65.40
CA LEU V 66 33.87 16.17 -66.67
C LEU V 66 32.96 17.40 -66.70
N PRO V 67 31.71 17.38 -66.18
CA PRO V 67 30.98 18.65 -66.07
C PRO V 67 31.67 19.66 -65.16
N PHE V 68 32.34 19.18 -64.11
CA PHE V 68 33.16 20.06 -63.29
C PHE V 68 34.29 20.67 -64.10
N GLN V 69 34.98 19.87 -64.91
CA GLN V 69 36.09 20.39 -65.72
C GLN V 69 35.59 21.39 -66.75
N ARG V 70 34.39 21.15 -67.28
CA ARG V 70 33.75 22.13 -68.15
C ARG V 70 33.50 23.44 -67.42
N LEU V 71 33.05 23.35 -66.16
CA LEU V 71 32.82 24.57 -65.36
C LEU V 71 34.13 25.29 -65.08
N VAL V 72 35.20 24.53 -64.80
CA VAL V 72 36.51 25.10 -64.54
C VAL V 72 37.03 25.84 -65.77
N ARG V 73 36.92 25.21 -66.94
CA ARG V 73 37.40 25.87 -68.15
C ARG V 73 36.53 27.07 -68.52
N GLU V 74 35.24 26.99 -68.22
CA GLU V 74 34.33 28.12 -68.46
C GLU V 74 34.71 29.33 -67.60
N ILE V 75 35.00 29.09 -66.33
CA ILE V 75 35.39 30.20 -65.46
C ILE V 75 36.79 30.69 -65.80
N ALA V 76 37.66 29.77 -66.23
CA ALA V 76 39.04 30.13 -66.56
C ALA V 76 39.10 31.00 -67.80
N GLN V 77 38.32 30.67 -68.83
CA GLN V 77 38.34 31.46 -70.06
C GLN V 77 37.70 32.83 -69.87
N ASP V 78 36.95 33.04 -68.80
CA ASP V 78 36.43 34.36 -68.48
C ASP V 78 37.50 35.31 -67.98
N PHE V 79 38.67 34.79 -67.59
CA PHE V 79 39.72 35.61 -67.02
C PHE V 79 40.93 35.68 -67.93
N LYS V 80 41.34 34.54 -68.46
CA LYS V 80 42.35 34.48 -69.51
C LYS V 80 41.89 33.45 -70.53
N THR V 81 41.90 33.81 -71.80
CA THR V 81 41.44 32.90 -72.83
C THR V 81 42.50 31.84 -73.13
N ASP V 82 42.03 30.72 -73.68
CA ASP V 82 42.87 29.62 -74.18
C ASP V 82 43.75 29.01 -73.09
N LEU V 83 43.26 28.96 -71.86
CA LEU V 83 44.02 28.30 -70.81
C LEU V 83 43.96 26.80 -70.98
N ARG V 84 45.10 26.15 -70.73
CA ARG V 84 45.20 24.71 -70.80
C ARG V 84 45.43 24.16 -69.40
N PHE V 85 44.89 22.98 -69.13
CA PHE V 85 44.84 22.43 -67.79
C PHE V 85 45.57 21.11 -67.71
N GLN V 86 46.50 21.01 -66.77
CA GLN V 86 46.96 19.70 -66.34
C GLN V 86 45.82 19.00 -65.63
N SER V 87 45.76 17.68 -65.76
CA SER V 87 44.68 16.93 -65.13
C SER V 87 44.79 16.99 -63.62
N SER V 88 46.02 16.96 -63.10
CA SER V 88 46.25 17.07 -61.67
C SER V 88 45.83 18.43 -61.11
N ALA V 89 45.97 19.48 -61.91
CA ALA V 89 45.48 20.80 -61.50
C ALA V 89 43.97 20.79 -61.31
N VAL V 90 43.28 20.14 -62.26
CA VAL V 90 41.84 19.95 -62.13
C VAL V 90 41.53 19.16 -60.86
N MET V 91 42.27 18.06 -60.64
CA MET V 91 42.01 17.18 -59.51
C MET V 91 42.14 17.90 -58.19
N ALA V 92 43.22 18.65 -58.03
CA ALA V 92 43.44 19.44 -56.82
C ALA V 92 42.33 20.45 -56.65
N LEU V 93 41.98 21.13 -57.74
CA LEU V 93 40.89 22.15 -57.68
C LEU V 93 39.65 21.44 -57.18
N GLN V 94 39.48 20.18 -57.60
CA GLN V 94 38.30 19.38 -57.16
C GLN V 94 38.48 19.08 -55.67
N GLU V 95 39.53 18.35 -55.27
CA GLU V 95 39.67 17.94 -53.84
C GLU V 95 39.41 19.14 -52.93
N ALA V 96 40.03 20.28 -53.21
CA ALA V 96 39.85 21.49 -52.41
C ALA V 96 38.38 21.91 -52.37
N SER V 97 37.65 21.81 -53.50
CA SER V 97 36.27 22.29 -53.49
C SER V 97 35.39 21.43 -52.58
N GLU V 98 35.46 20.09 -52.71
CA GLU V 98 34.68 19.25 -51.79
C GLU V 98 35.14 19.43 -50.35
N ALA V 99 36.43 19.71 -50.13
CA ALA V 99 36.87 20.01 -48.76
C ALA V 99 36.18 21.25 -48.22
N TYR V 100 36.15 22.32 -49.01
CA TYR V 100 35.54 23.57 -48.57
C TYR V 100 34.04 23.39 -48.35
N LEU V 101 33.38 22.68 -49.26
CA LEU V 101 31.94 22.46 -49.14
C LEU V 101 31.60 21.62 -47.92
N VAL V 102 32.35 20.54 -47.66
CA VAL V 102 31.99 19.70 -46.52
C VAL V 102 32.29 20.42 -45.22
N GLY V 103 33.29 21.32 -45.23
CA GLY V 103 33.46 22.21 -44.09
C GLY V 103 32.24 23.07 -43.84
N LEU V 104 31.67 23.61 -44.92
CA LEU V 104 30.43 24.37 -44.78
C LEU V 104 29.27 23.52 -44.32
N PHE V 105 29.12 22.29 -44.81
CA PHE V 105 27.94 21.55 -44.34
C PHE V 105 28.12 20.99 -42.93
N GLU V 106 29.35 20.71 -42.49
CA GLU V 106 29.54 20.40 -41.08
C GLU V 106 29.15 21.58 -40.20
N ASP V 107 29.60 22.78 -40.59
CA ASP V 107 29.20 23.99 -39.87
C ASP V 107 27.69 24.20 -39.95
N THR V 108 27.11 23.88 -41.09
CA THR V 108 25.67 24.04 -41.30
C THR V 108 24.88 23.08 -40.43
N ASN V 109 25.35 21.84 -40.31
CA ASN V 109 24.70 20.87 -39.43
C ASN V 109 24.76 21.33 -37.98
N LEU V 110 25.92 21.83 -37.55
CA LEU V 110 26.05 22.29 -36.17
C LEU V 110 25.15 23.47 -35.89
N ALA V 111 25.09 24.42 -36.81
CA ALA V 111 24.23 25.59 -36.61
C ALA V 111 22.76 25.22 -36.75
N ALA V 112 22.44 24.21 -37.55
CA ALA V 112 21.06 23.81 -37.73
C ALA V 112 20.54 23.08 -36.50
N ILE V 113 21.34 22.20 -35.91
CA ILE V 113 20.93 21.57 -34.67
C ILE V 113 21.00 22.57 -33.54
N HIS V 114 21.78 23.64 -33.71
CA HIS V 114 21.69 24.78 -32.80
C HIS V 114 20.35 25.49 -32.94
N ALA V 115 19.78 25.45 -34.15
CA ALA V 115 18.51 26.11 -34.42
C ALA V 115 17.31 25.20 -34.20
N LYS V 116 17.51 24.05 -33.53
CA LYS V 116 16.47 23.08 -33.20
C LYS V 116 15.77 22.53 -34.44
N ARG V 117 16.43 22.52 -35.59
CA ARG V 117 15.89 21.93 -36.79
C ARG V 117 16.81 20.84 -37.30
N VAL V 118 16.30 20.04 -38.22
CA VAL V 118 17.12 19.07 -38.93
C VAL V 118 17.22 19.38 -40.42
N THR V 119 16.40 20.28 -40.95
CA THR V 119 16.46 20.67 -42.35
C THR V 119 17.26 21.96 -42.48
N ILE V 120 18.22 21.98 -43.39
CA ILE V 120 19.08 23.14 -43.58
C ILE V 120 18.41 24.12 -44.52
N MET V 121 18.63 25.41 -44.29
CA MET V 121 17.98 26.49 -45.03
C MET V 121 19.04 27.49 -45.46
N PRO V 122 18.76 28.30 -46.49
CA PRO V 122 19.78 29.22 -47.02
C PRO V 122 20.35 30.22 -46.03
N LYS V 123 19.54 30.67 -45.08
CA LYS V 123 20.02 31.57 -44.04
C LYS V 123 21.09 30.90 -43.20
N ASP V 124 21.07 29.57 -43.09
CA ASP V 124 22.08 28.86 -42.30
C ASP V 124 23.44 28.90 -43.01
N ILE V 125 23.47 28.68 -44.32
CA ILE V 125 24.73 28.75 -45.06
C ILE V 125 25.26 30.18 -45.07
N GLN V 126 24.35 31.15 -45.19
CA GLN V 126 24.74 32.55 -45.09
C GLN V 126 25.34 32.86 -43.72
N LEU V 127 24.73 32.30 -42.66
CA LEU V 127 25.26 32.47 -41.32
C LEU V 127 26.64 31.87 -41.18
N ALA V 128 26.83 30.67 -41.72
CA ALA V 128 28.11 29.98 -41.61
C ALA V 128 29.21 30.76 -42.33
N ARG V 129 28.88 31.29 -43.50
CA ARG V 129 29.85 32.11 -44.23
C ARG V 129 30.16 33.40 -43.48
N ARG V 130 29.15 34.00 -42.85
CA ARG V 130 29.38 35.26 -42.15
C ARG V 130 30.21 35.04 -40.88
N ILE V 131 29.97 33.94 -40.18
CA ILE V 131 30.76 33.62 -39.00
C ILE V 131 32.19 33.31 -39.39
N ARG V 132 32.37 32.61 -40.52
CA ARG V 132 33.73 32.40 -41.02
C ARG V 132 34.35 33.68 -41.58
N GLY V 133 33.56 34.74 -41.75
CA GLY V 133 34.07 35.95 -42.34
C GLY V 133 34.10 35.94 -43.84
N GLU V 134 33.34 35.06 -44.47
CA GLU V 134 33.34 34.94 -45.92
C GLU V 134 32.60 36.12 -46.55
N LYS W 21 33.24 25.77 -78.52
CA LYS W 21 34.43 26.46 -78.04
C LYS W 21 34.16 27.15 -76.71
N VAL W 22 33.29 28.16 -76.73
CA VAL W 22 32.93 28.85 -75.52
C VAL W 22 31.86 28.06 -74.76
N LEU W 23 31.79 28.30 -73.45
CA LEU W 23 30.83 27.63 -72.59
C LEU W 23 30.00 28.68 -71.86
N ARG W 24 28.74 28.40 -71.65
CA ARG W 24 27.81 29.37 -71.09
C ARG W 24 27.10 28.86 -69.84
N ASP W 25 26.96 27.54 -69.68
CA ASP W 25 26.21 26.97 -68.56
C ASP W 25 26.84 25.64 -68.16
N ASN W 26 27.65 25.66 -67.12
CA ASN W 26 28.14 24.43 -66.50
C ASN W 26 28.00 24.43 -64.99
N ILE W 27 27.41 25.48 -64.41
CA ILE W 27 27.11 25.46 -62.98
C ILE W 27 26.06 24.39 -62.68
N GLN W 28 25.20 24.09 -63.65
CA GLN W 28 24.25 23.01 -63.49
C GLN W 28 24.89 21.64 -63.64
N GLY W 29 26.14 21.58 -64.08
CA GLY W 29 26.89 20.33 -64.06
C GLY W 29 27.17 19.78 -62.68
N ILE W 30 27.14 20.66 -61.66
CA ILE W 30 27.10 20.21 -60.27
C ILE W 30 25.63 19.90 -60.00
N THR W 31 25.25 18.65 -60.25
CA THR W 31 23.85 18.27 -60.21
C THR W 31 23.34 18.23 -58.77
N LYS W 32 22.02 18.34 -58.66
CA LYS W 32 21.35 18.18 -57.37
C LYS W 32 21.62 16.85 -56.67
N PRO W 33 21.64 15.68 -57.34
CA PRO W 33 22.11 14.48 -56.63
C PRO W 33 23.56 14.56 -56.17
N ALA W 34 24.42 15.24 -56.92
CA ALA W 34 25.80 15.42 -56.48
C ALA W 34 25.87 16.28 -55.22
N ILE W 35 25.05 17.33 -55.17
CA ILE W 35 24.98 18.16 -53.97
C ILE W 35 24.40 17.36 -52.81
N ARG W 36 23.46 16.47 -53.11
CA ARG W 36 22.90 15.57 -52.10
C ARG W 36 23.98 14.65 -51.54
N ARG W 37 24.84 14.13 -52.41
CA ARG W 37 25.95 13.30 -51.96
C ARG W 37 26.89 14.10 -51.07
N LEU W 38 27.16 15.36 -51.45
CA LEU W 38 28.02 16.22 -50.64
C LEU W 38 27.42 16.45 -49.27
N ALA W 39 26.11 16.67 -49.23
CA ALA W 39 25.41 16.86 -47.96
C ALA W 39 25.44 15.60 -47.12
N ARG W 40 25.34 14.43 -47.75
CA ARG W 40 25.45 13.18 -47.01
C ARG W 40 26.85 12.99 -46.46
N ARG W 41 27.87 13.45 -47.18
CA ARG W 41 29.22 13.44 -46.60
C ARG W 41 29.33 14.41 -45.43
N GLY W 42 28.65 15.54 -45.51
CA GLY W 42 28.68 16.47 -44.41
C GLY W 42 27.81 16.11 -43.23
N GLY W 43 27.07 15.02 -43.32
CA GLY W 43 26.19 14.65 -42.23
C GLY W 43 24.85 15.33 -42.24
N VAL W 44 24.41 15.84 -43.38
CA VAL W 44 23.15 16.55 -43.47
C VAL W 44 22.02 15.54 -43.55
N LYS W 45 21.04 15.66 -42.66
CA LYS W 45 19.92 14.74 -42.60
C LYS W 45 18.85 15.07 -43.65
N ARG W 46 18.50 16.35 -43.77
CA ARG W 46 17.45 16.79 -44.68
C ARG W 46 17.92 18.01 -45.45
N ILE W 47 17.65 18.04 -46.74
CA ILE W 47 18.15 19.06 -47.64
C ILE W 47 16.97 19.81 -48.22
N SER W 48 16.94 21.12 -48.07
CA SER W 48 15.90 21.89 -48.72
C SER W 48 16.18 22.04 -50.21
N GLY W 49 15.12 22.34 -50.95
CA GLY W 49 15.27 22.55 -52.38
C GLY W 49 15.96 23.84 -52.75
N LEU W 50 15.97 24.82 -51.84
CA LEU W 50 16.62 26.09 -52.10
C LEU W 50 18.12 26.04 -51.86
N ILE W 51 18.62 24.93 -51.33
CA ILE W 51 20.03 24.84 -50.97
C ILE W 51 20.91 24.81 -52.21
N TYR W 52 20.46 24.13 -53.27
CA TYR W 52 21.34 23.69 -54.34
C TYR W 52 21.92 24.85 -55.14
N GLU W 53 21.08 25.83 -55.49
CA GLU W 53 21.56 26.97 -56.26
C GLU W 53 22.46 27.86 -55.42
N GLU W 54 22.21 27.89 -54.11
CA GLU W 54 23.09 28.63 -53.20
C GLU W 54 24.46 27.99 -53.13
N THR W 55 24.49 26.66 -53.04
CA THR W 55 25.76 25.94 -53.04
C THR W 55 26.48 26.13 -54.37
N ARG W 56 25.72 26.20 -55.45
CA ARG W 56 26.31 26.55 -56.75
C ARG W 56 26.97 27.92 -56.71
N GLY W 57 26.28 28.91 -56.12
CA GLY W 57 26.85 30.24 -56.02
C GLY W 57 28.08 30.29 -55.14
N VAL W 58 28.03 29.63 -53.98
CA VAL W 58 29.13 29.65 -53.03
C VAL W 58 30.34 28.92 -53.60
N LEU W 59 30.10 27.76 -54.22
CA LEU W 59 31.16 27.03 -54.89
C LEU W 59 31.76 27.84 -56.01
N LYS W 60 30.92 28.56 -56.77
CA LYS W 60 31.41 29.43 -57.82
C LYS W 60 32.31 30.52 -57.26
N VAL W 61 31.90 31.10 -56.12
CA VAL W 61 32.69 32.13 -55.47
C VAL W 61 34.06 31.59 -55.07
N PHE W 62 34.08 30.41 -54.45
CA PHE W 62 35.35 29.86 -53.99
C PHE W 62 36.25 29.49 -55.17
N LEU W 63 35.67 28.87 -56.19
CA LEU W 63 36.50 28.43 -57.31
C LEU W 63 37.03 29.62 -58.09
N GLU W 64 36.25 30.69 -58.21
CA GLU W 64 36.76 31.86 -58.91
C GLU W 64 37.83 32.55 -58.07
N ASN W 65 37.65 32.57 -56.74
CA ASN W 65 38.62 33.20 -55.86
C ASN W 65 39.96 32.48 -55.90
N VAL W 66 39.94 31.16 -56.09
CA VAL W 66 41.21 30.46 -56.15
C VAL W 66 41.75 30.44 -57.57
N ILE W 67 40.88 30.50 -58.58
CA ILE W 67 41.39 30.34 -59.93
C ILE W 67 41.95 31.66 -60.43
N ARG W 68 41.51 32.80 -59.88
CA ARG W 68 42.16 34.06 -60.21
C ARG W 68 43.59 34.08 -59.68
N ASP W 69 43.79 33.50 -58.50
CA ASP W 69 45.13 33.31 -57.98
C ASP W 69 45.94 32.39 -58.88
N ALA W 70 45.33 31.28 -59.30
CA ALA W 70 46.03 30.30 -60.13
C ALA W 70 46.45 30.90 -61.46
N VAL W 71 45.55 31.64 -62.11
CA VAL W 71 45.90 32.23 -63.38
C VAL W 71 46.93 33.33 -63.18
N THR W 72 46.93 33.99 -62.01
CA THR W 72 47.97 34.97 -61.72
C THR W 72 49.35 34.32 -61.65
N TYR W 73 49.45 33.17 -60.97
CA TYR W 73 50.73 32.45 -60.96
C TYR W 73 51.13 31.99 -62.36
N THR W 74 50.17 31.53 -63.16
CA THR W 74 50.54 31.02 -64.48
C THR W 74 51.00 32.13 -65.41
N GLU W 75 50.38 33.31 -65.34
CA GLU W 75 50.85 34.39 -66.20
C GLU W 75 52.17 34.93 -65.69
N HIS W 76 52.40 34.88 -64.37
CA HIS W 76 53.70 35.33 -63.87
C HIS W 76 54.80 34.34 -64.23
N ALA W 77 54.47 33.06 -64.33
CA ALA W 77 55.45 32.05 -64.70
C ALA W 77 55.76 32.06 -66.20
N LYS W 78 55.10 32.93 -66.96
CA LYS W 78 55.18 33.00 -68.42
C LYS W 78 54.77 31.70 -69.07
N ARG W 79 53.88 30.95 -68.41
CA ARG W 79 53.33 29.73 -68.97
C ARG W 79 51.90 29.97 -69.42
N LYS W 80 51.45 29.15 -70.36
CA LYS W 80 50.08 29.21 -70.86
C LYS W 80 49.21 28.12 -70.24
N THR W 81 49.82 27.07 -69.69
CA THR W 81 49.10 25.94 -69.15
C THR W 81 49.10 26.02 -67.63
N VAL W 82 47.94 25.75 -67.04
CA VAL W 82 47.79 25.77 -65.59
C VAL W 82 48.41 24.51 -65.01
N THR W 83 49.28 24.67 -64.02
CA THR W 83 49.89 23.54 -63.34
C THR W 83 49.29 23.38 -61.96
N ALA W 84 49.41 22.16 -61.43
CA ALA W 84 48.77 21.82 -60.16
C ALA W 84 49.44 22.53 -59.00
N MET W 85 50.75 22.75 -59.11
CA MET W 85 51.52 23.29 -57.99
C MET W 85 51.10 24.73 -57.72
N ASP W 86 50.76 25.46 -58.79
CA ASP W 86 50.22 26.80 -58.66
C ASP W 86 48.87 26.78 -57.97
N VAL W 87 48.05 25.76 -58.26
CA VAL W 87 46.76 25.65 -57.59
C VAL W 87 46.97 25.37 -56.10
N VAL W 88 48.00 24.58 -55.77
CA VAL W 88 48.32 24.33 -54.38
C VAL W 88 48.72 25.62 -53.68
N TYR W 89 49.53 26.45 -54.36
CA TYR W 89 49.87 27.77 -53.83
C TYR W 89 48.63 28.62 -53.64
N ALA W 90 47.71 28.56 -54.61
CA ALA W 90 46.50 29.36 -54.56
C ALA W 90 45.60 28.95 -53.42
N LEU W 91 45.58 27.66 -53.07
CA LEU W 91 44.80 27.27 -51.90
C LEU W 91 45.52 27.63 -50.60
N LYS W 92 46.84 27.50 -50.55
CA LYS W 92 47.52 27.72 -49.28
C LYS W 92 47.62 29.20 -48.97
N ARG W 93 47.46 30.06 -49.97
CA ARG W 93 47.45 31.49 -49.69
C ARG W 93 46.21 31.87 -48.87
N GLN W 94 45.07 31.29 -49.18
CA GLN W 94 43.90 31.39 -48.32
C GLN W 94 43.92 30.43 -47.15
N GLY W 95 45.05 29.81 -46.85
CA GLY W 95 45.13 28.96 -45.69
C GLY W 95 44.29 27.71 -45.77
N ARG W 96 44.10 27.16 -46.95
CA ARG W 96 43.31 25.96 -47.16
C ARG W 96 44.17 24.89 -47.80
N THR W 97 45.35 24.70 -47.20
CA THR W 97 46.43 23.94 -47.80
C THR W 97 46.03 22.49 -48.06
N LEU W 98 46.27 22.04 -49.29
CA LEU W 98 45.93 20.69 -49.72
C LEU W 98 47.22 19.90 -49.83
N TYR W 99 47.25 18.72 -49.24
CA TYR W 99 48.44 17.90 -49.23
C TYR W 99 48.38 16.83 -50.32
N GLY W 100 49.55 16.49 -50.84
CA GLY W 100 49.73 15.29 -51.64
C GLY W 100 50.05 15.54 -53.09
N PHE W 101 49.94 16.76 -53.61
CA PHE W 101 50.19 17.04 -55.01
C PHE W 101 51.34 18.01 -55.22
N GLY W 102 52.05 18.37 -54.15
CA GLY W 102 53.26 19.14 -54.31
C GLY W 102 54.41 18.28 -54.83
N GLY W 103 55.23 18.89 -55.67
CA GLY W 103 56.38 18.19 -56.22
C GLY W 103 56.03 17.15 -57.27
N ALA X 28 83.44 67.86 -60.07
CA ALA X 28 84.09 66.61 -59.67
C ALA X 28 83.05 65.50 -59.49
N ARG X 29 81.92 65.87 -58.90
CA ARG X 29 80.85 64.93 -58.63
C ARG X 29 79.52 65.62 -58.88
N ALA X 30 78.57 64.88 -59.45
CA ALA X 30 77.24 65.42 -59.68
C ALA X 30 76.53 65.66 -58.36
N LYS X 31 75.59 66.60 -58.38
CA LYS X 31 74.78 66.87 -57.21
C LYS X 31 73.90 65.67 -56.89
N ALA X 32 73.89 65.28 -55.62
CA ALA X 32 73.10 64.13 -55.21
C ALA X 32 71.61 64.44 -55.32
N LYS X 33 70.88 63.56 -56.01
CA LYS X 33 69.47 63.75 -56.28
C LYS X 33 68.73 62.53 -55.77
N THR X 34 67.70 62.75 -54.97
CA THR X 34 67.02 61.65 -54.31
C THR X 34 66.19 60.84 -55.29
N ARG X 35 66.14 59.52 -55.06
CA ARG X 35 65.43 58.64 -55.97
C ARG X 35 63.93 58.74 -55.82
N SER X 36 63.46 59.17 -54.64
CA SER X 36 62.03 59.43 -54.48
C SER X 36 61.59 60.59 -55.34
N SER X 37 62.45 61.60 -55.49
CA SER X 37 62.17 62.69 -56.42
C SER X 37 62.21 62.22 -57.87
N ARG X 38 63.08 61.25 -58.17
CA ARG X 38 63.09 60.65 -59.50
C ARG X 38 61.79 59.92 -59.78
N ALA X 39 61.27 59.21 -58.77
CA ALA X 39 59.97 58.57 -58.91
C ALA X 39 58.81 59.51 -58.61
N GLY X 40 59.10 60.74 -58.17
CA GLY X 40 58.04 61.67 -57.82
C GLY X 40 57.20 61.22 -56.65
N LEU X 41 57.80 60.52 -55.69
CA LEU X 41 57.06 59.89 -54.61
C LEU X 41 57.52 60.43 -53.26
N GLN X 42 56.63 60.37 -52.28
CA GLN X 42 56.97 60.83 -50.95
C GLN X 42 57.66 59.74 -50.13
N PHE X 43 57.37 58.48 -50.40
CA PHE X 43 57.98 57.40 -49.64
C PHE X 43 59.43 57.18 -50.09
N PRO X 44 60.31 56.89 -49.14
CA PRO X 44 61.75 56.80 -49.47
C PRO X 44 62.07 55.56 -50.27
N VAL X 45 62.56 55.77 -51.50
CA VAL X 45 63.03 54.66 -52.33
C VAL X 45 64.22 53.98 -51.68
N GLY X 46 65.17 54.77 -51.18
CA GLY X 46 66.39 54.21 -50.63
C GLY X 46 66.15 53.41 -49.36
N ARG X 47 65.29 53.90 -48.49
CA ARG X 47 65.01 53.21 -47.23
C ARG X 47 64.28 51.89 -47.47
N VAL X 48 63.25 51.90 -48.32
CA VAL X 48 62.51 50.68 -48.61
C VAL X 48 63.40 49.69 -49.36
N HIS X 49 64.28 50.20 -50.22
CA HIS X 49 65.25 49.36 -50.90
C HIS X 49 66.19 48.69 -49.91
N ARG X 50 66.67 49.46 -48.93
CA ARG X 50 67.51 48.90 -47.87
C ARG X 50 66.75 47.88 -47.04
N LEU X 51 65.47 48.15 -46.78
CA LEU X 51 64.66 47.23 -45.98
C LEU X 51 64.46 45.91 -46.71
N LEU X 52 64.25 45.96 -48.02
CA LEU X 52 64.22 44.72 -48.80
C LEU X 52 65.56 44.02 -48.79
N ARG X 53 66.65 44.76 -48.85
CA ARG X 53 67.97 44.13 -48.87
C ARG X 53 68.28 43.43 -47.55
N LYS X 54 67.92 44.04 -46.43
CA LYS X 54 68.04 43.36 -45.14
C LYS X 54 66.75 42.68 -44.69
N GLY X 55 65.73 42.62 -45.53
CA GLY X 55 64.55 41.86 -45.17
C GLY X 55 64.57 40.41 -45.53
N ASN X 56 65.68 39.93 -46.12
CA ASN X 56 65.94 38.51 -46.37
C ASN X 56 64.87 37.88 -47.25
N TYR X 57 64.45 38.59 -48.29
CA TYR X 57 63.43 38.09 -49.21
C TYR X 57 64.03 37.52 -50.50
N SER X 58 65.12 38.10 -50.96
CA SER X 58 65.83 37.57 -52.12
C SER X 58 67.29 37.92 -51.95
N GLU X 59 68.15 37.17 -52.64
CA GLU X 59 69.58 37.48 -52.58
C GLU X 59 69.90 38.75 -53.34
N ARG X 60 69.10 39.09 -54.34
CA ARG X 60 69.33 40.28 -55.15
C ARG X 60 67.99 40.91 -55.50
N VAL X 61 67.96 42.24 -55.52
CA VAL X 61 66.73 42.99 -55.73
C VAL X 61 66.88 43.86 -56.96
N GLY X 62 65.88 43.84 -57.83
CA GLY X 62 65.88 44.73 -58.98
C GLY X 62 65.69 46.17 -58.56
N ALA X 63 66.11 47.08 -59.44
CA ALA X 63 66.09 48.49 -59.10
C ALA X 63 64.67 49.04 -59.04
N GLY X 64 63.82 48.64 -59.97
CA GLY X 64 62.48 49.21 -60.03
C GLY X 64 61.50 48.65 -59.03
N ALA X 65 61.80 47.50 -58.43
CA ALA X 65 60.88 46.89 -57.48
C ALA X 65 60.61 47.73 -56.23
N PRO X 66 61.61 48.28 -55.53
CA PRO X 66 61.27 49.17 -54.41
C PRO X 66 60.54 50.42 -54.84
N VAL X 67 60.82 50.93 -56.05
CA VAL X 67 60.10 52.08 -56.57
C VAL X 67 58.63 51.75 -56.73
N TYR X 68 58.36 50.59 -57.34
CA TYR X 68 56.99 50.13 -57.53
C TYR X 68 56.29 49.91 -56.20
N LEU X 69 57.00 49.30 -55.24
CA LEU X 69 56.41 49.03 -53.94
C LEU X 69 56.11 50.33 -53.19
N ALA X 70 57.01 51.30 -53.27
CA ALA X 70 56.80 52.59 -52.63
C ALA X 70 55.61 53.31 -53.24
N ALA X 71 55.45 53.20 -54.57
CA ALA X 71 54.28 53.80 -55.21
C ALA X 71 52.99 53.12 -54.76
N VAL X 72 53.02 51.80 -54.62
CA VAL X 72 51.83 51.06 -54.17
C VAL X 72 51.45 51.48 -52.76
N LEU X 73 52.44 51.54 -51.87
CA LEU X 73 52.19 51.97 -50.50
C LEU X 73 51.73 53.42 -50.46
N GLU X 74 52.28 54.26 -51.33
CA GLU X 74 51.92 55.67 -51.32
C GLU X 74 50.48 55.85 -51.75
N TYR X 75 50.03 55.07 -52.74
CA TYR X 75 48.62 55.10 -53.12
C TYR X 75 47.74 54.60 -51.97
N LEU X 76 48.18 53.54 -51.29
CA LEU X 76 47.38 52.99 -50.19
C LEU X 76 47.21 53.99 -49.05
N THR X 77 48.32 54.58 -48.61
CA THR X 77 48.25 55.58 -47.56
C THR X 77 47.50 56.82 -48.01
N ALA X 78 47.62 57.19 -49.29
CA ALA X 78 46.90 58.35 -49.79
C ALA X 78 45.39 58.15 -49.72
N GLU X 79 44.91 56.99 -50.16
CA GLU X 79 43.47 56.77 -50.15
C GLU X 79 42.94 56.60 -48.74
N ILE X 80 43.69 55.91 -47.86
CA ILE X 80 43.17 55.71 -46.51
C ILE X 80 43.22 57.02 -45.72
N LEU X 81 44.19 57.87 -46.02
CA LEU X 81 44.24 59.17 -45.35
C LEU X 81 43.18 60.11 -45.88
N GLU X 82 42.83 59.98 -47.17
CA GLU X 82 41.70 60.73 -47.71
C GLU X 82 40.41 60.33 -47.02
N LEU X 83 40.21 59.02 -46.84
CA LEU X 83 39.03 58.53 -46.13
C LEU X 83 39.01 59.00 -44.68
N ALA X 84 40.18 58.97 -44.02
CA ALA X 84 40.26 59.42 -42.64
C ALA X 84 39.98 60.90 -42.51
N GLY X 85 40.48 61.70 -43.44
CA GLY X 85 40.22 63.14 -43.40
C GLY X 85 38.76 63.45 -43.65
N ASN X 86 38.12 62.73 -44.57
CA ASN X 86 36.69 62.92 -44.81
C ASN X 86 35.88 62.52 -43.58
N ALA X 87 36.26 61.43 -42.93
CA ALA X 87 35.57 60.99 -41.72
C ALA X 87 35.75 61.98 -40.58
N ALA X 88 36.95 62.55 -40.45
CA ALA X 88 37.18 63.55 -39.41
C ALA X 88 36.42 64.84 -39.70
N ARG X 89 36.33 65.21 -40.98
CA ARG X 89 35.53 66.37 -41.36
C ARG X 89 34.06 66.13 -41.08
N ASP X 90 33.62 64.88 -41.20
CA ASP X 90 32.26 64.53 -40.75
C ASP X 90 32.13 64.74 -39.25
N ASN X 91 33.19 64.46 -38.49
CA ASN X 91 33.15 64.64 -37.04
C ASN X 91 33.57 66.03 -36.59
N LYS X 92 33.82 66.93 -37.54
CA LYS X 92 34.22 68.32 -37.28
C LYS X 92 35.51 68.41 -36.49
N LYS X 93 36.44 67.49 -36.75
CA LYS X 93 37.73 67.48 -36.09
C LYS X 93 38.82 67.63 -37.15
N THR X 94 39.80 68.49 -36.89
CA THR X 94 40.84 68.71 -37.88
C THR X 94 42.01 67.74 -37.75
N ARG X 95 42.04 66.93 -36.71
CA ARG X 95 43.10 65.95 -36.54
C ARG X 95 42.50 64.56 -36.48
N ILE X 96 43.13 63.62 -37.18
CA ILE X 96 42.54 62.30 -37.34
C ILE X 96 42.64 61.53 -36.03
N ILE X 97 41.68 60.64 -35.81
CA ILE X 97 41.53 59.91 -34.56
C ILE X 97 41.54 58.43 -34.92
N PRO X 98 42.01 57.54 -34.04
CA PRO X 98 41.86 56.10 -34.31
C PRO X 98 40.41 55.66 -34.49
N ARG X 99 39.46 56.35 -33.86
CA ARG X 99 38.05 56.09 -34.13
C ARG X 99 37.72 56.34 -35.59
N HIS X 100 38.23 57.44 -36.13
CA HIS X 100 38.05 57.74 -37.55
C HIS X 100 38.70 56.69 -38.43
N LEU X 101 39.84 56.15 -37.98
CA LEU X 101 40.50 55.11 -38.75
C LEU X 101 39.68 53.83 -38.78
N GLN X 102 39.08 53.44 -37.64
CA GLN X 102 38.20 52.28 -37.62
C GLN X 102 36.98 52.49 -38.50
N LEU X 103 36.42 53.70 -38.46
CA LEU X 103 35.30 54.05 -39.33
C LEU X 103 35.72 53.97 -40.80
N ALA X 104 36.96 54.36 -41.10
CA ALA X 104 37.45 54.31 -42.47
C ALA X 104 37.63 52.87 -42.95
N ILE X 105 38.18 52.01 -42.10
CA ILE X 105 38.44 50.63 -42.51
C ILE X 105 37.14 49.86 -42.68
N ARG X 106 36.23 49.98 -41.71
CA ARG X 106 35.08 49.08 -41.72
C ARG X 106 33.96 49.57 -42.64
N ASN X 107 33.91 50.86 -42.96
CA ASN X 107 32.91 51.36 -43.89
C ASN X 107 33.34 51.23 -45.35
N ASP X 108 34.55 50.76 -45.61
CA ASP X 108 34.97 50.42 -46.96
C ASP X 108 35.03 48.90 -47.07
N GLU X 109 34.25 48.34 -48.00
CA GLU X 109 34.18 46.89 -48.13
C GLU X 109 35.51 46.34 -48.63
N GLU X 110 36.16 47.05 -49.53
CA GLU X 110 37.35 46.51 -50.18
C GLU X 110 38.56 46.53 -49.25
N LEU X 111 38.71 47.61 -48.48
CA LEU X 111 39.73 47.63 -47.43
C LEU X 111 39.40 46.67 -46.30
N ASN X 112 38.11 46.46 -46.01
CA ASN X 112 37.75 45.49 -45.00
C ASN X 112 38.11 44.08 -45.46
N LYS X 113 37.94 43.79 -46.75
CA LYS X 113 38.39 42.51 -47.29
C LYS X 113 39.91 42.43 -47.25
N LEU X 114 40.60 43.56 -47.43
CA LEU X 114 42.04 43.58 -47.20
C LEU X 114 42.37 43.34 -45.73
N LEU X 115 41.61 43.94 -44.82
CA LEU X 115 41.96 44.02 -43.41
C LEU X 115 40.89 43.46 -42.49
N GLY X 116 40.36 42.27 -42.79
CA GLY X 116 39.35 41.68 -41.92
C GLY X 116 39.94 41.17 -40.61
N ARG X 117 41.23 40.87 -40.60
CA ARG X 117 41.86 40.20 -39.47
C ARG X 117 42.65 41.16 -38.58
N VAL X 118 42.50 42.46 -38.76
CA VAL X 118 43.34 43.43 -38.08
C VAL X 118 42.57 44.01 -36.90
N THR X 119 43.29 44.48 -35.89
CA THR X 119 42.72 45.15 -34.74
C THR X 119 43.35 46.52 -34.58
N ILE X 120 42.52 47.54 -34.42
CA ILE X 120 42.96 48.92 -34.26
C ILE X 120 42.79 49.31 -32.80
N ALA X 121 43.84 49.86 -32.21
CA ALA X 121 43.78 50.31 -30.82
C ALA X 121 42.82 51.49 -30.68
N GLN X 122 41.92 51.39 -29.70
CA GLN X 122 40.94 52.43 -29.36
C GLN X 122 40.04 52.78 -30.54
N GLY X 123 39.78 51.81 -31.40
CA GLY X 123 39.01 52.08 -32.61
C GLY X 123 37.53 51.87 -32.44
N GLY X 124 37.14 50.95 -31.55
CA GLY X 124 35.73 50.62 -31.46
C GLY X 124 35.28 49.82 -32.67
N VAL X 125 33.97 49.89 -32.92
CA VAL X 125 33.35 49.22 -34.06
C VAL X 125 32.35 50.17 -34.70
N LEU X 126 31.76 49.70 -35.81
CA LEU X 126 30.74 50.48 -36.49
C LEU X 126 29.47 50.55 -35.65
N PRO X 127 28.70 51.63 -35.77
CA PRO X 127 27.33 51.62 -35.25
C PRO X 127 26.50 50.62 -36.05
N ASN X 128 26.12 49.53 -35.40
CA ASN X 128 25.52 48.40 -36.10
C ASN X 128 24.57 47.72 -35.13
N ILE X 129 23.27 47.85 -35.39
CA ILE X 129 22.23 47.24 -34.58
C ILE X 129 21.42 46.34 -35.50
N GLN X 130 21.17 45.11 -35.06
CA GLN X 130 20.35 44.22 -35.86
C GLN X 130 18.91 44.68 -35.85
N ALA X 131 18.21 44.46 -36.98
CA ALA X 131 16.90 45.06 -37.17
C ALA X 131 15.87 44.50 -36.21
N VAL X 132 15.98 43.22 -35.86
CA VAL X 132 15.06 42.61 -34.91
C VAL X 132 15.27 43.17 -33.50
N LEU X 133 16.47 43.68 -33.20
CA LEU X 133 16.73 44.26 -31.89
C LEU X 133 15.99 45.57 -31.66
N LEU X 134 15.59 46.25 -32.74
CA LEU X 134 14.83 47.47 -32.63
C LEU X 134 13.40 47.19 -32.17
N PRO X 135 12.76 48.14 -31.50
CA PRO X 135 11.37 47.96 -31.10
C PRO X 135 10.43 47.96 -32.30
N LYS X 136 9.22 47.47 -32.06
CA LYS X 136 8.15 47.32 -33.06
C LYS X 136 8.61 46.48 -34.24
N LYS Y 31 71.48 60.71 -24.34
CA LYS Y 31 71.83 60.08 -25.61
C LYS Y 31 71.12 58.75 -25.78
N ARG Y 32 70.29 58.65 -26.82
CA ARG Y 32 69.67 57.40 -27.20
C ARG Y 32 69.94 57.14 -28.67
N SER Y 33 69.67 55.91 -29.10
CA SER Y 33 69.88 55.48 -30.48
C SER Y 33 68.69 55.90 -31.32
N ARG Y 34 68.96 56.39 -32.53
CA ARG Y 34 67.89 56.88 -33.40
C ARG Y 34 66.97 55.74 -33.83
N LYS Y 35 65.67 56.01 -33.83
CA LYS Y 35 64.66 55.00 -34.13
C LYS Y 35 63.94 55.40 -35.41
N GLU Y 36 63.84 54.45 -36.33
CA GLU Y 36 63.29 54.70 -37.65
C GLU Y 36 61.79 54.90 -37.61
N SER Y 37 61.28 55.77 -38.48
CA SER Y 37 59.86 56.07 -38.55
C SER Y 37 59.46 56.51 -39.95
N TYR Y 38 58.16 56.48 -40.20
CA TYR Y 38 57.54 57.03 -41.40
C TYR Y 38 56.72 58.28 -41.14
N SER Y 39 57.06 59.06 -40.12
CA SER Y 39 56.23 60.21 -39.76
C SER Y 39 56.25 61.29 -40.83
N VAL Y 40 57.43 61.60 -41.36
CA VAL Y 40 57.56 62.73 -42.27
C VAL Y 40 56.94 62.43 -43.63
N TYR Y 41 57.01 61.17 -44.08
CA TYR Y 41 56.48 60.83 -45.39
C TYR Y 41 54.96 60.82 -45.37
N VAL Y 42 54.39 60.21 -44.33
CA VAL Y 42 52.94 60.19 -44.15
C VAL Y 42 52.42 61.60 -43.95
N TYR Y 43 53.20 62.44 -43.27
CA TYR Y 43 52.81 63.82 -43.06
C TYR Y 43 52.78 64.58 -44.38
N LYS Y 44 53.78 64.37 -45.24
CA LYS Y 44 53.77 64.98 -46.57
C LYS Y 44 52.61 64.51 -47.41
N VAL Y 45 52.30 63.20 -47.35
CA VAL Y 45 51.18 62.65 -48.10
C VAL Y 45 49.86 63.23 -47.62
N LEU Y 46 49.71 63.39 -46.29
CA LEU Y 46 48.50 63.98 -45.74
C LEU Y 46 48.34 65.42 -46.20
N LYS Y 47 49.43 66.21 -46.15
CA LYS Y 47 49.34 67.57 -46.65
C LYS Y 47 49.07 67.63 -48.15
N GLN Y 48 49.51 66.61 -48.89
CA GLN Y 48 49.18 66.54 -50.31
C GLN Y 48 47.69 66.27 -50.53
N VAL Y 49 47.10 65.37 -49.73
CA VAL Y 49 45.69 65.04 -49.96
C VAL Y 49 44.78 65.99 -49.20
N HIS Y 50 45.26 66.55 -48.10
CA HIS Y 50 44.45 67.41 -47.24
C HIS Y 50 45.36 68.44 -46.60
N PRO Y 51 45.44 69.64 -47.16
CA PRO Y 51 46.31 70.68 -46.58
C PRO Y 51 45.90 71.11 -45.18
N ASP Y 52 44.64 70.90 -44.80
CA ASP Y 52 44.08 71.47 -43.58
C ASP Y 52 43.99 70.48 -42.41
N THR Y 53 44.43 69.23 -42.56
CA THR Y 53 44.14 68.22 -41.56
C THR Y 53 45.37 67.84 -40.74
N GLY Y 54 45.13 67.48 -39.48
CA GLY Y 54 46.17 67.03 -38.59
C GLY Y 54 46.08 65.55 -38.27
N ILE Y 55 46.98 65.13 -37.37
CA ILE Y 55 47.04 63.74 -36.92
C ILE Y 55 47.12 63.70 -35.41
N SER Y 56 46.71 62.57 -34.83
CA SER Y 56 47.09 62.21 -33.48
C SER Y 56 48.26 61.23 -33.53
N SER Y 57 49.02 61.17 -32.43
CA SER Y 57 50.18 60.28 -32.40
C SER Y 57 49.79 58.81 -32.38
N LYS Y 58 48.64 58.49 -31.76
CA LYS Y 58 48.12 57.13 -31.80
C LYS Y 58 47.77 56.72 -33.22
N ALA Y 59 47.14 57.63 -33.97
CA ALA Y 59 46.84 57.38 -35.37
C ALA Y 59 48.12 57.16 -36.17
N MET Y 60 49.18 57.90 -35.84
CA MET Y 60 50.45 57.69 -36.54
C MET Y 60 51.07 56.35 -36.17
N GLY Y 61 50.90 55.90 -34.92
CA GLY Y 61 51.35 54.57 -34.58
C GLY Y 61 50.61 53.49 -35.36
N ILE Y 62 49.31 53.67 -35.55
CA ILE Y 62 48.54 52.76 -36.39
C ILE Y 62 49.05 52.81 -37.83
N MET Y 63 49.39 53.99 -38.33
CA MET Y 63 49.94 54.10 -39.69
C MET Y 63 51.28 53.42 -39.82
N ASN Y 64 52.16 53.55 -38.82
CA ASN Y 64 53.44 52.87 -38.90
C ASN Y 64 53.27 51.36 -38.89
N SER Y 65 52.38 50.87 -38.02
CA SER Y 65 52.06 49.45 -38.00
C SER Y 65 51.44 49.00 -39.31
N PHE Y 66 50.58 49.84 -39.89
CA PHE Y 66 49.94 49.55 -41.17
C PHE Y 66 50.95 49.41 -42.28
N VAL Y 67 51.83 50.41 -42.43
CA VAL Y 67 52.73 50.42 -43.58
C VAL Y 67 53.76 49.32 -43.42
N ASN Y 68 54.24 49.11 -42.19
CA ASN Y 68 55.16 48.01 -41.95
C ASN Y 68 54.50 46.65 -42.20
N ASP Y 69 53.22 46.53 -41.84
CA ASP Y 69 52.49 45.28 -42.06
C ASP Y 69 52.29 44.99 -43.52
N ILE Y 70 51.83 45.98 -44.29
CA ILE Y 70 51.61 45.78 -45.72
C ILE Y 70 52.91 45.54 -46.44
N PHE Y 71 53.97 46.24 -46.03
CA PHE Y 71 55.30 46.01 -46.60
C PHE Y 71 55.77 44.59 -46.33
N GLU Y 72 55.55 44.09 -45.11
CA GLU Y 72 55.91 42.72 -44.78
C GLU Y 72 55.13 41.72 -45.61
N ARG Y 73 53.82 41.94 -45.75
CA ARG Y 73 52.96 41.03 -46.52
C ARG Y 73 53.41 40.95 -47.97
N ILE Y 74 53.55 42.11 -48.62
CA ILE Y 74 53.88 42.13 -50.03
C ILE Y 74 55.28 41.58 -50.26
N ALA Y 75 56.23 41.96 -49.41
CA ALA Y 75 57.61 41.52 -49.57
C ALA Y 75 57.75 40.01 -49.38
N GLY Y 76 57.09 39.45 -48.36
CA GLY Y 76 57.14 38.01 -48.16
C GLY Y 76 56.46 37.25 -49.27
N GLU Y 77 55.33 37.77 -49.76
CA GLU Y 77 54.64 37.12 -50.86
C GLU Y 77 55.52 37.12 -52.11
N ALA Y 78 56.16 38.25 -52.40
CA ALA Y 78 57.09 38.32 -53.52
C ALA Y 78 58.26 37.37 -53.32
N SER Y 79 58.71 37.21 -52.07
CA SER Y 79 59.80 36.29 -51.77
C SER Y 79 59.42 34.86 -52.14
N ARG Y 80 58.21 34.44 -51.79
CA ARG Y 80 57.83 33.08 -52.15
C ARG Y 80 57.53 32.95 -53.65
N LEU Y 81 57.09 34.02 -54.32
CA LEU Y 81 57.04 33.98 -55.79
C LEU Y 81 58.43 33.82 -56.40
N ALA Y 82 59.43 34.50 -55.84
CA ALA Y 82 60.79 34.34 -56.33
C ALA Y 82 61.28 32.92 -56.08
N HIS Y 83 60.84 32.33 -54.96
CA HIS Y 83 61.11 30.93 -54.68
C HIS Y 83 60.47 30.01 -55.71
N TYR Y 84 59.26 30.33 -56.13
CA TYR Y 84 58.44 29.36 -56.85
C TYR Y 84 58.86 29.24 -58.31
N ASN Y 85 59.27 30.34 -58.91
CA ASN Y 85 59.83 30.32 -60.25
C ASN Y 85 61.34 30.12 -60.22
N LYS Y 86 61.91 29.90 -59.04
CA LYS Y 86 63.34 29.67 -58.84
C LYS Y 86 64.17 30.86 -59.29
N ARG Y 87 63.58 32.05 -59.26
CA ARG Y 87 64.28 33.28 -59.56
C ARG Y 87 64.94 33.83 -58.30
N SER Y 88 66.24 34.00 -58.36
CA SER Y 88 66.97 34.60 -57.24
C SER Y 88 66.97 36.12 -57.31
N THR Y 89 66.34 36.69 -58.33
CA THR Y 89 66.22 38.13 -58.49
C THR Y 89 64.75 38.51 -58.35
N ILE Y 90 64.47 39.48 -57.50
CA ILE Y 90 63.12 39.99 -57.36
C ILE Y 90 62.99 41.24 -58.23
N THR Y 91 61.88 41.36 -58.95
CA THR Y 91 61.62 42.51 -59.81
C THR Y 91 60.26 43.12 -59.50
N SER Y 92 60.00 44.26 -60.14
CA SER Y 92 58.71 44.91 -60.00
C SER Y 92 57.59 44.12 -60.66
N ARG Y 93 57.92 43.24 -61.61
CA ARG Y 93 56.94 42.29 -62.12
C ARG Y 93 56.44 41.37 -61.02
N GLU Y 94 57.36 40.89 -60.18
CA GLU Y 94 56.99 40.06 -59.05
C GLU Y 94 56.15 40.84 -58.05
N ILE Y 95 56.52 42.10 -57.80
CA ILE Y 95 55.78 42.91 -56.85
C ILE Y 95 54.38 43.16 -57.37
N GLN Y 96 54.26 43.40 -58.69
CA GLN Y 96 52.96 43.59 -59.32
C GLN Y 96 52.11 42.33 -59.22
N THR Y 97 52.74 41.17 -59.41
CA THR Y 97 52.04 39.90 -59.24
C THR Y 97 51.51 39.76 -57.82
N ALA Y 98 52.32 40.12 -56.84
CA ALA Y 98 51.91 40.03 -55.44
C ALA Y 98 50.77 41.00 -55.15
N VAL Y 99 50.82 42.21 -55.71
CA VAL Y 99 49.76 43.19 -55.48
C VAL Y 99 48.45 42.72 -56.10
N ARG Y 100 48.50 42.22 -57.33
CA ARG Y 100 47.30 41.69 -57.96
C ARG Y 100 46.77 40.47 -57.22
N LEU Y 101 47.66 39.70 -56.61
CA LEU Y 101 47.24 38.51 -55.91
C LEU Y 101 46.59 38.86 -54.57
N LEU Y 102 47.16 39.83 -53.85
CA LEU Y 102 46.73 40.07 -52.48
C LEU Y 102 45.67 41.15 -52.38
N LEU Y 103 45.87 42.26 -53.07
CA LEU Y 103 44.93 43.37 -52.94
C LEU Y 103 43.64 43.06 -53.69
N PRO Y 104 42.50 43.06 -53.00
CA PRO Y 104 41.23 42.76 -53.67
C PRO Y 104 40.78 43.94 -54.52
N GLY Y 105 40.00 43.65 -55.55
CA GLY Y 105 39.30 44.63 -56.36
C GLY Y 105 40.15 45.62 -57.14
N GLU Y 106 39.63 46.84 -57.30
CA GLU Y 106 40.29 47.80 -58.18
C GLU Y 106 41.44 48.50 -57.47
N LEU Y 107 41.59 48.25 -56.17
CA LEU Y 107 42.78 48.70 -55.46
C LEU Y 107 44.03 48.15 -56.12
N ALA Y 108 43.96 46.90 -56.58
CA ALA Y 108 45.09 46.27 -57.26
C ALA Y 108 45.43 47.01 -58.55
N LYS Y 109 44.44 47.25 -59.41
CA LYS Y 109 44.72 47.85 -60.71
C LYS Y 109 45.10 49.32 -60.57
N HIS Y 110 44.52 50.02 -59.59
CA HIS Y 110 44.98 51.37 -59.31
C HIS Y 110 46.43 51.38 -58.84
N ALA Y 111 46.80 50.42 -57.99
CA ALA Y 111 48.18 50.31 -57.54
C ALA Y 111 49.10 49.99 -58.71
N VAL Y 112 48.65 49.12 -59.62
CA VAL Y 112 49.43 48.79 -60.80
C VAL Y 112 49.63 50.01 -61.69
N SER Y 113 48.57 50.81 -61.85
CA SER Y 113 48.66 52.02 -62.66
C SER Y 113 49.65 53.02 -62.05
N GLU Y 114 49.53 53.27 -60.74
CA GLU Y 114 50.42 54.21 -60.07
C GLU Y 114 51.86 53.73 -60.08
N GLY Y 115 52.08 52.45 -59.80
CA GLY Y 115 53.43 51.91 -59.81
C GLY Y 115 54.02 51.87 -61.20
N THR Y 116 53.19 51.61 -62.21
CA THR Y 116 53.66 51.61 -63.58
C THR Y 116 54.10 53.01 -64.00
N LYS Y 117 53.31 54.03 -63.63
CA LYS Y 117 53.70 55.40 -63.91
C LYS Y 117 55.00 55.75 -63.19
N ALA Y 118 55.13 55.33 -61.94
CA ALA Y 118 56.33 55.61 -61.17
C ALA Y 118 57.56 54.94 -61.77
N VAL Y 119 57.41 53.68 -62.20
CA VAL Y 119 58.51 52.95 -62.81
C VAL Y 119 58.93 53.61 -64.12
N THR Y 120 57.95 54.02 -64.94
CA THR Y 120 58.27 54.67 -66.20
C THR Y 120 58.98 56.00 -66.00
N LYS Y 121 58.49 56.85 -65.09
CA LYS Y 121 59.11 58.16 -64.95
C LYS Y 121 60.39 58.08 -64.12
N TYR Y 122 60.59 56.97 -63.40
CA TYR Y 122 61.91 56.71 -62.83
C TYR Y 122 62.88 56.26 -63.90
N THR Y 123 62.39 55.45 -64.85
CA THR Y 123 63.24 54.98 -65.94
C THR Y 123 63.67 56.12 -66.83
N SER Y 124 62.76 57.07 -67.09
CA SER Y 124 63.11 58.26 -67.84
C SER Y 124 64.00 59.21 -67.06
N ALA Y 125 64.04 59.11 -65.74
CA ALA Y 125 64.89 59.95 -64.92
C ALA Y 125 66.03 59.14 -64.32
#